data_1OZ9
# 
_entry.id   1OZ9 
# 
_audit_conform.dict_name       mmcif_pdbx.dic 
_audit_conform.dict_version    5.386 
_audit_conform.dict_location   http://mmcif.pdb.org/dictionaries/ascii/mmcif_pdbx.dic 
# 
loop_
_database_2.database_id 
_database_2.database_code 
_database_2.pdbx_database_accession 
_database_2.pdbx_DOI 
PDB   1OZ9         pdb_00001oz9 10.2210/pdb1oz9/pdb 
RCSB  RCSB018829   ?            ?                   
WWPDB D_1000018829 ?            ?                   
# 
loop_
_pdbx_audit_revision_history.ordinal 
_pdbx_audit_revision_history.data_content_type 
_pdbx_audit_revision_history.major_revision 
_pdbx_audit_revision_history.minor_revision 
_pdbx_audit_revision_history.revision_date 
1 'Structure model' 1 0 2003-09-23 
2 'Structure model' 1 1 2008-04-29 
3 'Structure model' 1 2 2011-07-13 
4 'Structure model' 1 3 2024-02-14 
# 
_pdbx_audit_revision_details.ordinal             1 
_pdbx_audit_revision_details.revision_ordinal    1 
_pdbx_audit_revision_details.data_content_type   'Structure model' 
_pdbx_audit_revision_details.provider            repository 
_pdbx_audit_revision_details.type                'Initial release' 
_pdbx_audit_revision_details.description         ? 
_pdbx_audit_revision_details.details             ? 
# 
loop_
_pdbx_audit_revision_group.ordinal 
_pdbx_audit_revision_group.revision_ordinal 
_pdbx_audit_revision_group.data_content_type 
_pdbx_audit_revision_group.group 
1 2 'Structure model' 'Version format compliance' 
2 3 'Structure model' Advisory                    
3 3 'Structure model' 'Version format compliance' 
4 4 'Structure model' 'Data collection'           
5 4 'Structure model' 'Database references'       
# 
loop_
_pdbx_audit_revision_category.ordinal 
_pdbx_audit_revision_category.revision_ordinal 
_pdbx_audit_revision_category.data_content_type 
_pdbx_audit_revision_category.category 
1 4 'Structure model' chem_comp_atom 
2 4 'Structure model' chem_comp_bond 
3 4 'Structure model' database_2     
# 
loop_
_pdbx_audit_revision_item.ordinal 
_pdbx_audit_revision_item.revision_ordinal 
_pdbx_audit_revision_item.data_content_type 
_pdbx_audit_revision_item.item 
1 4 'Structure model' '_database_2.pdbx_DOI'                
2 4 'Structure model' '_database_2.pdbx_database_accession' 
# 
_pdbx_database_status.status_code                     REL 
_pdbx_database_status.entry_id                        1OZ9 
_pdbx_database_status.recvd_initial_deposition_date   2003-04-08 
_pdbx_database_status.deposit_site                    RCSB 
_pdbx_database_status.process_site                    RCSB 
_pdbx_database_status.SG_entry                        Y 
_pdbx_database_status.status_code_sf                  REL 
_pdbx_database_status.pdb_format_compatible           Y 
_pdbx_database_status.status_code_mr                  ? 
_pdbx_database_status.status_code_cs                  ? 
_pdbx_database_status.status_code_nmr_data            ? 
_pdbx_database_status.methods_development_category    ? 
# 
_pdbx_database_related.db_name        TargetDB 
_pdbx_database_related.db_id          BSGCAIR30418 
_pdbx_database_related.details        . 
_pdbx_database_related.content_type   unspecified 
# 
loop_
_audit_author.name 
_audit_author.pdbx_ordinal 
'Oganesyan, V.'                              1 
'Busso, D.'                                  2 
'Brandsen, J.'                               3 
'Chen, S.'                                   4 
'Jancarik, J.'                               5 
'Kim, R.'                                    6 
'Kim, S.H.'                                  7 
'Berkeley Structural Genomics Center (BSGC)' 8 
# 
_citation.id                        primary 
_citation.title                     'Structure of the hypothetical protein AQ_1354 from Aquifex aeolicus.' 
_citation.journal_abbrev            'Acta Crystallogr.,Sect.D' 
_citation.journal_volume            59 
_citation.page_first                1219 
_citation.page_last                 1223 
_citation.year                      2003 
_citation.journal_id_ASTM           ABCRE6 
_citation.country                   DK 
_citation.journal_id_ISSN           0907-4449 
_citation.journal_id_CSD            0766 
_citation.book_publisher            ? 
_citation.pdbx_database_id_PubMed   12832766 
_citation.pdbx_database_id_DOI      10.1107/S0907444903011028 
# 
loop_
_citation_author.citation_id 
_citation_author.name 
_citation_author.ordinal 
_citation_author.identifier_ORCID 
primary 'Oganesyan, V.' 1 ? 
primary 'Busso, D.'     2 ? 
primary 'Brandsen, J.'  3 ? 
primary 'Chen, S.'      4 ? 
primary 'Jancarik, J.'  5 ? 
primary 'Kim, R.'       6 ? 
primary 'Kim, S.H.'     7 ? 
# 
loop_
_entity.id 
_entity.type 
_entity.src_method 
_entity.pdbx_description 
_entity.formula_weight 
_entity.pdbx_number_of_molecules 
_entity.pdbx_ec 
_entity.pdbx_mutation 
_entity.pdbx_fragment 
_entity.details 
1 polymer man 'Hypothetical protein AQ_1354' 17372.021 1  ? ? ? ? 
2 water   nat water                          18.015    50 ? ? ? ? 
# 
_entity_poly.entity_id                      1 
_entity_poly.type                           'polypeptide(L)' 
_entity_poly.nstd_linkage                   no 
_entity_poly.nstd_monomer                   no 
_entity_poly.pdbx_seq_one_letter_code       
;MSSTKRQKNRVLVKLKKRKVRKDKIEKWAELALSALGLNNVELSVYITDDQEIRELNKTYRKKDKPTDVLSFPMGEEFGG
YKILGDVVISQDTAERQARELGHSLEEEVKRLIVHGIVHLLGYDHEKGGEEEKKFRELENYVLSKLSKAL
;
_entity_poly.pdbx_seq_one_letter_code_can   
;MSSTKRQKNRVLVKLKKRKVRKDKIEKWAELALSALGLNNVELSVYITDDQEIRELNKTYRKKDKPTDVLSFPMGEEFGG
YKILGDVVISQDTAERQARELGHSLEEEVKRLIVHGIVHLLGYDHEKGGEEEKKFRELENYVLSKLSKAL
;
_entity_poly.pdbx_strand_id                 A 
_entity_poly.pdbx_target_identifier         BSGCAIR30418 
# 
_pdbx_entity_nonpoly.entity_id   2 
_pdbx_entity_nonpoly.name        water 
_pdbx_entity_nonpoly.comp_id     HOH 
# 
loop_
_entity_poly_seq.entity_id 
_entity_poly_seq.num 
_entity_poly_seq.mon_id 
_entity_poly_seq.hetero 
1 1   MET n 
1 2   SER n 
1 3   SER n 
1 4   THR n 
1 5   LYS n 
1 6   ARG n 
1 7   GLN n 
1 8   LYS n 
1 9   ASN n 
1 10  ARG n 
1 11  VAL n 
1 12  LEU n 
1 13  VAL n 
1 14  LYS n 
1 15  LEU n 
1 16  LYS n 
1 17  LYS n 
1 18  ARG n 
1 19  LYS n 
1 20  VAL n 
1 21  ARG n 
1 22  LYS n 
1 23  ASP n 
1 24  LYS n 
1 25  ILE n 
1 26  GLU n 
1 27  LYS n 
1 28  TRP n 
1 29  ALA n 
1 30  GLU n 
1 31  LEU n 
1 32  ALA n 
1 33  LEU n 
1 34  SER n 
1 35  ALA n 
1 36  LEU n 
1 37  GLY n 
1 38  LEU n 
1 39  ASN n 
1 40  ASN n 
1 41  VAL n 
1 42  GLU n 
1 43  LEU n 
1 44  SER n 
1 45  VAL n 
1 46  TYR n 
1 47  ILE n 
1 48  THR n 
1 49  ASP n 
1 50  ASP n 
1 51  GLN n 
1 52  GLU n 
1 53  ILE n 
1 54  ARG n 
1 55  GLU n 
1 56  LEU n 
1 57  ASN n 
1 58  LYS n 
1 59  THR n 
1 60  TYR n 
1 61  ARG n 
1 62  LYS n 
1 63  LYS n 
1 64  ASP n 
1 65  LYS n 
1 66  PRO n 
1 67  THR n 
1 68  ASP n 
1 69  VAL n 
1 70  LEU n 
1 71  SER n 
1 72  PHE n 
1 73  PRO n 
1 74  MET n 
1 75  GLY n 
1 76  GLU n 
1 77  GLU n 
1 78  PHE n 
1 79  GLY n 
1 80  GLY n 
1 81  TYR n 
1 82  LYS n 
1 83  ILE n 
1 84  LEU n 
1 85  GLY n 
1 86  ASP n 
1 87  VAL n 
1 88  VAL n 
1 89  ILE n 
1 90  SER n 
1 91  GLN n 
1 92  ASP n 
1 93  THR n 
1 94  ALA n 
1 95  GLU n 
1 96  ARG n 
1 97  GLN n 
1 98  ALA n 
1 99  ARG n 
1 100 GLU n 
1 101 LEU n 
1 102 GLY n 
1 103 HIS n 
1 104 SER n 
1 105 LEU n 
1 106 GLU n 
1 107 GLU n 
1 108 GLU n 
1 109 VAL n 
1 110 LYS n 
1 111 ARG n 
1 112 LEU n 
1 113 ILE n 
1 114 VAL n 
1 115 HIS n 
1 116 GLY n 
1 117 ILE n 
1 118 VAL n 
1 119 HIS n 
1 120 LEU n 
1 121 LEU n 
1 122 GLY n 
1 123 TYR n 
1 124 ASP n 
1 125 HIS n 
1 126 GLU n 
1 127 LYS n 
1 128 GLY n 
1 129 GLY n 
1 130 GLU n 
1 131 GLU n 
1 132 GLU n 
1 133 LYS n 
1 134 LYS n 
1 135 PHE n 
1 136 ARG n 
1 137 GLU n 
1 138 LEU n 
1 139 GLU n 
1 140 ASN n 
1 141 TYR n 
1 142 VAL n 
1 143 LEU n 
1 144 SER n 
1 145 LYS n 
1 146 LEU n 
1 147 SER n 
1 148 LYS n 
1 149 ALA n 
1 150 LEU n 
# 
_entity_src_gen.entity_id                          1 
_entity_src_gen.pdbx_src_id                        1 
_entity_src_gen.pdbx_alt_source_flag               sample 
_entity_src_gen.pdbx_seq_type                      ? 
_entity_src_gen.pdbx_beg_seq_num                   ? 
_entity_src_gen.pdbx_end_seq_num                   ? 
_entity_src_gen.gene_src_common_name               ? 
_entity_src_gen.gene_src_genus                     Aquifex 
_entity_src_gen.pdbx_gene_src_gene                 ? 
_entity_src_gen.gene_src_species                   ? 
_entity_src_gen.gene_src_strain                    ? 
_entity_src_gen.gene_src_tissue                    ? 
_entity_src_gen.gene_src_tissue_fraction           ? 
_entity_src_gen.gene_src_details                   ? 
_entity_src_gen.pdbx_gene_src_fragment             ? 
_entity_src_gen.pdbx_gene_src_scientific_name      'Aquifex aeolicus' 
_entity_src_gen.pdbx_gene_src_ncbi_taxonomy_id     63363 
_entity_src_gen.pdbx_gene_src_variant              ? 
_entity_src_gen.pdbx_gene_src_cell_line            ? 
_entity_src_gen.pdbx_gene_src_atcc                 ? 
_entity_src_gen.pdbx_gene_src_organ                ? 
_entity_src_gen.pdbx_gene_src_organelle            ? 
_entity_src_gen.pdbx_gene_src_cell                 ? 
_entity_src_gen.pdbx_gene_src_cellular_location    ? 
_entity_src_gen.host_org_common_name               ? 
_entity_src_gen.pdbx_host_org_scientific_name      'Escherichia coli BL21' 
_entity_src_gen.pdbx_host_org_ncbi_taxonomy_id     511693 
_entity_src_gen.host_org_genus                     Escherichia 
_entity_src_gen.pdbx_host_org_gene                 ? 
_entity_src_gen.pdbx_host_org_organ                ? 
_entity_src_gen.host_org_species                   'Escherichia coli' 
_entity_src_gen.pdbx_host_org_tissue               ? 
_entity_src_gen.pdbx_host_org_tissue_fraction      ? 
_entity_src_gen.pdbx_host_org_strain               BL21 
_entity_src_gen.pdbx_host_org_variant              ? 
_entity_src_gen.pdbx_host_org_cell_line            ? 
_entity_src_gen.pdbx_host_org_atcc                 ? 
_entity_src_gen.pdbx_host_org_culture_collection   ? 
_entity_src_gen.pdbx_host_org_cell                 ? 
_entity_src_gen.pdbx_host_org_organelle            ? 
_entity_src_gen.pdbx_host_org_cellular_location    ? 
_entity_src_gen.pdbx_host_org_vector_type          plasmid 
_entity_src_gen.pdbx_host_org_vector               ? 
_entity_src_gen.host_org_details                   ? 
_entity_src_gen.expression_system_id               ? 
_entity_src_gen.plasmid_name                       pLIC 
_entity_src_gen.plasmid_details                    ? 
_entity_src_gen.pdbx_description                   ? 
# 
loop_
_chem_comp.id 
_chem_comp.type 
_chem_comp.mon_nstd_flag 
_chem_comp.name 
_chem_comp.pdbx_synonyms 
_chem_comp.formula 
_chem_comp.formula_weight 
ALA 'L-peptide linking' y ALANINE         ? 'C3 H7 N O2'     89.093  
ARG 'L-peptide linking' y ARGININE        ? 'C6 H15 N4 O2 1' 175.209 
ASN 'L-peptide linking' y ASPARAGINE      ? 'C4 H8 N2 O3'    132.118 
ASP 'L-peptide linking' y 'ASPARTIC ACID' ? 'C4 H7 N O4'     133.103 
GLN 'L-peptide linking' y GLUTAMINE       ? 'C5 H10 N2 O3'   146.144 
GLU 'L-peptide linking' y 'GLUTAMIC ACID' ? 'C5 H9 N O4'     147.129 
GLY 'peptide linking'   y GLYCINE         ? 'C2 H5 N O2'     75.067  
HIS 'L-peptide linking' y HISTIDINE       ? 'C6 H10 N3 O2 1' 156.162 
HOH non-polymer         . WATER           ? 'H2 O'           18.015  
ILE 'L-peptide linking' y ISOLEUCINE      ? 'C6 H13 N O2'    131.173 
LEU 'L-peptide linking' y LEUCINE         ? 'C6 H13 N O2'    131.173 
LYS 'L-peptide linking' y LYSINE          ? 'C6 H15 N2 O2 1' 147.195 
MET 'L-peptide linking' y METHIONINE      ? 'C5 H11 N O2 S'  149.211 
PHE 'L-peptide linking' y PHENYLALANINE   ? 'C9 H11 N O2'    165.189 
PRO 'L-peptide linking' y PROLINE         ? 'C5 H9 N O2'     115.130 
SER 'L-peptide linking' y SERINE          ? 'C3 H7 N O3'     105.093 
THR 'L-peptide linking' y THREONINE       ? 'C4 H9 N O3'     119.119 
TRP 'L-peptide linking' y TRYPTOPHAN      ? 'C11 H12 N2 O2'  204.225 
TYR 'L-peptide linking' y TYROSINE        ? 'C9 H11 N O3'    181.189 
VAL 'L-peptide linking' y VALINE          ? 'C5 H11 N O2'    117.146 
# 
loop_
_pdbx_poly_seq_scheme.asym_id 
_pdbx_poly_seq_scheme.entity_id 
_pdbx_poly_seq_scheme.seq_id 
_pdbx_poly_seq_scheme.mon_id 
_pdbx_poly_seq_scheme.ndb_seq_num 
_pdbx_poly_seq_scheme.pdb_seq_num 
_pdbx_poly_seq_scheme.auth_seq_num 
_pdbx_poly_seq_scheme.pdb_mon_id 
_pdbx_poly_seq_scheme.auth_mon_id 
_pdbx_poly_seq_scheme.pdb_strand_id 
_pdbx_poly_seq_scheme.pdb_ins_code 
_pdbx_poly_seq_scheme.hetero 
A 1 1   MET 1   1   ?   ?   ?   A . n 
A 1 2   SER 2   2   ?   ?   ?   A . n 
A 1 3   SER 3   3   ?   ?   ?   A . n 
A 1 4   THR 4   4   ?   ?   ?   A . n 
A 1 5   LYS 5   5   ?   ?   ?   A . n 
A 1 6   ARG 6   6   ?   ?   ?   A . n 
A 1 7   GLN 7   7   ?   ?   ?   A . n 
A 1 8   LYS 8   8   8   LYS LYS A . n 
A 1 9   ASN 9   9   9   ASN ASN A . n 
A 1 10  ARG 10  10  10  ARG ARG A . n 
A 1 11  VAL 11  11  11  VAL VAL A . n 
A 1 12  LEU 12  12  12  LEU LEU A . n 
A 1 13  VAL 13  13  13  VAL VAL A . n 
A 1 14  LYS 14  14  14  LYS LYS A . n 
A 1 15  LEU 15  15  15  LEU LEU A . n 
A 1 16  LYS 16  16  16  LYS LYS A . n 
A 1 17  LYS 17  17  17  LYS LYS A . n 
A 1 18  ARG 18  18  18  ARG ARG A . n 
A 1 19  LYS 19  19  19  LYS LYS A . n 
A 1 20  VAL 20  20  20  VAL VAL A . n 
A 1 21  ARG 21  21  21  ARG ARG A . n 
A 1 22  LYS 22  22  22  LYS LYS A . n 
A 1 23  ASP 23  23  23  ASP ASP A . n 
A 1 24  LYS 24  24  24  LYS LYS A . n 
A 1 25  ILE 25  25  25  ILE ILE A . n 
A 1 26  GLU 26  26  26  GLU GLU A . n 
A 1 27  LYS 27  27  27  LYS LYS A . n 
A 1 28  TRP 28  28  28  TRP TRP A . n 
A 1 29  ALA 29  29  29  ALA ALA A . n 
A 1 30  GLU 30  30  30  GLU GLU A . n 
A 1 31  LEU 31  31  31  LEU LEU A . n 
A 1 32  ALA 32  32  32  ALA ALA A . n 
A 1 33  LEU 33  33  33  LEU LEU A . n 
A 1 34  SER 34  34  34  SER SER A . n 
A 1 35  ALA 35  35  35  ALA ALA A . n 
A 1 36  LEU 36  36  36  LEU LEU A . n 
A 1 37  GLY 37  37  37  GLY GLY A . n 
A 1 38  LEU 38  38  38  LEU LEU A . n 
A 1 39  ASN 39  39  39  ASN ASN A . n 
A 1 40  ASN 40  40  40  ASN ASN A . n 
A 1 41  VAL 41  41  41  VAL VAL A . n 
A 1 42  GLU 42  42  42  GLU GLU A . n 
A 1 43  LEU 43  43  43  LEU LEU A . n 
A 1 44  SER 44  44  44  SER SER A . n 
A 1 45  VAL 45  45  45  VAL VAL A . n 
A 1 46  TYR 46  46  46  TYR TYR A . n 
A 1 47  ILE 47  47  47  ILE ILE A . n 
A 1 48  THR 48  48  48  THR THR A . n 
A 1 49  ASP 49  49  49  ASP ASP A . n 
A 1 50  ASP 50  50  50  ASP ASP A . n 
A 1 51  GLN 51  51  51  GLN GLN A . n 
A 1 52  GLU 52  52  52  GLU GLU A . n 
A 1 53  ILE 53  53  53  ILE ILE A . n 
A 1 54  ARG 54  54  54  ARG ARG A . n 
A 1 55  GLU 55  55  55  GLU GLU A . n 
A 1 56  LEU 56  56  56  LEU LEU A . n 
A 1 57  ASN 57  57  57  ASN ASN A . n 
A 1 58  LYS 58  58  58  LYS LYS A . n 
A 1 59  THR 59  59  59  THR THR A . n 
A 1 60  TYR 60  60  60  TYR TYR A . n 
A 1 61  ARG 61  61  61  ARG ARG A . n 
A 1 62  LYS 62  62  62  LYS LYS A . n 
A 1 63  LYS 63  63  63  LYS LYS A . n 
A 1 64  ASP 64  64  64  ASP ASP A . n 
A 1 65  LYS 65  65  65  LYS LYS A . n 
A 1 66  PRO 66  66  66  PRO PRO A . n 
A 1 67  THR 67  67  67  THR THR A . n 
A 1 68  ASP 68  68  68  ASP ASP A . n 
A 1 69  VAL 69  69  69  VAL VAL A . n 
A 1 70  LEU 70  70  70  LEU LEU A . n 
A 1 71  SER 71  71  71  SER SER A . n 
A 1 72  PHE 72  72  72  PHE PHE A . n 
A 1 73  PRO 73  73  73  PRO PRO A . n 
A 1 74  MET 74  74  74  MET MET A . n 
A 1 75  GLY 75  75  75  GLY GLY A . n 
A 1 76  GLU 76  76  76  GLU GLU A . n 
A 1 77  GLU 77  77  77  GLU GLU A . n 
A 1 78  PHE 78  78  78  PHE PHE A . n 
A 1 79  GLY 79  79  79  GLY GLY A . n 
A 1 80  GLY 80  80  80  GLY GLY A . n 
A 1 81  TYR 81  81  81  TYR TYR A . n 
A 1 82  LYS 82  82  82  LYS LYS A . n 
A 1 83  ILE 83  83  83  ILE ILE A . n 
A 1 84  LEU 84  84  84  LEU LEU A . n 
A 1 85  GLY 85  85  85  GLY GLY A . n 
A 1 86  ASP 86  86  86  ASP ASP A . n 
A 1 87  VAL 87  87  87  VAL VAL A . n 
A 1 88  VAL 88  88  88  VAL VAL A . n 
A 1 89  ILE 89  89  89  ILE ILE A . n 
A 1 90  SER 90  90  90  SER SER A . n 
A 1 91  GLN 91  91  91  GLN GLN A . n 
A 1 92  ASP 92  92  92  ASP ASP A . n 
A 1 93  THR 93  93  93  THR THR A . n 
A 1 94  ALA 94  94  94  ALA ALA A . n 
A 1 95  GLU 95  95  95  GLU GLU A . n 
A 1 96  ARG 96  96  96  ARG ARG A . n 
A 1 97  GLN 97  97  97  GLN GLN A . n 
A 1 98  ALA 98  98  98  ALA ALA A . n 
A 1 99  ARG 99  99  99  ARG ARG A . n 
A 1 100 GLU 100 100 100 GLU GLU A . n 
A 1 101 LEU 101 101 101 LEU LEU A . n 
A 1 102 GLY 102 102 102 GLY GLY A . n 
A 1 103 HIS 103 103 103 HIS HIS A . n 
A 1 104 SER 104 104 104 SER SER A . n 
A 1 105 LEU 105 105 105 LEU LEU A . n 
A 1 106 GLU 106 106 106 GLU GLU A . n 
A 1 107 GLU 107 107 107 GLU GLU A . n 
A 1 108 GLU 108 108 108 GLU GLU A . n 
A 1 109 VAL 109 109 109 VAL VAL A . n 
A 1 110 LYS 110 110 110 LYS LYS A . n 
A 1 111 ARG 111 111 111 ARG ARG A . n 
A 1 112 LEU 112 112 112 LEU LEU A . n 
A 1 113 ILE 113 113 113 ILE ILE A . n 
A 1 114 VAL 114 114 114 VAL VAL A . n 
A 1 115 HIS 115 115 115 HIS HIS A . n 
A 1 116 GLY 116 116 116 GLY GLY A . n 
A 1 117 ILE 117 117 117 ILE ILE A . n 
A 1 118 VAL 118 118 118 VAL VAL A . n 
A 1 119 HIS 119 119 119 HIS HIS A . n 
A 1 120 LEU 120 120 120 LEU LEU A . n 
A 1 121 LEU 121 121 121 LEU LEU A . n 
A 1 122 GLY 122 122 122 GLY GLY A . n 
A 1 123 TYR 123 123 123 TYR TYR A . n 
A 1 124 ASP 124 124 124 ASP ASP A . n 
A 1 125 HIS 125 125 125 HIS HIS A . n 
A 1 126 GLU 126 126 126 GLU GLU A . n 
A 1 127 LYS 127 127 127 LYS LYS A . n 
A 1 128 GLY 128 128 128 GLY GLY A . n 
A 1 129 GLY 129 129 129 GLY GLY A . n 
A 1 130 GLU 130 130 130 GLU GLU A . n 
A 1 131 GLU 131 131 131 GLU GLU A . n 
A 1 132 GLU 132 132 132 GLU GLU A . n 
A 1 133 LYS 133 133 133 LYS LYS A . n 
A 1 134 LYS 134 134 134 LYS LYS A . n 
A 1 135 PHE 135 135 135 PHE PHE A . n 
A 1 136 ARG 136 136 136 ARG ARG A . n 
A 1 137 GLU 137 137 137 GLU GLU A . n 
A 1 138 LEU 138 138 138 LEU LEU A . n 
A 1 139 GLU 139 139 139 GLU GLU A . n 
A 1 140 ASN 140 140 140 ASN ASN A . n 
A 1 141 TYR 141 141 141 TYR TYR A . n 
A 1 142 VAL 142 142 142 VAL VAL A . n 
A 1 143 LEU 143 143 143 LEU LEU A . n 
A 1 144 SER 144 144 144 SER SER A . n 
A 1 145 LYS 145 145 145 LYS LYS A . n 
A 1 146 LEU 146 146 146 LEU LEU A . n 
A 1 147 SER 147 147 147 SER SER A . n 
A 1 148 LYS 148 148 148 LYS LYS A . n 
A 1 149 ALA 149 149 ?   ?   ?   A . n 
A 1 150 LEU 150 150 ?   ?   ?   A . n 
# 
loop_
_pdbx_nonpoly_scheme.asym_id 
_pdbx_nonpoly_scheme.entity_id 
_pdbx_nonpoly_scheme.mon_id 
_pdbx_nonpoly_scheme.ndb_seq_num 
_pdbx_nonpoly_scheme.pdb_seq_num 
_pdbx_nonpoly_scheme.auth_seq_num 
_pdbx_nonpoly_scheme.pdb_mon_id 
_pdbx_nonpoly_scheme.auth_mon_id 
_pdbx_nonpoly_scheme.pdb_strand_id 
_pdbx_nonpoly_scheme.pdb_ins_code 
B 2 HOH 1  151 1  HOH HOH A . 
B 2 HOH 2  152 2  HOH HOH A . 
B 2 HOH 3  153 3  HOH HOH A . 
B 2 HOH 4  154 4  HOH HOH A . 
B 2 HOH 5  155 6  HOH HOH A . 
B 2 HOH 6  156 7  HOH HOH A . 
B 2 HOH 7  157 8  HOH HOH A . 
B 2 HOH 8  158 9  HOH HOH A . 
B 2 HOH 9  159 10 HOH HOH A . 
B 2 HOH 10 160 11 HOH HOH A . 
B 2 HOH 11 161 12 HOH HOH A . 
B 2 HOH 12 162 13 HOH HOH A . 
B 2 HOH 13 163 14 HOH HOH A . 
B 2 HOH 14 164 15 HOH HOH A . 
B 2 HOH 15 165 16 HOH HOH A . 
B 2 HOH 16 166 17 HOH HOH A . 
B 2 HOH 17 167 18 HOH HOH A . 
B 2 HOH 18 168 19 HOH HOH A . 
B 2 HOH 19 169 20 HOH HOH A . 
B 2 HOH 20 170 21 HOH HOH A . 
B 2 HOH 21 171 22 HOH HOH A . 
B 2 HOH 22 172 23 HOH HOH A . 
B 2 HOH 23 173 24 HOH HOH A . 
B 2 HOH 24 174 25 HOH HOH A . 
B 2 HOH 25 175 26 HOH HOH A . 
B 2 HOH 26 176 27 HOH HOH A . 
B 2 HOH 27 177 28 HOH HOH A . 
B 2 HOH 28 178 29 HOH HOH A . 
B 2 HOH 29 179 30 HOH HOH A . 
B 2 HOH 30 180 31 HOH HOH A . 
B 2 HOH 31 181 32 HOH HOH A . 
B 2 HOH 32 182 33 HOH HOH A . 
B 2 HOH 33 183 34 HOH HOH A . 
B 2 HOH 34 184 35 HOH HOH A . 
B 2 HOH 35 185 36 HOH HOH A . 
B 2 HOH 36 186 37 HOH HOH A . 
B 2 HOH 37 187 38 HOH HOH A . 
B 2 HOH 38 188 39 HOH HOH A . 
B 2 HOH 39 189 40 HOH HOH A . 
B 2 HOH 40 190 41 HOH HOH A . 
B 2 HOH 41 191 42 HOH HOH A . 
B 2 HOH 42 192 43 HOH HOH A . 
B 2 HOH 43 193 44 HOH HOH A . 
B 2 HOH 44 194 45 HOH HOH A . 
B 2 HOH 45 195 46 HOH HOH A . 
B 2 HOH 46 196 47 HOH HOH A . 
B 2 HOH 47 197 48 HOH HOH A . 
B 2 HOH 48 198 49 HOH HOH A . 
B 2 HOH 49 199 50 HOH HOH A . 
B 2 HOH 50 200 51 HOH HOH A . 
# 
loop_
_software.name 
_software.classification 
_software.version 
_software.citation_id 
_software.pdbx_ordinal 
REFMAC    refinement       5.0 ? 1 
DENZO     'data reduction' .   ? 2 
SCALEPACK 'data scaling'   .   ? 3 
SOLVE     phasing          .   ? 4 
# 
_cell.entry_id           1OZ9 
_cell.length_a           58.018 
_cell.length_b           58.018 
_cell.length_c           110.255 
_cell.angle_alpha        90.00 
_cell.angle_beta         90.00 
_cell.angle_gamma        90.00 
_cell.Z_PDB              8 
_cell.pdbx_unique_axis   ? 
# 
_symmetry.entry_id                         1OZ9 
_symmetry.space_group_name_H-M             'P 43 21 2' 
_symmetry.pdbx_full_space_group_name_H-M   ? 
_symmetry.cell_setting                     ? 
_symmetry.Int_Tables_number                96 
# 
_exptl.entry_id          1OZ9 
_exptl.method            'X-RAY DIFFRACTION' 
_exptl.crystals_number   1 
# 
_exptl_crystal.id                    1 
_exptl_crystal.density_meas          ? 
_exptl_crystal.density_Matthews      2.76 
_exptl_crystal.density_percent_sol   55.07 
_exptl_crystal.description           ? 
# 
_exptl_crystal_grow.crystal_id      1 
_exptl_crystal_grow.method          'VAPOR DIFFUSION, HANGING DROP' 
_exptl_crystal_grow.temp            298.0 
_exptl_crystal_grow.temp_details    ? 
_exptl_crystal_grow.pH              8.5 
_exptl_crystal_grow.pdbx_details    'PEG 4K, Na Acetate, Tris-HCl, pH 8.5, VAPOR DIFFUSION, HANGING DROP, temperature 298.0K' 
_exptl_crystal_grow.pdbx_pH_range   . 
# 
_diffrn.id                     1 
_diffrn.ambient_temp           100 
_diffrn.ambient_temp_details   ? 
_diffrn.crystal_id             1 
# 
_diffrn_detector.diffrn_id              1 
_diffrn_detector.detector               CCD 
_diffrn_detector.type                   'ADSC QUANTUM 4' 
_diffrn_detector.pdbx_collection_date   2002-08-14 
_diffrn_detector.details                mirrors 
# 
_diffrn_radiation.diffrn_id                        1 
_diffrn_radiation.wavelength_id                    1 
_diffrn_radiation.pdbx_monochromatic_or_laue_m_l   M 
_diffrn_radiation.monochromator                    graphite 
_diffrn_radiation.pdbx_diffrn_protocol             'SINGLE WAVELENGTH' 
_diffrn_radiation.pdbx_scattering_type             x-ray 
# 
_diffrn_radiation_wavelength.id           1 
_diffrn_radiation_wavelength.wavelength   0.9792 
_diffrn_radiation_wavelength.wt           1.0 
# 
_diffrn_source.diffrn_id                   1 
_diffrn_source.source                      SYNCHROTRON 
_diffrn_source.type                        'ALS BEAMLINE 5.0.2' 
_diffrn_source.pdbx_synchrotron_site       ALS 
_diffrn_source.pdbx_synchrotron_beamline   5.0.2 
_diffrn_source.pdbx_wavelength             ? 
_diffrn_source.pdbx_wavelength_list        0.9792 
# 
_reflns.entry_id                     1OZ9 
_reflns.observed_criterion_sigma_F   0.0 
_reflns.observed_criterion_sigma_I   0.0 
_reflns.d_resolution_high            1.89 
_reflns.d_resolution_low             41.17 
_reflns.number_all                   14413 
_reflns.number_obs                   14413 
_reflns.percent_possible_obs         100 
_reflns.pdbx_Rmerge_I_obs            0.055 
_reflns.pdbx_Rsym_value              ? 
_reflns.pdbx_netI_over_sigmaI        25 
_reflns.B_iso_Wilson_estimate        29 
_reflns.pdbx_redundancy              6.5 
_reflns.R_free_details               ? 
_reflns.limit_h_max                  ? 
_reflns.limit_h_min                  ? 
_reflns.limit_k_max                  ? 
_reflns.limit_k_min                  ? 
_reflns.limit_l_max                  ? 
_reflns.limit_l_min                  ? 
_reflns.observed_criterion_F_max     ? 
_reflns.observed_criterion_F_min     ? 
_reflns.pdbx_ordinal                 1 
_reflns.pdbx_diffrn_id               1 
# 
_reflns_shell.d_res_high             1.894 
_reflns_shell.d_res_low              1.943 
_reflns_shell.percent_possible_all   100 
_reflns_shell.Rmerge_I_obs           0.459 
_reflns_shell.pdbx_Rsym_value        ? 
_reflns_shell.meanI_over_sigI_obs    2.2 
_reflns_shell.pdbx_redundancy        5.8 
_reflns_shell.percent_possible_obs   ? 
_reflns_shell.number_unique_all      982 
_reflns_shell.pdbx_ordinal           1 
_reflns_shell.pdbx_diffrn_id         1 
# 
_refine.entry_id                                 1OZ9 
_refine.ls_number_reflns_obs                     13420 
_refine.ls_number_reflns_all                     ? 
_refine.pdbx_ls_sigma_I                          0 
_refine.pdbx_ls_sigma_F                          0 
_refine.pdbx_data_cutoff_high_absF               ? 
_refine.pdbx_data_cutoff_low_absF                ? 
_refine.pdbx_data_cutoff_high_rms_absF           ? 
_refine.ls_d_res_low                             12.00 
_refine.ls_d_res_high                            1.894 
_refine.ls_percent_reflns_obs                    100.00 
_refine.ls_R_factor_obs                          0.20658 
_refine.ls_R_factor_all                          0.21522 
_refine.ls_R_factor_R_work                       0.20524 
_refine.ls_R_factor_R_free                       0.23423 
_refine.ls_R_factor_R_free_error                 ? 
_refine.ls_R_factor_R_free_error_details         ? 
_refine.ls_percent_reflns_R_free                 5.0 
_refine.ls_number_reflns_R_free                  712 
_refine.ls_number_parameters                     ? 
_refine.ls_number_restraints                     ? 
_refine.occupancy_min                            ? 
_refine.occupancy_max                            ? 
_refine.correlation_coeff_Fo_to_Fc               0.950 
_refine.correlation_coeff_Fo_to_Fc_free          0.937 
_refine.B_iso_mean                               22.066 
_refine.aniso_B[1][1]                            -0.17 
_refine.aniso_B[2][2]                            -0.17 
_refine.aniso_B[3][3]                            0.35 
_refine.aniso_B[1][2]                            0.00 
_refine.aniso_B[1][3]                            0.00 
_refine.aniso_B[2][3]                            0.00 
_refine.solvent_model_details                    'BABINET MODEL WITH MASK' 
_refine.solvent_model_param_ksol                 ? 
_refine.solvent_model_param_bsol                 ? 
_refine.pdbx_solvent_vdw_probe_radii             1.40 
_refine.pdbx_solvent_ion_probe_radii             0.80 
_refine.pdbx_solvent_shrinkage_radii             0.80 
_refine.pdbx_ls_cross_valid_method               THROUGHOUT 
_refine.details                                  ? 
_refine.pdbx_starting_model                      ? 
_refine.pdbx_method_to_determine_struct          SAD 
_refine.pdbx_isotropic_thermal_model             Isotropic 
_refine.pdbx_stereochemistry_target_values       'MAXIMUM LIKELIHOOD' 
_refine.pdbx_stereochem_target_val_spec_case     ? 
_refine.pdbx_R_Free_selection_details            RANDOM 
_refine.pdbx_overall_ESU_R                       0.151 
_refine.pdbx_overall_ESU_R_Free                  0.138 
_refine.overall_SU_ML                            0.091 
_refine.overall_SU_B                             3.105 
_refine.ls_redundancy_reflns_obs                 ? 
_refine.B_iso_min                                ? 
_refine.B_iso_max                                ? 
_refine.overall_SU_R_Cruickshank_DPI             ? 
_refine.overall_SU_R_free                        ? 
_refine.pdbx_refine_id                           'X-RAY DIFFRACTION' 
_refine.pdbx_TLS_residual_ADP_flag               'LIKELY RESIDUAL' 
_refine.pdbx_diffrn_id                           1 
_refine.pdbx_overall_phase_error                 ? 
_refine.pdbx_overall_SU_R_free_Cruickshank_DPI   ? 
_refine.pdbx_overall_SU_R_Blow_DPI               ? 
_refine.pdbx_overall_SU_R_free_Blow_DPI          ? 
# 
_refine_analyze.entry_id                        1OZ9 
_refine_analyze.Luzzati_coordinate_error_obs    0.146 
_refine_analyze.Luzzati_sigma_a_obs             ? 
_refine_analyze.Luzzati_d_res_low_obs           ? 
_refine_analyze.Luzzati_coordinate_error_free   0.133 
_refine_analyze.Luzzati_sigma_a_free            ? 
_refine_analyze.Luzzati_d_res_low_free          ? 
_refine_analyze.number_disordered_residues      ? 
_refine_analyze.occupancy_sum_non_hydrogen      ? 
_refine_analyze.occupancy_sum_hydrogen          ? 
_refine_analyze.pdbx_Luzzati_d_res_high_obs     ? 
_refine_analyze.pdbx_refine_id                  'X-RAY DIFFRACTION' 
# 
_refine_hist.pdbx_refine_id                   'X-RAY DIFFRACTION' 
_refine_hist.cycle_id                         LAST 
_refine_hist.pdbx_number_atoms_protein        1151 
_refine_hist.pdbx_number_atoms_nucleic_acid   0 
_refine_hist.pdbx_number_atoms_ligand         0 
_refine_hist.number_atoms_solvent             50 
_refine_hist.number_atoms_total               1201 
_refine_hist.d_res_high                       1.894 
_refine_hist.d_res_low                        12.00 
# 
loop_
_refine_ls_restr.type 
_refine_ls_restr.dev_ideal 
_refine_ls_restr.dev_ideal_target 
_refine_ls_restr.weight 
_refine_ls_restr.number 
_refine_ls_restr.pdbx_refine_id 
_refine_ls_restr.pdbx_restraint_function 
r_bond_refined_d         0.013  0.021  ? 1166 'X-RAY DIFFRACTION' ? 
r_angle_refined_deg      1.524  1.987  ? 1558 'X-RAY DIFFRACTION' ? 
r_dihedral_angle_1_deg   3.598  3.000  ? 140  'X-RAY DIFFRACTION' ? 
r_dihedral_angle_2_deg   15.534 15.000 ? 247  'X-RAY DIFFRACTION' ? 
r_chiral_restr           0.106  0.200  ? 172  'X-RAY DIFFRACTION' ? 
r_gen_planes_refined     0.005  0.020  ? 844  'X-RAY DIFFRACTION' ? 
r_nbd_refined            0.213  0.300  ? 479  'X-RAY DIFFRACTION' ? 
r_xyhbond_nbd_refined    0.221  0.500  ? 83   'X-RAY DIFFRACTION' ? 
r_symmetry_vdw_refined   0.305  0.300  ? 29   'X-RAY DIFFRACTION' ? 
r_symmetry_hbond_refined 0.532  0.500  ? 20   'X-RAY DIFFRACTION' ? 
r_mcbond_it              0.781  1.500  ? 696  'X-RAY DIFFRACTION' ? 
r_mcangle_it             1.504  2.000  ? 1119 'X-RAY DIFFRACTION' ? 
r_scbond_it              2.655  3.000  ? 470  'X-RAY DIFFRACTION' ? 
r_scangle_it             4.527  4.500  ? 439  'X-RAY DIFFRACTION' ? 
# 
_refine_ls_shell.pdbx_total_number_of_bins_used   20 
_refine_ls_shell.d_res_high                       1.894 
_refine_ls_shell.d_res_low                        1.943 
_refine_ls_shell.number_reflns_R_work             939 
_refine_ls_shell.R_factor_R_work                  0.22 
_refine_ls_shell.percent_reflns_obs               82 
_refine_ls_shell.R_factor_R_free                  0.246 
_refine_ls_shell.R_factor_R_free_error            ? 
_refine_ls_shell.percent_reflns_R_free            ? 
_refine_ls_shell.number_reflns_R_free             48 
_refine_ls_shell.number_reflns_obs                982 
_refine_ls_shell.redundancy_reflns_obs            ? 
_refine_ls_shell.number_reflns_all                ? 
_refine_ls_shell.pdbx_refine_id                   'X-RAY DIFFRACTION' 
_refine_ls_shell.R_factor_all                     ? 
# 
_struct.entry_id                  1OZ9 
_struct.title                     'Crystal structure of AQ_1354, a hypothetical protein from Aquifex aeolicus' 
_struct.pdbx_model_details        ? 
_struct.pdbx_CASP_flag            ? 
_struct.pdbx_model_type_details   ? 
# 
_struct_keywords.entry_id        1OZ9 
_struct_keywords.pdbx_keywords   'UNKNOWN FUNCTION' 
_struct_keywords.text            
;matrix metalloproteinase type fold, Structural Genomics, BSGC structure funded by NIH, Protein Structure Initiative, PSI, Berkeley Structural Genomics Center, UNKNOWN FUNCTION
;
# 
loop_
_struct_asym.id 
_struct_asym.pdbx_blank_PDB_chainid_flag 
_struct_asym.pdbx_modified 
_struct_asym.entity_id 
_struct_asym.details 
A N N 1 ? 
B N N 2 ? 
# 
_struct_ref.id                         1 
_struct_ref.db_name                    UNP 
_struct_ref.db_code                    Y1354_AQUAE 
_struct_ref.pdbx_db_accession          O67367 
_struct_ref.entity_id                  1 
_struct_ref.pdbx_seq_one_letter_code   
;MSSTKRQKNRVLVKLKKRKVRKDKIEKWAELALSALGLNNVELSVYITDDQEIRELNKTYRKKDKPTDVLSFPMGEEFGG
YKILGDVVISQDTAERQARELGHSLEEEVKRLIVHGIVHLLGYDHEKGGEEEKKFRELENYVLSKLSKAL
;
_struct_ref.pdbx_align_begin           1 
_struct_ref.pdbx_db_isoform            ? 
# 
_struct_ref_seq.align_id                      1 
_struct_ref_seq.ref_id                        1 
_struct_ref_seq.pdbx_PDB_id_code              1OZ9 
_struct_ref_seq.pdbx_strand_id                A 
_struct_ref_seq.seq_align_beg                 1 
_struct_ref_seq.pdbx_seq_align_beg_ins_code   ? 
_struct_ref_seq.seq_align_end                 150 
_struct_ref_seq.pdbx_seq_align_end_ins_code   ? 
_struct_ref_seq.pdbx_db_accession             O67367 
_struct_ref_seq.db_align_beg                  1 
_struct_ref_seq.pdbx_db_align_beg_ins_code    ? 
_struct_ref_seq.db_align_end                  150 
_struct_ref_seq.pdbx_db_align_end_ins_code    ? 
_struct_ref_seq.pdbx_auth_seq_align_beg       1 
_struct_ref_seq.pdbx_auth_seq_align_end       150 
# 
_pdbx_struct_assembly.id                   1 
_pdbx_struct_assembly.details              author_defined_assembly 
_pdbx_struct_assembly.method_details       ? 
_pdbx_struct_assembly.oligomeric_details   monomeric 
_pdbx_struct_assembly.oligomeric_count     1 
# 
_pdbx_struct_assembly_gen.assembly_id       1 
_pdbx_struct_assembly_gen.oper_expression   1 
_pdbx_struct_assembly_gen.asym_id_list      A,B 
# 
_pdbx_struct_oper_list.id                   1 
_pdbx_struct_oper_list.type                 'identity operation' 
_pdbx_struct_oper_list.name                 1_555 
_pdbx_struct_oper_list.symmetry_operation   x,y,z 
_pdbx_struct_oper_list.matrix[1][1]         1.0000000000 
_pdbx_struct_oper_list.matrix[1][2]         0.0000000000 
_pdbx_struct_oper_list.matrix[1][3]         0.0000000000 
_pdbx_struct_oper_list.vector[1]            0.0000000000 
_pdbx_struct_oper_list.matrix[2][1]         0.0000000000 
_pdbx_struct_oper_list.matrix[2][2]         1.0000000000 
_pdbx_struct_oper_list.matrix[2][3]         0.0000000000 
_pdbx_struct_oper_list.vector[2]            0.0000000000 
_pdbx_struct_oper_list.matrix[3][1]         0.0000000000 
_pdbx_struct_oper_list.matrix[3][2]         0.0000000000 
_pdbx_struct_oper_list.matrix[3][3]         1.0000000000 
_pdbx_struct_oper_list.vector[3]            0.0000000000 
# 
_struct_biol.id                    1 
_struct_biol.details               'The biological assembly is a monomer' 
_struct_biol.pdbx_parent_biol_id   ? 
# 
loop_
_struct_conf.conf_type_id 
_struct_conf.id 
_struct_conf.pdbx_PDB_helix_id 
_struct_conf.beg_label_comp_id 
_struct_conf.beg_label_asym_id 
_struct_conf.beg_label_seq_id 
_struct_conf.pdbx_beg_PDB_ins_code 
_struct_conf.end_label_comp_id 
_struct_conf.end_label_asym_id 
_struct_conf.end_label_seq_id 
_struct_conf.pdbx_end_PDB_ins_code 
_struct_conf.beg_auth_comp_id 
_struct_conf.beg_auth_asym_id 
_struct_conf.beg_auth_seq_id 
_struct_conf.end_auth_comp_id 
_struct_conf.end_auth_asym_id 
_struct_conf.end_auth_seq_id 
_struct_conf.pdbx_PDB_helix_class 
_struct_conf.details 
_struct_conf.pdbx_PDB_helix_length 
HELX_P HELX_P1 1 ARG A 21  ? LEU A 36  ? ARG A 21  LEU A 36  1 ? 16 
HELX_P HELX_P2 2 ASP A 49  ? LYS A 62  ? ASP A 49  LYS A 62  1 ? 14 
HELX_P HELX_P3 3 GLN A 91  ? GLY A 102 ? GLN A 91  GLY A 102 1 ? 12 
HELX_P HELX_P4 4 SER A 104 ? LEU A 121 ? SER A 104 LEU A 121 1 ? 18 
HELX_P HELX_P5 5 GLY A 128 ? LYS A 148 ? GLY A 128 LYS A 148 1 ? 21 
# 
_struct_conf_type.id          HELX_P 
_struct_conf_type.criteria    ? 
_struct_conf_type.reference   ? 
# 
loop_
_struct_sheet.id 
_struct_sheet.type 
_struct_sheet.number_strands 
_struct_sheet.details 
A ? 4 ? 
B ? 4 ? 
# 
loop_
_struct_sheet_order.sheet_id 
_struct_sheet_order.range_id_1 
_struct_sheet_order.range_id_2 
_struct_sheet_order.offset 
_struct_sheet_order.sense 
A 1 2 ? parallel      
A 2 3 ? parallel      
A 3 4 ? anti-parallel 
B 1 2 ? parallel      
B 2 3 ? parallel      
B 3 4 ? anti-parallel 
# 
loop_
_struct_sheet_range.sheet_id 
_struct_sheet_range.id 
_struct_sheet_range.beg_label_comp_id 
_struct_sheet_range.beg_label_asym_id 
_struct_sheet_range.beg_label_seq_id 
_struct_sheet_range.pdbx_beg_PDB_ins_code 
_struct_sheet_range.end_label_comp_id 
_struct_sheet_range.end_label_asym_id 
_struct_sheet_range.end_label_seq_id 
_struct_sheet_range.pdbx_end_PDB_ins_code 
_struct_sheet_range.beg_auth_comp_id 
_struct_sheet_range.beg_auth_asym_id 
_struct_sheet_range.beg_auth_seq_id 
_struct_sheet_range.end_auth_comp_id 
_struct_sheet_range.end_auth_asym_id 
_struct_sheet_range.end_auth_seq_id 
A 1 ARG A 10 ? LEU A 15 ? ARG A 10 LEU A 15 
A 2 VAL A 41 ? THR A 48 ? VAL A 41 THR A 48 
A 3 TYR A 81 ? SER A 90 ? TYR A 81 SER A 90 
A 4 VAL A 69 ? PRO A 73 ? VAL A 69 PRO A 73 
B 1 ARG A 10 ? LEU A 15 ? ARG A 10 LEU A 15 
B 2 VAL A 41 ? THR A 48 ? VAL A 41 THR A 48 
B 3 TYR A 81 ? SER A 90 ? TYR A 81 SER A 90 
B 4 GLU A 77 ? PHE A 78 ? GLU A 77 PHE A 78 
# 
loop_
_pdbx_struct_sheet_hbond.sheet_id 
_pdbx_struct_sheet_hbond.range_id_1 
_pdbx_struct_sheet_hbond.range_id_2 
_pdbx_struct_sheet_hbond.range_1_label_atom_id 
_pdbx_struct_sheet_hbond.range_1_label_comp_id 
_pdbx_struct_sheet_hbond.range_1_label_asym_id 
_pdbx_struct_sheet_hbond.range_1_label_seq_id 
_pdbx_struct_sheet_hbond.range_1_PDB_ins_code 
_pdbx_struct_sheet_hbond.range_1_auth_atom_id 
_pdbx_struct_sheet_hbond.range_1_auth_comp_id 
_pdbx_struct_sheet_hbond.range_1_auth_asym_id 
_pdbx_struct_sheet_hbond.range_1_auth_seq_id 
_pdbx_struct_sheet_hbond.range_2_label_atom_id 
_pdbx_struct_sheet_hbond.range_2_label_comp_id 
_pdbx_struct_sheet_hbond.range_2_label_asym_id 
_pdbx_struct_sheet_hbond.range_2_label_seq_id 
_pdbx_struct_sheet_hbond.range_2_PDB_ins_code 
_pdbx_struct_sheet_hbond.range_2_auth_atom_id 
_pdbx_struct_sheet_hbond.range_2_auth_comp_id 
_pdbx_struct_sheet_hbond.range_2_auth_asym_id 
_pdbx_struct_sheet_hbond.range_2_auth_seq_id 
A 1 2 N LYS A 14 ? N LYS A 14 O VAL A 45 ? O VAL A 45 
A 2 3 N THR A 48 ? N THR A 48 O ILE A 89 ? O ILE A 89 
A 3 4 O ASP A 86 ? O ASP A 86 N PHE A 72 ? N PHE A 72 
B 1 2 N LYS A 14 ? N LYS A 14 O VAL A 45 ? O VAL A 45 
B 2 3 N THR A 48 ? N THR A 48 O ILE A 89 ? O ILE A 89 
B 3 4 O TYR A 81 ? O TYR A 81 N PHE A 78 ? N PHE A 78 
# 
loop_
_pdbx_validate_close_contact.id 
_pdbx_validate_close_contact.PDB_model_num 
_pdbx_validate_close_contact.auth_atom_id_1 
_pdbx_validate_close_contact.auth_asym_id_1 
_pdbx_validate_close_contact.auth_comp_id_1 
_pdbx_validate_close_contact.auth_seq_id_1 
_pdbx_validate_close_contact.PDB_ins_code_1 
_pdbx_validate_close_contact.label_alt_id_1 
_pdbx_validate_close_contact.auth_atom_id_2 
_pdbx_validate_close_contact.auth_asym_id_2 
_pdbx_validate_close_contact.auth_comp_id_2 
_pdbx_validate_close_contact.auth_seq_id_2 
_pdbx_validate_close_contact.PDB_ins_code_2 
_pdbx_validate_close_contact.label_alt_id_2 
_pdbx_validate_close_contact.dist 
1 1 NH2 A ARG 61  ? ? O A HOH 159 ? ? 1.36 
2 1 O   A HOH 157 ? ? O A HOH 199 ? ? 1.47 
3 1 O   A HOH 173 ? ? O A HOH 199 ? ? 2.18 
# 
loop_
_pdbx_validate_symm_contact.id 
_pdbx_validate_symm_contact.PDB_model_num 
_pdbx_validate_symm_contact.auth_atom_id_1 
_pdbx_validate_symm_contact.auth_asym_id_1 
_pdbx_validate_symm_contact.auth_comp_id_1 
_pdbx_validate_symm_contact.auth_seq_id_1 
_pdbx_validate_symm_contact.PDB_ins_code_1 
_pdbx_validate_symm_contact.label_alt_id_1 
_pdbx_validate_symm_contact.site_symmetry_1 
_pdbx_validate_symm_contact.auth_atom_id_2 
_pdbx_validate_symm_contact.auth_asym_id_2 
_pdbx_validate_symm_contact.auth_comp_id_2 
_pdbx_validate_symm_contact.auth_seq_id_2 
_pdbx_validate_symm_contact.PDB_ins_code_2 
_pdbx_validate_symm_contact.label_alt_id_2 
_pdbx_validate_symm_contact.site_symmetry_2 
_pdbx_validate_symm_contact.dist 
1 1 NH2 A ARG 18 ? ? 1_555 O A HOH 198 ? ? 5_645 1.81 
2 1 NE  A ARG 18 ? ? 1_555 O A HOH 198 ? ? 5_645 1.84 
3 1 NZ  A LYS 17 ? ? 1_555 O A HOH 195 ? ? 5_645 1.96 
4 1 CZ  A ARG 18 ? ? 1_555 O A HOH 198 ? ? 5_645 2.08 
# 
loop_
_pdbx_validate_torsion.id 
_pdbx_validate_torsion.PDB_model_num 
_pdbx_validate_torsion.auth_comp_id 
_pdbx_validate_torsion.auth_asym_id 
_pdbx_validate_torsion.auth_seq_id 
_pdbx_validate_torsion.PDB_ins_code 
_pdbx_validate_torsion.label_alt_id 
_pdbx_validate_torsion.phi 
_pdbx_validate_torsion.psi 
1 1 THR A 48 ? ? -130.70 -156.93 
2 1 MET A 74 ? ? -114.28 -87.91  
# 
_pdbx_SG_project.id                    1 
_pdbx_SG_project.project_name          'PSI, Protein Structure Initiative' 
_pdbx_SG_project.full_name_of_center   'Berkeley Structural Genomics Center' 
_pdbx_SG_project.initial_of_center     BSGC 
# 
_pdbx_refine_tls.id               1 
_pdbx_refine_tls.details          ? 
_pdbx_refine_tls.method           refined 
_pdbx_refine_tls.origin_x         -0.1005 
_pdbx_refine_tls.origin_y         0.3021 
_pdbx_refine_tls.origin_z         -0.2955 
_pdbx_refine_tls.T[1][1]          0.0051 
_pdbx_refine_tls.T[2][2]          0.1223 
_pdbx_refine_tls.T[3][3]          0.0325 
_pdbx_refine_tls.T[1][2]          -0.0049 
_pdbx_refine_tls.T[1][3]          -0.0120 
_pdbx_refine_tls.T[2][3]          -0.0111 
_pdbx_refine_tls.L[1][1]          3.5163 
_pdbx_refine_tls.L[2][2]          1.5642 
_pdbx_refine_tls.L[3][3]          4.8441 
_pdbx_refine_tls.L[1][2]          0.0829 
_pdbx_refine_tls.L[1][3]          -0.1969 
_pdbx_refine_tls.L[2][3]          -0.6714 
_pdbx_refine_tls.S[1][1]          -0.0608 
_pdbx_refine_tls.S[1][2]          0.2291 
_pdbx_refine_tls.S[1][3]          0.0384 
_pdbx_refine_tls.S[2][1]          -0.0447 
_pdbx_refine_tls.S[2][2]          0.0385 
_pdbx_refine_tls.S[2][3]          -0.1482 
_pdbx_refine_tls.S[3][1]          -0.1426 
_pdbx_refine_tls.S[3][2]          0.1617 
_pdbx_refine_tls.S[3][3]          0.0223 
_pdbx_refine_tls.pdbx_refine_id   'X-RAY DIFFRACTION' 
# 
_pdbx_refine_tls_group.id                  1 
_pdbx_refine_tls_group.refine_tls_id       1 
_pdbx_refine_tls_group.beg_label_asym_id   A 
_pdbx_refine_tls_group.beg_label_seq_id    8 
_pdbx_refine_tls_group.beg_auth_seq_id     8 
_pdbx_refine_tls_group.end_label_asym_id   A 
_pdbx_refine_tls_group.end_label_seq_id    148 
_pdbx_refine_tls_group.end_auth_seq_id     148 
_pdbx_refine_tls_group.selection           ? 
_pdbx_refine_tls_group.beg_auth_asym_id    A 
_pdbx_refine_tls_group.end_auth_asym_id    A 
_pdbx_refine_tls_group.pdbx_refine_id      'X-RAY DIFFRACTION' 
_pdbx_refine_tls_group.selection_details   ? 
# 
loop_
_pdbx_unobs_or_zero_occ_residues.id 
_pdbx_unobs_or_zero_occ_residues.PDB_model_num 
_pdbx_unobs_or_zero_occ_residues.polymer_flag 
_pdbx_unobs_or_zero_occ_residues.occupancy_flag 
_pdbx_unobs_or_zero_occ_residues.auth_asym_id 
_pdbx_unobs_or_zero_occ_residues.auth_comp_id 
_pdbx_unobs_or_zero_occ_residues.auth_seq_id 
_pdbx_unobs_or_zero_occ_residues.PDB_ins_code 
_pdbx_unobs_or_zero_occ_residues.label_asym_id 
_pdbx_unobs_or_zero_occ_residues.label_comp_id 
_pdbx_unobs_or_zero_occ_residues.label_seq_id 
1 1 Y 1 A MET 1   ? A MET 1   
2 1 Y 1 A SER 2   ? A SER 2   
3 1 Y 1 A SER 3   ? A SER 3   
4 1 Y 1 A THR 4   ? A THR 4   
5 1 Y 1 A LYS 5   ? A LYS 5   
6 1 Y 1 A ARG 6   ? A ARG 6   
7 1 Y 1 A GLN 7   ? A GLN 7   
8 1 Y 1 A ALA 149 ? A ALA 149 
9 1 Y 1 A LEU 150 ? A LEU 150 
# 
loop_
_chem_comp_atom.comp_id 
_chem_comp_atom.atom_id 
_chem_comp_atom.type_symbol 
_chem_comp_atom.pdbx_aromatic_flag 
_chem_comp_atom.pdbx_stereo_config 
_chem_comp_atom.pdbx_ordinal 
ALA N    N N N 1   
ALA CA   C N S 2   
ALA C    C N N 3   
ALA O    O N N 4   
ALA CB   C N N 5   
ALA OXT  O N N 6   
ALA H    H N N 7   
ALA H2   H N N 8   
ALA HA   H N N 9   
ALA HB1  H N N 10  
ALA HB2  H N N 11  
ALA HB3  H N N 12  
ALA HXT  H N N 13  
ARG N    N N N 14  
ARG CA   C N S 15  
ARG C    C N N 16  
ARG O    O N N 17  
ARG CB   C N N 18  
ARG CG   C N N 19  
ARG CD   C N N 20  
ARG NE   N N N 21  
ARG CZ   C N N 22  
ARG NH1  N N N 23  
ARG NH2  N N N 24  
ARG OXT  O N N 25  
ARG H    H N N 26  
ARG H2   H N N 27  
ARG HA   H N N 28  
ARG HB2  H N N 29  
ARG HB3  H N N 30  
ARG HG2  H N N 31  
ARG HG3  H N N 32  
ARG HD2  H N N 33  
ARG HD3  H N N 34  
ARG HE   H N N 35  
ARG HH11 H N N 36  
ARG HH12 H N N 37  
ARG HH21 H N N 38  
ARG HH22 H N N 39  
ARG HXT  H N N 40  
ASN N    N N N 41  
ASN CA   C N S 42  
ASN C    C N N 43  
ASN O    O N N 44  
ASN CB   C N N 45  
ASN CG   C N N 46  
ASN OD1  O N N 47  
ASN ND2  N N N 48  
ASN OXT  O N N 49  
ASN H    H N N 50  
ASN H2   H N N 51  
ASN HA   H N N 52  
ASN HB2  H N N 53  
ASN HB3  H N N 54  
ASN HD21 H N N 55  
ASN HD22 H N N 56  
ASN HXT  H N N 57  
ASP N    N N N 58  
ASP CA   C N S 59  
ASP C    C N N 60  
ASP O    O N N 61  
ASP CB   C N N 62  
ASP CG   C N N 63  
ASP OD1  O N N 64  
ASP OD2  O N N 65  
ASP OXT  O N N 66  
ASP H    H N N 67  
ASP H2   H N N 68  
ASP HA   H N N 69  
ASP HB2  H N N 70  
ASP HB3  H N N 71  
ASP HD2  H N N 72  
ASP HXT  H N N 73  
GLN N    N N N 74  
GLN CA   C N S 75  
GLN C    C N N 76  
GLN O    O N N 77  
GLN CB   C N N 78  
GLN CG   C N N 79  
GLN CD   C N N 80  
GLN OE1  O N N 81  
GLN NE2  N N N 82  
GLN OXT  O N N 83  
GLN H    H N N 84  
GLN H2   H N N 85  
GLN HA   H N N 86  
GLN HB2  H N N 87  
GLN HB3  H N N 88  
GLN HG2  H N N 89  
GLN HG3  H N N 90  
GLN HE21 H N N 91  
GLN HE22 H N N 92  
GLN HXT  H N N 93  
GLU N    N N N 94  
GLU CA   C N S 95  
GLU C    C N N 96  
GLU O    O N N 97  
GLU CB   C N N 98  
GLU CG   C N N 99  
GLU CD   C N N 100 
GLU OE1  O N N 101 
GLU OE2  O N N 102 
GLU OXT  O N N 103 
GLU H    H N N 104 
GLU H2   H N N 105 
GLU HA   H N N 106 
GLU HB2  H N N 107 
GLU HB3  H N N 108 
GLU HG2  H N N 109 
GLU HG3  H N N 110 
GLU HE2  H N N 111 
GLU HXT  H N N 112 
GLY N    N N N 113 
GLY CA   C N N 114 
GLY C    C N N 115 
GLY O    O N N 116 
GLY OXT  O N N 117 
GLY H    H N N 118 
GLY H2   H N N 119 
GLY HA2  H N N 120 
GLY HA3  H N N 121 
GLY HXT  H N N 122 
HIS N    N N N 123 
HIS CA   C N S 124 
HIS C    C N N 125 
HIS O    O N N 126 
HIS CB   C N N 127 
HIS CG   C Y N 128 
HIS ND1  N Y N 129 
HIS CD2  C Y N 130 
HIS CE1  C Y N 131 
HIS NE2  N Y N 132 
HIS OXT  O N N 133 
HIS H    H N N 134 
HIS H2   H N N 135 
HIS HA   H N N 136 
HIS HB2  H N N 137 
HIS HB3  H N N 138 
HIS HD1  H N N 139 
HIS HD2  H N N 140 
HIS HE1  H N N 141 
HIS HE2  H N N 142 
HIS HXT  H N N 143 
HOH O    O N N 144 
HOH H1   H N N 145 
HOH H2   H N N 146 
ILE N    N N N 147 
ILE CA   C N S 148 
ILE C    C N N 149 
ILE O    O N N 150 
ILE CB   C N S 151 
ILE CG1  C N N 152 
ILE CG2  C N N 153 
ILE CD1  C N N 154 
ILE OXT  O N N 155 
ILE H    H N N 156 
ILE H2   H N N 157 
ILE HA   H N N 158 
ILE HB   H N N 159 
ILE HG12 H N N 160 
ILE HG13 H N N 161 
ILE HG21 H N N 162 
ILE HG22 H N N 163 
ILE HG23 H N N 164 
ILE HD11 H N N 165 
ILE HD12 H N N 166 
ILE HD13 H N N 167 
ILE HXT  H N N 168 
LEU N    N N N 169 
LEU CA   C N S 170 
LEU C    C N N 171 
LEU O    O N N 172 
LEU CB   C N N 173 
LEU CG   C N N 174 
LEU CD1  C N N 175 
LEU CD2  C N N 176 
LEU OXT  O N N 177 
LEU H    H N N 178 
LEU H2   H N N 179 
LEU HA   H N N 180 
LEU HB2  H N N 181 
LEU HB3  H N N 182 
LEU HG   H N N 183 
LEU HD11 H N N 184 
LEU HD12 H N N 185 
LEU HD13 H N N 186 
LEU HD21 H N N 187 
LEU HD22 H N N 188 
LEU HD23 H N N 189 
LEU HXT  H N N 190 
LYS N    N N N 191 
LYS CA   C N S 192 
LYS C    C N N 193 
LYS O    O N N 194 
LYS CB   C N N 195 
LYS CG   C N N 196 
LYS CD   C N N 197 
LYS CE   C N N 198 
LYS NZ   N N N 199 
LYS OXT  O N N 200 
LYS H    H N N 201 
LYS H2   H N N 202 
LYS HA   H N N 203 
LYS HB2  H N N 204 
LYS HB3  H N N 205 
LYS HG2  H N N 206 
LYS HG3  H N N 207 
LYS HD2  H N N 208 
LYS HD3  H N N 209 
LYS HE2  H N N 210 
LYS HE3  H N N 211 
LYS HZ1  H N N 212 
LYS HZ2  H N N 213 
LYS HZ3  H N N 214 
LYS HXT  H N N 215 
MET N    N N N 216 
MET CA   C N S 217 
MET C    C N N 218 
MET O    O N N 219 
MET CB   C N N 220 
MET CG   C N N 221 
MET SD   S N N 222 
MET CE   C N N 223 
MET OXT  O N N 224 
MET H    H N N 225 
MET H2   H N N 226 
MET HA   H N N 227 
MET HB2  H N N 228 
MET HB3  H N N 229 
MET HG2  H N N 230 
MET HG3  H N N 231 
MET HE1  H N N 232 
MET HE2  H N N 233 
MET HE3  H N N 234 
MET HXT  H N N 235 
PHE N    N N N 236 
PHE CA   C N S 237 
PHE C    C N N 238 
PHE O    O N N 239 
PHE CB   C N N 240 
PHE CG   C Y N 241 
PHE CD1  C Y N 242 
PHE CD2  C Y N 243 
PHE CE1  C Y N 244 
PHE CE2  C Y N 245 
PHE CZ   C Y N 246 
PHE OXT  O N N 247 
PHE H    H N N 248 
PHE H2   H N N 249 
PHE HA   H N N 250 
PHE HB2  H N N 251 
PHE HB3  H N N 252 
PHE HD1  H N N 253 
PHE HD2  H N N 254 
PHE HE1  H N N 255 
PHE HE2  H N N 256 
PHE HZ   H N N 257 
PHE HXT  H N N 258 
PRO N    N N N 259 
PRO CA   C N S 260 
PRO C    C N N 261 
PRO O    O N N 262 
PRO CB   C N N 263 
PRO CG   C N N 264 
PRO CD   C N N 265 
PRO OXT  O N N 266 
PRO H    H N N 267 
PRO HA   H N N 268 
PRO HB2  H N N 269 
PRO HB3  H N N 270 
PRO HG2  H N N 271 
PRO HG3  H N N 272 
PRO HD2  H N N 273 
PRO HD3  H N N 274 
PRO HXT  H N N 275 
SER N    N N N 276 
SER CA   C N S 277 
SER C    C N N 278 
SER O    O N N 279 
SER CB   C N N 280 
SER OG   O N N 281 
SER OXT  O N N 282 
SER H    H N N 283 
SER H2   H N N 284 
SER HA   H N N 285 
SER HB2  H N N 286 
SER HB3  H N N 287 
SER HG   H N N 288 
SER HXT  H N N 289 
THR N    N N N 290 
THR CA   C N S 291 
THR C    C N N 292 
THR O    O N N 293 
THR CB   C N R 294 
THR OG1  O N N 295 
THR CG2  C N N 296 
THR OXT  O N N 297 
THR H    H N N 298 
THR H2   H N N 299 
THR HA   H N N 300 
THR HB   H N N 301 
THR HG1  H N N 302 
THR HG21 H N N 303 
THR HG22 H N N 304 
THR HG23 H N N 305 
THR HXT  H N N 306 
TRP N    N N N 307 
TRP CA   C N S 308 
TRP C    C N N 309 
TRP O    O N N 310 
TRP CB   C N N 311 
TRP CG   C Y N 312 
TRP CD1  C Y N 313 
TRP CD2  C Y N 314 
TRP NE1  N Y N 315 
TRP CE2  C Y N 316 
TRP CE3  C Y N 317 
TRP CZ2  C Y N 318 
TRP CZ3  C Y N 319 
TRP CH2  C Y N 320 
TRP OXT  O N N 321 
TRP H    H N N 322 
TRP H2   H N N 323 
TRP HA   H N N 324 
TRP HB2  H N N 325 
TRP HB3  H N N 326 
TRP HD1  H N N 327 
TRP HE1  H N N 328 
TRP HE3  H N N 329 
TRP HZ2  H N N 330 
TRP HZ3  H N N 331 
TRP HH2  H N N 332 
TRP HXT  H N N 333 
TYR N    N N N 334 
TYR CA   C N S 335 
TYR C    C N N 336 
TYR O    O N N 337 
TYR CB   C N N 338 
TYR CG   C Y N 339 
TYR CD1  C Y N 340 
TYR CD2  C Y N 341 
TYR CE1  C Y N 342 
TYR CE2  C Y N 343 
TYR CZ   C Y N 344 
TYR OH   O N N 345 
TYR OXT  O N N 346 
TYR H    H N N 347 
TYR H2   H N N 348 
TYR HA   H N N 349 
TYR HB2  H N N 350 
TYR HB3  H N N 351 
TYR HD1  H N N 352 
TYR HD2  H N N 353 
TYR HE1  H N N 354 
TYR HE2  H N N 355 
TYR HH   H N N 356 
TYR HXT  H N N 357 
VAL N    N N N 358 
VAL CA   C N S 359 
VAL C    C N N 360 
VAL O    O N N 361 
VAL CB   C N N 362 
VAL CG1  C N N 363 
VAL CG2  C N N 364 
VAL OXT  O N N 365 
VAL H    H N N 366 
VAL H2   H N N 367 
VAL HA   H N N 368 
VAL HB   H N N 369 
VAL HG11 H N N 370 
VAL HG12 H N N 371 
VAL HG13 H N N 372 
VAL HG21 H N N 373 
VAL HG22 H N N 374 
VAL HG23 H N N 375 
VAL HXT  H N N 376 
# 
loop_
_chem_comp_bond.comp_id 
_chem_comp_bond.atom_id_1 
_chem_comp_bond.atom_id_2 
_chem_comp_bond.value_order 
_chem_comp_bond.pdbx_aromatic_flag 
_chem_comp_bond.pdbx_stereo_config 
_chem_comp_bond.pdbx_ordinal 
ALA N   CA   sing N N 1   
ALA N   H    sing N N 2   
ALA N   H2   sing N N 3   
ALA CA  C    sing N N 4   
ALA CA  CB   sing N N 5   
ALA CA  HA   sing N N 6   
ALA C   O    doub N N 7   
ALA C   OXT  sing N N 8   
ALA CB  HB1  sing N N 9   
ALA CB  HB2  sing N N 10  
ALA CB  HB3  sing N N 11  
ALA OXT HXT  sing N N 12  
ARG N   CA   sing N N 13  
ARG N   H    sing N N 14  
ARG N   H2   sing N N 15  
ARG CA  C    sing N N 16  
ARG CA  CB   sing N N 17  
ARG CA  HA   sing N N 18  
ARG C   O    doub N N 19  
ARG C   OXT  sing N N 20  
ARG CB  CG   sing N N 21  
ARG CB  HB2  sing N N 22  
ARG CB  HB3  sing N N 23  
ARG CG  CD   sing N N 24  
ARG CG  HG2  sing N N 25  
ARG CG  HG3  sing N N 26  
ARG CD  NE   sing N N 27  
ARG CD  HD2  sing N N 28  
ARG CD  HD3  sing N N 29  
ARG NE  CZ   sing N N 30  
ARG NE  HE   sing N N 31  
ARG CZ  NH1  sing N N 32  
ARG CZ  NH2  doub N N 33  
ARG NH1 HH11 sing N N 34  
ARG NH1 HH12 sing N N 35  
ARG NH2 HH21 sing N N 36  
ARG NH2 HH22 sing N N 37  
ARG OXT HXT  sing N N 38  
ASN N   CA   sing N N 39  
ASN N   H    sing N N 40  
ASN N   H2   sing N N 41  
ASN CA  C    sing N N 42  
ASN CA  CB   sing N N 43  
ASN CA  HA   sing N N 44  
ASN C   O    doub N N 45  
ASN C   OXT  sing N N 46  
ASN CB  CG   sing N N 47  
ASN CB  HB2  sing N N 48  
ASN CB  HB3  sing N N 49  
ASN CG  OD1  doub N N 50  
ASN CG  ND2  sing N N 51  
ASN ND2 HD21 sing N N 52  
ASN ND2 HD22 sing N N 53  
ASN OXT HXT  sing N N 54  
ASP N   CA   sing N N 55  
ASP N   H    sing N N 56  
ASP N   H2   sing N N 57  
ASP CA  C    sing N N 58  
ASP CA  CB   sing N N 59  
ASP CA  HA   sing N N 60  
ASP C   O    doub N N 61  
ASP C   OXT  sing N N 62  
ASP CB  CG   sing N N 63  
ASP CB  HB2  sing N N 64  
ASP CB  HB3  sing N N 65  
ASP CG  OD1  doub N N 66  
ASP CG  OD2  sing N N 67  
ASP OD2 HD2  sing N N 68  
ASP OXT HXT  sing N N 69  
GLN N   CA   sing N N 70  
GLN N   H    sing N N 71  
GLN N   H2   sing N N 72  
GLN CA  C    sing N N 73  
GLN CA  CB   sing N N 74  
GLN CA  HA   sing N N 75  
GLN C   O    doub N N 76  
GLN C   OXT  sing N N 77  
GLN CB  CG   sing N N 78  
GLN CB  HB2  sing N N 79  
GLN CB  HB3  sing N N 80  
GLN CG  CD   sing N N 81  
GLN CG  HG2  sing N N 82  
GLN CG  HG3  sing N N 83  
GLN CD  OE1  doub N N 84  
GLN CD  NE2  sing N N 85  
GLN NE2 HE21 sing N N 86  
GLN NE2 HE22 sing N N 87  
GLN OXT HXT  sing N N 88  
GLU N   CA   sing N N 89  
GLU N   H    sing N N 90  
GLU N   H2   sing N N 91  
GLU CA  C    sing N N 92  
GLU CA  CB   sing N N 93  
GLU CA  HA   sing N N 94  
GLU C   O    doub N N 95  
GLU C   OXT  sing N N 96  
GLU CB  CG   sing N N 97  
GLU CB  HB2  sing N N 98  
GLU CB  HB3  sing N N 99  
GLU CG  CD   sing N N 100 
GLU CG  HG2  sing N N 101 
GLU CG  HG3  sing N N 102 
GLU CD  OE1  doub N N 103 
GLU CD  OE2  sing N N 104 
GLU OE2 HE2  sing N N 105 
GLU OXT HXT  sing N N 106 
GLY N   CA   sing N N 107 
GLY N   H    sing N N 108 
GLY N   H2   sing N N 109 
GLY CA  C    sing N N 110 
GLY CA  HA2  sing N N 111 
GLY CA  HA3  sing N N 112 
GLY C   O    doub N N 113 
GLY C   OXT  sing N N 114 
GLY OXT HXT  sing N N 115 
HIS N   CA   sing N N 116 
HIS N   H    sing N N 117 
HIS N   H2   sing N N 118 
HIS CA  C    sing N N 119 
HIS CA  CB   sing N N 120 
HIS CA  HA   sing N N 121 
HIS C   O    doub N N 122 
HIS C   OXT  sing N N 123 
HIS CB  CG   sing N N 124 
HIS CB  HB2  sing N N 125 
HIS CB  HB3  sing N N 126 
HIS CG  ND1  sing Y N 127 
HIS CG  CD2  doub Y N 128 
HIS ND1 CE1  doub Y N 129 
HIS ND1 HD1  sing N N 130 
HIS CD2 NE2  sing Y N 131 
HIS CD2 HD2  sing N N 132 
HIS CE1 NE2  sing Y N 133 
HIS CE1 HE1  sing N N 134 
HIS NE2 HE2  sing N N 135 
HIS OXT HXT  sing N N 136 
HOH O   H1   sing N N 137 
HOH O   H2   sing N N 138 
ILE N   CA   sing N N 139 
ILE N   H    sing N N 140 
ILE N   H2   sing N N 141 
ILE CA  C    sing N N 142 
ILE CA  CB   sing N N 143 
ILE CA  HA   sing N N 144 
ILE C   O    doub N N 145 
ILE C   OXT  sing N N 146 
ILE CB  CG1  sing N N 147 
ILE CB  CG2  sing N N 148 
ILE CB  HB   sing N N 149 
ILE CG1 CD1  sing N N 150 
ILE CG1 HG12 sing N N 151 
ILE CG1 HG13 sing N N 152 
ILE CG2 HG21 sing N N 153 
ILE CG2 HG22 sing N N 154 
ILE CG2 HG23 sing N N 155 
ILE CD1 HD11 sing N N 156 
ILE CD1 HD12 sing N N 157 
ILE CD1 HD13 sing N N 158 
ILE OXT HXT  sing N N 159 
LEU N   CA   sing N N 160 
LEU N   H    sing N N 161 
LEU N   H2   sing N N 162 
LEU CA  C    sing N N 163 
LEU CA  CB   sing N N 164 
LEU CA  HA   sing N N 165 
LEU C   O    doub N N 166 
LEU C   OXT  sing N N 167 
LEU CB  CG   sing N N 168 
LEU CB  HB2  sing N N 169 
LEU CB  HB3  sing N N 170 
LEU CG  CD1  sing N N 171 
LEU CG  CD2  sing N N 172 
LEU CG  HG   sing N N 173 
LEU CD1 HD11 sing N N 174 
LEU CD1 HD12 sing N N 175 
LEU CD1 HD13 sing N N 176 
LEU CD2 HD21 sing N N 177 
LEU CD2 HD22 sing N N 178 
LEU CD2 HD23 sing N N 179 
LEU OXT HXT  sing N N 180 
LYS N   CA   sing N N 181 
LYS N   H    sing N N 182 
LYS N   H2   sing N N 183 
LYS CA  C    sing N N 184 
LYS CA  CB   sing N N 185 
LYS CA  HA   sing N N 186 
LYS C   O    doub N N 187 
LYS C   OXT  sing N N 188 
LYS CB  CG   sing N N 189 
LYS CB  HB2  sing N N 190 
LYS CB  HB3  sing N N 191 
LYS CG  CD   sing N N 192 
LYS CG  HG2  sing N N 193 
LYS CG  HG3  sing N N 194 
LYS CD  CE   sing N N 195 
LYS CD  HD2  sing N N 196 
LYS CD  HD3  sing N N 197 
LYS CE  NZ   sing N N 198 
LYS CE  HE2  sing N N 199 
LYS CE  HE3  sing N N 200 
LYS NZ  HZ1  sing N N 201 
LYS NZ  HZ2  sing N N 202 
LYS NZ  HZ3  sing N N 203 
LYS OXT HXT  sing N N 204 
MET N   CA   sing N N 205 
MET N   H    sing N N 206 
MET N   H2   sing N N 207 
MET CA  C    sing N N 208 
MET CA  CB   sing N N 209 
MET CA  HA   sing N N 210 
MET C   O    doub N N 211 
MET C   OXT  sing N N 212 
MET CB  CG   sing N N 213 
MET CB  HB2  sing N N 214 
MET CB  HB3  sing N N 215 
MET CG  SD   sing N N 216 
MET CG  HG2  sing N N 217 
MET CG  HG3  sing N N 218 
MET SD  CE   sing N N 219 
MET CE  HE1  sing N N 220 
MET CE  HE2  sing N N 221 
MET CE  HE3  sing N N 222 
MET OXT HXT  sing N N 223 
PHE N   CA   sing N N 224 
PHE N   H    sing N N 225 
PHE N   H2   sing N N 226 
PHE CA  C    sing N N 227 
PHE CA  CB   sing N N 228 
PHE CA  HA   sing N N 229 
PHE C   O    doub N N 230 
PHE C   OXT  sing N N 231 
PHE CB  CG   sing N N 232 
PHE CB  HB2  sing N N 233 
PHE CB  HB3  sing N N 234 
PHE CG  CD1  doub Y N 235 
PHE CG  CD2  sing Y N 236 
PHE CD1 CE1  sing Y N 237 
PHE CD1 HD1  sing N N 238 
PHE CD2 CE2  doub Y N 239 
PHE CD2 HD2  sing N N 240 
PHE CE1 CZ   doub Y N 241 
PHE CE1 HE1  sing N N 242 
PHE CE2 CZ   sing Y N 243 
PHE CE2 HE2  sing N N 244 
PHE CZ  HZ   sing N N 245 
PHE OXT HXT  sing N N 246 
PRO N   CA   sing N N 247 
PRO N   CD   sing N N 248 
PRO N   H    sing N N 249 
PRO CA  C    sing N N 250 
PRO CA  CB   sing N N 251 
PRO CA  HA   sing N N 252 
PRO C   O    doub N N 253 
PRO C   OXT  sing N N 254 
PRO CB  CG   sing N N 255 
PRO CB  HB2  sing N N 256 
PRO CB  HB3  sing N N 257 
PRO CG  CD   sing N N 258 
PRO CG  HG2  sing N N 259 
PRO CG  HG3  sing N N 260 
PRO CD  HD2  sing N N 261 
PRO CD  HD3  sing N N 262 
PRO OXT HXT  sing N N 263 
SER N   CA   sing N N 264 
SER N   H    sing N N 265 
SER N   H2   sing N N 266 
SER CA  C    sing N N 267 
SER CA  CB   sing N N 268 
SER CA  HA   sing N N 269 
SER C   O    doub N N 270 
SER C   OXT  sing N N 271 
SER CB  OG   sing N N 272 
SER CB  HB2  sing N N 273 
SER CB  HB3  sing N N 274 
SER OG  HG   sing N N 275 
SER OXT HXT  sing N N 276 
THR N   CA   sing N N 277 
THR N   H    sing N N 278 
THR N   H2   sing N N 279 
THR CA  C    sing N N 280 
THR CA  CB   sing N N 281 
THR CA  HA   sing N N 282 
THR C   O    doub N N 283 
THR C   OXT  sing N N 284 
THR CB  OG1  sing N N 285 
THR CB  CG2  sing N N 286 
THR CB  HB   sing N N 287 
THR OG1 HG1  sing N N 288 
THR CG2 HG21 sing N N 289 
THR CG2 HG22 sing N N 290 
THR CG2 HG23 sing N N 291 
THR OXT HXT  sing N N 292 
TRP N   CA   sing N N 293 
TRP N   H    sing N N 294 
TRP N   H2   sing N N 295 
TRP CA  C    sing N N 296 
TRP CA  CB   sing N N 297 
TRP CA  HA   sing N N 298 
TRP C   O    doub N N 299 
TRP C   OXT  sing N N 300 
TRP CB  CG   sing N N 301 
TRP CB  HB2  sing N N 302 
TRP CB  HB3  sing N N 303 
TRP CG  CD1  doub Y N 304 
TRP CG  CD2  sing Y N 305 
TRP CD1 NE1  sing Y N 306 
TRP CD1 HD1  sing N N 307 
TRP CD2 CE2  doub Y N 308 
TRP CD2 CE3  sing Y N 309 
TRP NE1 CE2  sing Y N 310 
TRP NE1 HE1  sing N N 311 
TRP CE2 CZ2  sing Y N 312 
TRP CE3 CZ3  doub Y N 313 
TRP CE3 HE3  sing N N 314 
TRP CZ2 CH2  doub Y N 315 
TRP CZ2 HZ2  sing N N 316 
TRP CZ3 CH2  sing Y N 317 
TRP CZ3 HZ3  sing N N 318 
TRP CH2 HH2  sing N N 319 
TRP OXT HXT  sing N N 320 
TYR N   CA   sing N N 321 
TYR N   H    sing N N 322 
TYR N   H2   sing N N 323 
TYR CA  C    sing N N 324 
TYR CA  CB   sing N N 325 
TYR CA  HA   sing N N 326 
TYR C   O    doub N N 327 
TYR C   OXT  sing N N 328 
TYR CB  CG   sing N N 329 
TYR CB  HB2  sing N N 330 
TYR CB  HB3  sing N N 331 
TYR CG  CD1  doub Y N 332 
TYR CG  CD2  sing Y N 333 
TYR CD1 CE1  sing Y N 334 
TYR CD1 HD1  sing N N 335 
TYR CD2 CE2  doub Y N 336 
TYR CD2 HD2  sing N N 337 
TYR CE1 CZ   doub Y N 338 
TYR CE1 HE1  sing N N 339 
TYR CE2 CZ   sing Y N 340 
TYR CE2 HE2  sing N N 341 
TYR CZ  OH   sing N N 342 
TYR OH  HH   sing N N 343 
TYR OXT HXT  sing N N 344 
VAL N   CA   sing N N 345 
VAL N   H    sing N N 346 
VAL N   H2   sing N N 347 
VAL CA  C    sing N N 348 
VAL CA  CB   sing N N 349 
VAL CA  HA   sing N N 350 
VAL C   O    doub N N 351 
VAL C   OXT  sing N N 352 
VAL CB  CG1  sing N N 353 
VAL CB  CG2  sing N N 354 
VAL CB  HB   sing N N 355 
VAL CG1 HG11 sing N N 356 
VAL CG1 HG12 sing N N 357 
VAL CG1 HG13 sing N N 358 
VAL CG2 HG21 sing N N 359 
VAL CG2 HG22 sing N N 360 
VAL CG2 HG23 sing N N 361 
VAL OXT HXT  sing N N 362 
# 
_atom_sites.entry_id                    1OZ9 
_atom_sites.fract_transf_matrix[1][1]   0.00607570 
_atom_sites.fract_transf_matrix[1][2]   0.01458649 
_atom_sites.fract_transf_matrix[1][3]   -0.00688476 
_atom_sites.fract_transf_matrix[2][1]   0.01200892 
_atom_sites.fract_transf_matrix[2][2]   0.00082076 
_atom_sites.fract_transf_matrix[2][3]   0.01233661 
_atom_sites.fract_transf_matrix[3][1]   0.00566642 
_atom_sites.fract_transf_matrix[3][2]   -0.00481259 
_atom_sites.fract_transf_matrix[3][3]   -0.00519572 
_atom_sites.fract_transf_vector[1]      0.821326 
_atom_sites.fract_transf_vector[2]      0.315215 
_atom_sites.fract_transf_vector[3]      0.395949 
# 
loop_
_atom_type.symbol 
C 
N 
O 
S 
# 
loop_
_atom_site.group_PDB 
_atom_site.id 
_atom_site.type_symbol 
_atom_site.label_atom_id 
_atom_site.label_alt_id 
_atom_site.label_comp_id 
_atom_site.label_asym_id 
_atom_site.label_entity_id 
_atom_site.label_seq_id 
_atom_site.pdbx_PDB_ins_code 
_atom_site.Cartn_x 
_atom_site.Cartn_y 
_atom_site.Cartn_z 
_atom_site.occupancy 
_atom_site.B_iso_or_equiv 
_atom_site.pdbx_formal_charge 
_atom_site.auth_seq_id 
_atom_site.auth_comp_id 
_atom_site.auth_asym_id 
_atom_site.auth_atom_id 
_atom_site.pdbx_PDB_model_num 
ATOM   1    N N   . LYS A 1 8   ? -10.910 -10.849 11.888  1.00 24.83 ? 8   LYS A N   1 
ATOM   2    C CA  . LYS A 1 8   ? -9.404  -10.851 12.005  1.00 25.18 ? 8   LYS A CA  1 
ATOM   3    C C   . LYS A 1 8   ? -8.841  -9.440  11.976  1.00 22.62 ? 8   LYS A C   1 
ATOM   4    O O   . LYS A 1 8   ? -8.494  -8.902  13.011  1.00 22.23 ? 8   LYS A O   1 
ATOM   5    C CB  . LYS A 1 8   ? -8.761  -11.684 10.906  1.00 26.91 ? 8   LYS A CB  1 
ATOM   6    C CG  . LYS A 1 8   ? -8.398  -13.101 11.382  1.00 29.27 ? 8   LYS A CG  1 
ATOM   7    C CD  . LYS A 1 8   ? -7.433  -13.020 12.551  1.00 34.75 ? 8   LYS A CD  1 
ATOM   8    C CE  . LYS A 1 8   ? -7.422  -14.317 13.354  1.00 35.93 ? 8   LYS A CE  1 
ATOM   9    N NZ  . LYS A 1 8   ? -6.262  -14.384 14.286  1.00 37.91 ? 8   LYS A NZ  1 
ATOM   10   N N   . ASN A 1 9   ? -8.769  -8.857  10.791  1.00 21.21 ? 9   ASN A N   1 
ATOM   11   C CA  . ASN A 1 9   ? -8.383  -7.457  10.626  1.00 19.79 ? 9   ASN A CA  1 
ATOM   12   C C   . ASN A 1 9   ? -9.480  -6.726  9.885   1.00 19.72 ? 9   ASN A C   1 
ATOM   13   O O   . ASN A 1 9   ? -10.356 -7.339  9.279   1.00 19.78 ? 9   ASN A O   1 
ATOM   14   C CB  . ASN A 1 9   ? -7.072  -7.311  9.850   1.00 19.11 ? 9   ASN A CB  1 
ATOM   15   C CG  . ASN A 1 9   ? -5.934  -7.889  10.606  1.00 19.27 ? 9   ASN A CG  1 
ATOM   16   O OD1 . ASN A 1 9   ? -5.658  -7.490  11.760  1.00 16.80 ? 9   ASN A OD1 1 
ATOM   17   N ND2 . ASN A 1 9   ? -5.298  -8.882  10.015  1.00 17.04 ? 9   ASN A ND2 1 
ATOM   18   N N   . ARG A 1 10  ? -9.457  -5.411  9.938   1.00 18.60 ? 10  ARG A N   1 
ATOM   19   C CA  . ARG A 1 10  ? -10.537 -4.679  9.272   1.00 18.61 ? 10  ARG A CA  1 
ATOM   20   C C   . ARG A 1 10  ? -9.909  -3.935  8.151   1.00 18.20 ? 10  ARG A C   1 
ATOM   21   O O   . ARG A 1 10  ? -9.137  -2.992  8.386   1.00 17.47 ? 10  ARG A O   1 
ATOM   22   C CB  . ARG A 1 10  ? -11.179 -3.689  10.247  1.00 18.12 ? 10  ARG A CB  1 
ATOM   23   C CG  . ARG A 1 10  ? -12.326 -2.876  9.596   1.00 16.41 ? 10  ARG A CG  1 
ATOM   24   C CD  . ARG A 1 10  ? -13.122 -2.184  10.624  1.00 16.27 ? 10  ARG A CD  1 
ATOM   25   N NE  . ARG A 1 10  ? -14.335 -1.480  10.232  1.00 12.60 ? 10  ARG A NE  1 
ATOM   26   C CZ  . ARG A 1 10  ? -14.723 -0.384  10.899  1.00 17.22 ? 10  ARG A CZ  1 
ATOM   27   N NH1 . ARG A 1 10  ? -13.926 0.107   11.851  1.00 15.20 ? 10  ARG A NH1 1 
ATOM   28   N NH2 . ARG A 1 10  ? -15.836 0.244   10.597  1.00 15.15 ? 10  ARG A NH2 1 
ATOM   29   N N   . VAL A 1 11  ? -10.142 -4.404  6.929   1.00 17.81 ? 11  VAL A N   1 
ATOM   30   C CA  . VAL A 1 11  ? -9.590  -3.740  5.762   1.00 18.22 ? 11  VAL A CA  1 
ATOM   31   C C   . VAL A 1 11  ? -10.703 -2.924  5.113   1.00 18.76 ? 11  VAL A C   1 
ATOM   32   O O   . VAL A 1 11  ? -11.763 -3.472  4.778   1.00 17.84 ? 11  VAL A O   1 
ATOM   33   C CB  . VAL A 1 11  ? -8.980  -4.765  4.787   1.00 18.73 ? 11  VAL A CB  1 
ATOM   34   C CG1 . VAL A 1 11  ? -8.550  -4.096  3.496   1.00 19.93 ? 11  VAL A CG1 1 
ATOM   35   C CG2 . VAL A 1 11  ? -7.712  -5.362  5.443   1.00 21.72 ? 11  VAL A CG2 1 
ATOM   36   N N   . LEU A 1 12  ? -10.492 -1.620  4.991   1.00 18.36 ? 12  LEU A N   1 
ATOM   37   C CA  . LEU A 1 12  ? -11.479 -0.703  4.415   1.00 19.10 ? 12  LEU A CA  1 
ATOM   38   C C   . LEU A 1 12  ? -10.990 -0.212  3.067   1.00 18.91 ? 12  LEU A C   1 
ATOM   39   O O   . LEU A 1 12  ? -10.036 0.565   2.992   1.00 19.10 ? 12  LEU A O   1 
ATOM   40   C CB  . LEU A 1 12  ? -11.675 0.498   5.338   1.00 18.87 ? 12  LEU A CB  1 
ATOM   41   C CG  . LEU A 1 12  ? -12.094 -0.012  6.727   1.00 21.55 ? 12  LEU A CG  1 
ATOM   42   C CD1 . LEU A 1 12  ? -12.196 1.115   7.749   1.00 24.95 ? 12  LEU A CD1 1 
ATOM   43   C CD2 . LEU A 1 12  ? -13.421 -0.707  6.583   1.00 23.32 ? 12  LEU A CD2 1 
ATOM   44   N N   . VAL A 1 13  ? -11.648 -0.621  2.003   1.00 17.86 ? 13  VAL A N   1 
ATOM   45   C CA  . VAL A 1 13  ? -11.167 -0.235  0.691   1.00 18.44 ? 13  VAL A CA  1 
ATOM   46   C C   . VAL A 1 13  ? -12.086 0.813   0.114   1.00 19.21 ? 13  VAL A C   1 
ATOM   47   O O   . VAL A 1 13  ? -13.316 0.621   0.110   1.00 18.30 ? 13  VAL A O   1 
ATOM   48   C CB  . VAL A 1 13  ? -11.164 -1.424  -0.247  1.00 18.62 ? 13  VAL A CB  1 
ATOM   49   C CG1 . VAL A 1 13  ? -10.759 -0.978  -1.681  1.00 19.66 ? 13  VAL A CG1 1 
ATOM   50   C CG2 . VAL A 1 13  ? -10.171 -2.510  0.283   1.00 18.38 ? 13  VAL A CG2 1 
ATOM   51   N N   . LYS A 1 14  ? -11.514 1.901   -0.379  1.00 18.96 ? 14  LYS A N   1 
ATOM   52   C CA  . LYS A 1 14  ? -12.328 2.950   -1.018  1.00 21.23 ? 14  LYS A CA  1 
ATOM   53   C C   . LYS A 1 14  ? -11.815 3.191   -2.420  1.00 20.95 ? 14  LYS A C   1 
ATOM   54   O O   . LYS A 1 14  ? -10.613 3.410   -2.597  1.00 19.71 ? 14  LYS A O   1 
ATOM   55   C CB  . LYS A 1 14  ? -12.250 4.236   -0.212  1.00 22.13 ? 14  LYS A CB  1 
ATOM   56   C CG  . LYS A 1 14  ? -13.059 4.142   1.074   1.00 28.71 ? 14  LYS A CG  1 
ATOM   57   C CD  . LYS A 1 14  ? -13.040 5.431   1.888   1.00 34.60 ? 14  LYS A CD  1 
ATOM   58   C CE  . LYS A 1 14  ? -14.451 5.759   2.379   1.00 37.95 ? 14  LYS A CE  1 
ATOM   59   N NZ  . LYS A 1 14  ? -14.419 6.782   3.464   1.00 41.52 ? 14  LYS A NZ  1 
ATOM   60   N N   . LEU A 1 15  ? -12.700 3.142   -3.415  1.00 20.03 ? 15  LEU A N   1 
ATOM   61   C CA  . LEU A 1 15  ? -12.251 3.306   -4.802  1.00 20.77 ? 15  LEU A CA  1 
ATOM   62   C C   . LEU A 1 15  ? -12.861 4.517   -5.463  1.00 20.74 ? 15  LEU A C   1 
ATOM   63   O O   . LEU A 1 15  ? -14.105 4.623   -5.582  1.00 20.31 ? 15  LEU A O   1 
ATOM   64   C CB  . LEU A 1 15  ? -12.622 2.068   -5.641  1.00 20.80 ? 15  LEU A CB  1 
ATOM   65   C CG  . LEU A 1 15  ? -12.239 0.692   -5.065  1.00 22.51 ? 15  LEU A CG  1 
ATOM   66   C CD1 . LEU A 1 15  ? -12.772 -0.459  -5.915  1.00 21.64 ? 15  LEU A CD1 1 
ATOM   67   C CD2 . LEU A 1 15  ? -10.736 0.580   -4.959  1.00 19.84 ? 15  LEU A CD2 1 
ATOM   68   N N   . LYS A 1 16  ? -11.998 5.437   -5.863  1.00 19.81 ? 16  LYS A N   1 
ATOM   69   C CA  . LYS A 1 16  ? -12.408 6.530   -6.741  1.00 20.33 ? 16  LYS A CA  1 
ATOM   70   C C   . LYS A 1 16  ? -12.174 6.020   -8.161  1.00 19.46 ? 16  LYS A C   1 
ATOM   71   O O   . LYS A 1 16  ? -12.932 6.324   -9.070  1.00 19.34 ? 16  LYS A O   1 
ATOM   72   C CB  . LYS A 1 16  ? -11.584 7.805   -6.493  1.00 20.55 ? 16  LYS A CB  1 
ATOM   73   C CG  . LYS A 1 16  ? -12.037 8.983   -7.387  1.00 25.48 ? 16  LYS A CG  1 
ATOM   74   C CD  . LYS A 1 16  ? -11.265 10.286  -7.153  1.00 29.71 ? 16  LYS A CD  1 
ATOM   75   C CE  . LYS A 1 16  ? -11.826 11.371  -8.060  1.00 32.98 ? 16  LYS A CE  1 
ATOM   76   N NZ  . LYS A 1 16  ? -11.454 12.747  -7.621  1.00 35.83 ? 16  LYS A NZ  1 
ATOM   77   N N   . LYS A 1 17  ? -11.113 5.244   -8.351  1.00 19.29 ? 17  LYS A N   1 
ATOM   78   C CA  . LYS A 1 17  ? -10.803 4.630   -9.653  1.00 18.42 ? 17  LYS A CA  1 
ATOM   79   C C   . LYS A 1 17  ? -11.059 3.131   -9.502  1.00 17.79 ? 17  LYS A C   1 
ATOM   80   O O   . LYS A 1 17  ? -10.679 2.542   -8.488  1.00 16.71 ? 17  LYS A O   1 
ATOM   81   C CB  . LYS A 1 17  ? -9.358  4.906   -10.027 1.00 18.80 ? 17  LYS A CB  1 
ATOM   82   C CG  . LYS A 1 17  ? -9.140  6.333   -10.414 1.00 20.17 ? 17  LYS A CG  1 
ATOM   83   C CD  . LYS A 1 17  ? -9.895  6.664   -11.696 1.00 24.37 ? 17  LYS A CD  1 
ATOM   84   C CE  . LYS A 1 17  ? -9.301  7.898   -12.360 1.00 27.15 ? 17  LYS A CE  1 
ATOM   85   N NZ  . LYS A 1 17  ? -10.045 8.358   -13.587 1.00 26.76 ? 17  LYS A NZ  1 
ATOM   86   N N   . ARG A 1 18  ? -11.728 2.529   -10.486 1.00 17.14 ? 18  ARG A N   1 
ATOM   87   C CA  . ARG A 1 18  ? -12.307 1.203   -10.307 1.00 16.84 ? 18  ARG A CA  1 
ATOM   88   C C   . ARG A 1 18  ? -11.982 0.079   -11.268 1.00 17.33 ? 18  ARG A C   1 
ATOM   89   O O   . ARG A 1 18  ? -12.784 -0.861  -11.402 1.00 16.11 ? 18  ARG A O   1 
ATOM   90   C CB  . ARG A 1 18  ? -13.827 1.374   -10.325 1.00 17.47 ? 18  ARG A CB  1 
ATOM   91   C CG  . ARG A 1 18  ? -14.303 2.415   -9.342  1.00 19.60 ? 18  ARG A CG  1 
ATOM   92   C CD  . ARG A 1 18  ? -15.782 2.459   -9.226  1.00 24.90 ? 18  ARG A CD  1 
ATOM   93   N NE  . ARG A 1 18  ? -16.272 3.774   -8.841  1.00 26.17 ? 18  ARG A NE  1 
ATOM   94   C CZ  . ARG A 1 18  ? -16.566 4.101   -7.611  1.00 24.92 ? 18  ARG A CZ  1 
ATOM   95   N NH1 . ARG A 1 18  ? -16.419 3.208   -6.644  1.00 28.95 ? 18  ARG A NH1 1 
ATOM   96   N NH2 . ARG A 1 18  ? -17.017 5.318   -7.343  1.00 25.86 ? 18  ARG A NH2 1 
ATOM   97   N N   . LYS A 1 19  ? -10.833 0.163   -11.940 1.00 17.20 ? 19  LYS A N   1 
ATOM   98   C CA  . LYS A 1 19  ? -10.466 -0.848  -12.915 1.00 17.47 ? 19  LYS A CA  1 
ATOM   99   C C   . LYS A 1 19  ? -10.143 -2.195  -12.274 1.00 17.60 ? 19  LYS A C   1 
ATOM   100  O O   . LYS A 1 19  ? -10.329 -3.244  -12.894 1.00 18.37 ? 19  LYS A O   1 
ATOM   101  C CB  . LYS A 1 19  ? -9.297  -0.365  -13.805 1.00 17.01 ? 19  LYS A CB  1 
ATOM   102  C CG  . LYS A 1 19  ? -9.448  -0.811  -15.208 1.00 20.91 ? 19  LYS A CG  1 
ATOM   103  C CD  . LYS A 1 19  ? -8.688  0.044   -16.223 1.00 23.34 ? 19  LYS A CD  1 
ATOM   104  C CE  . LYS A 1 19  ? -8.886  -0.580  -17.598 1.00 25.19 ? 19  LYS A CE  1 
ATOM   105  N NZ  . LYS A 1 19  ? -8.446  0.174   -18.813 1.00 21.93 ? 19  LYS A NZ  1 
ATOM   106  N N   . VAL A 1 20  ? -9.698  -2.161  -11.028 1.00 16.73 ? 20  VAL A N   1 
ATOM   107  C CA  . VAL A 1 20  ? -9.412  -3.368  -10.262 1.00 16.78 ? 20  VAL A CA  1 
ATOM   108  C C   . VAL A 1 20  ? -10.534 -3.605  -9.244  1.00 16.36 ? 20  VAL A C   1 
ATOM   109  O O   . VAL A 1 20  ? -10.929 -2.697  -8.491  1.00 15.36 ? 20  VAL A O   1 
ATOM   110  C CB  . VAL A 1 20  ? -8.055  -3.241  -9.541  1.00 17.22 ? 20  VAL A CB  1 
ATOM   111  C CG1 . VAL A 1 20  ? -7.793  -4.437  -8.604  1.00 18.39 ? 20  VAL A CG1 1 
ATOM   112  C CG2 . VAL A 1 20  ? -6.913  -3.048  -10.566 1.00 19.15 ? 20  VAL A CG2 1 
ATOM   113  N N   . ARG A 1 21  ? -11.044 -4.826  -9.221  1.00 15.48 ? 21  ARG A N   1 
ATOM   114  C CA  . ARG A 1 21  ? -12.122 -5.196  -8.323  1.00 15.43 ? 21  ARG A CA  1 
ATOM   115  C C   . ARG A 1 21  ? -11.872 -4.927  -6.839  1.00 15.24 ? 21  ARG A C   1 
ATOM   116  O O   . ARG A 1 21  ? -10.802 -5.209  -6.303  1.00 14.22 ? 21  ARG A O   1 
ATOM   117  C CB  . ARG A 1 21  ? -12.476 -6.676  -8.529  1.00 16.06 ? 21  ARG A CB  1 
ATOM   118  C CG  . ARG A 1 21  ? -13.242 -6.943  -9.815  1.00 16.97 ? 21  ARG A CG  1 
ATOM   119  C CD  . ARG A 1 21  ? -13.401 -8.410  -10.151 1.00 20.30 ? 21  ARG A CD  1 
ATOM   120  N NE  . ARG A 1 21  ? -13.548 -9.280  -8.981  1.00 23.57 ? 21  ARG A NE  1 
ATOM   121  C CZ  . ARG A 1 21  ? -13.170 -10.570 -8.963  1.00 28.62 ? 21  ARG A CZ  1 
ATOM   122  N NH1 . ARG A 1 21  ? -12.631 -11.137 -10.061 1.00 27.99 ? 21  ARG A NH1 1 
ATOM   123  N NH2 . ARG A 1 21  ? -13.336 -11.302 -7.857  1.00 28.86 ? 21  ARG A NH2 1 
ATOM   124  N N   . LYS A 1 22  ? -12.891 -4.405  -6.170  1.00 14.27 ? 22  LYS A N   1 
ATOM   125  C CA  . LYS A 1 22  ? -12.774 -4.088  -4.756  1.00 15.37 ? 22  LYS A CA  1 
ATOM   126  C C   . LYS A 1 22  ? -12.430 -5.306  -3.902  1.00 15.78 ? 22  LYS A C   1 
ATOM   127  O O   . LYS A 1 22  ? -11.623 -5.218  -2.972  1.00 14.56 ? 22  LYS A O   1 
ATOM   128  C CB  . LYS A 1 22  ? -14.099 -3.456  -4.236  1.00 14.61 ? 22  LYS A CB  1 
ATOM   129  C CG  . LYS A 1 22  ? -13.982 -3.014  -2.743  1.00 16.01 ? 22  LYS A CG  1 
ATOM   130  C CD  . LYS A 1 22  ? -15.370 -2.877  -2.101  1.00 25.47 ? 22  LYS A CD  1 
ATOM   131  C CE  . LYS A 1 22  ? -15.314 -2.548  -0.577  1.00 28.22 ? 22  LYS A CE  1 
ATOM   132  N NZ  . LYS A 1 22  ? -16.714 -2.323  -0.053  1.00 33.17 ? 22  LYS A NZ  1 
ATOM   133  N N   . ASP A 1 23  ? -13.091 -6.427  -4.199  1.00 16.82 ? 23  ASP A N   1 
ATOM   134  C CA  . ASP A 1 23  ? -12.849 -7.639  -3.423  1.00 17.46 ? 23  ASP A CA  1 
ATOM   135  C C   . ASP A 1 23  ? -11.439 -8.184  -3.604  1.00 17.46 ? 23  ASP A C   1 
ATOM   136  O O   . ASP A 1 23  ? -10.897 -8.823  -2.693  1.00 16.63 ? 23  ASP A O   1 
ATOM   137  C CB  . ASP A 1 23  ? -13.913 -8.715  -3.692  1.00 18.06 ? 23  ASP A CB  1 
ATOM   138  C CG  . ASP A 1 23  ? -13.978 -9.162  -5.162  1.00 19.05 ? 23  ASP A CG  1 
ATOM   139  O OD1 . ASP A 1 23  ? -13.528 -8.452  -6.095  1.00 18.51 ? 23  ASP A OD1 1 
ATOM   140  O OD2 . ASP A 1 23  ? -14.507 -10.243 -5.477  1.00 20.76 ? 23  ASP A OD2 1 
ATOM   141  N N   . LYS A 1 24  ? -10.828 -7.936  -4.755  1.00 17.25 ? 24  LYS A N   1 
ATOM   142  C CA  . LYS A 1 24  ? -9.452  -8.405  -4.959  1.00 17.93 ? 24  LYS A CA  1 
ATOM   143  C C   . LYS A 1 24  ? -8.476  -7.572  -4.120  1.00 18.42 ? 24  LYS A C   1 
ATOM   144  O O   . LYS A 1 24  ? -7.541  -8.105  -3.514  1.00 17.96 ? 24  LYS A O   1 
ATOM   145  C CB  . LYS A 1 24  ? -9.038  -8.348  -6.438  1.00 17.54 ? 24  LYS A CB  1 
ATOM   146  C CG  . LYS A 1 24  ? -9.518  -9.527  -7.249  1.00 18.87 ? 24  LYS A CG  1 
ATOM   147  C CD  . LYS A 1 24  ? -8.917  -9.506  -8.694  1.00 21.66 ? 24  LYS A CD  1 
ATOM   148  C CE  . LYS A 1 24  ? -9.226  -10.790 -9.441  1.00 24.74 ? 24  LYS A CE  1 
ATOM   149  N NZ  . LYS A 1 24  ? -9.071  -10.715 -10.948 1.00 26.58 ? 24  LYS A NZ  1 
ATOM   150  N N   . ILE A 1 25  ? -8.689  -6.258  -4.111  1.00 17.47 ? 25  ILE A N   1 
ATOM   151  C CA  . ILE A 1 25  ? -7.852  -5.382  -3.342  1.00 17.38 ? 25  ILE A CA  1 
ATOM   152  C C   . ILE A 1 25  ? -8.016  -5.752  -1.875  1.00 17.56 ? 25  ILE A C   1 
ATOM   153  O O   . ILE A 1 25  ? -7.027  -5.808  -1.115  1.00 16.72 ? 25  ILE A O   1 
ATOM   154  C CB  . ILE A 1 25  ? -8.219  -3.902  -3.601  1.00 17.50 ? 25  ILE A CB  1 
ATOM   155  C CG1 . ILE A 1 25  ? -7.722  -3.475  -5.004  1.00 17.61 ? 25  ILE A CG1 1 
ATOM   156  C CG2 . ILE A 1 25  ? -7.640  -3.004  -2.538  1.00 15.35 ? 25  ILE A CG2 1 
ATOM   157  C CD1 . ILE A 1 25  ? -8.408  -2.225  -5.503  1.00 20.06 ? 25  ILE A CD1 1 
ATOM   158  N N   . GLU A 1 26  ? -9.253  -5.993  -1.460  1.00 17.09 ? 26  GLU A N   1 
ATOM   159  C CA  . GLU A 1 26  ? -9.495  -6.328  -0.058  1.00 18.57 ? 26  GLU A CA  1 
ATOM   160  C C   . GLU A 1 26  ? -8.756  -7.617  0.336   1.00 18.49 ? 26  GLU A C   1 
ATOM   161  O O   . GLU A 1 26  ? -8.093  -7.670  1.396   1.00 17.82 ? 26  GLU A O   1 
ATOM   162  C CB  . GLU A 1 26  ? -10.996 -6.482  0.214   1.00 18.84 ? 26  GLU A CB  1 
ATOM   163  C CG  . GLU A 1 26  ? -11.352 -6.245  1.664   1.00 25.28 ? 26  GLU A CG  1 
ATOM   164  C CD  . GLU A 1 26  ? -12.856 -6.358  1.955   1.00 31.14 ? 26  GLU A CD  1 
ATOM   165  O OE1 . GLU A 1 26  ? -13.695 -5.895  1.129   1.00 35.67 ? 26  GLU A OE1 1 
ATOM   166  O OE2 . GLU A 1 26  ? -13.184 -6.906  3.027   1.00 35.20 ? 26  GLU A OE2 1 
ATOM   167  N N   . LYS A 1 27  ? -8.892  -8.649  -0.505  1.00 18.52 ? 27  LYS A N   1 
ATOM   168  C CA  . LYS A 1 27  ? -8.231  -9.937  -0.303  1.00 19.24 ? 27  LYS A CA  1 
ATOM   169  C C   . LYS A 1 27  ? -6.685  -9.821  -0.245  1.00 19.43 ? 27  LYS A C   1 
ATOM   170  O O   . LYS A 1 27  ? -6.080  -10.373 0.685   1.00 18.64 ? 27  LYS A O   1 
ATOM   171  C CB  . LYS A 1 27  ? -8.703  -11.004 -1.313  1.00 19.64 ? 27  LYS A CB  1 
ATOM   172  C CG  . LYS A 1 27  ? -7.744  -12.228 -1.498  1.00 23.68 ? 27  LYS A CG  1 
ATOM   173  C CD  . LYS A 1 27  ? -8.251  -13.228 -2.555  1.00 29.85 ? 27  LYS A CD  1 
ATOM   174  C CE  . LYS A 1 27  ? -7.108  -13.988 -3.297  1.00 33.52 ? 27  LYS A CE  1 
ATOM   175  N NZ  . LYS A 1 27  ? -6.992  -15.462 -2.972  1.00 32.52 ? 27  LYS A NZ  1 
ATOM   176  N N   . TRP A 1 28  ? -6.060  -9.120  -1.200  1.00 17.96 ? 28  TRP A N   1 
ATOM   177  C CA  . TRP A 1 28  ? -4.603  -8.923  -1.175  1.00 17.82 ? 28  TRP A CA  1 
ATOM   178  C C   . TRP A 1 28  ? -4.184  -8.268  0.138   1.00 18.39 ? 28  TRP A C   1 
ATOM   179  O O   . TRP A 1 28  ? -3.224  -8.693  0.779   1.00 18.06 ? 28  TRP A O   1 
ATOM   180  C CB  . TRP A 1 28  ? -4.129  -8.022  -2.322  1.00 17.27 ? 28  TRP A CB  1 
ATOM   181  C CG  . TRP A 1 28  ? -4.249  -8.690  -3.650  1.00 16.72 ? 28  TRP A CG  1 
ATOM   182  C CD1 . TRP A 1 28  ? -4.126  -10.011 -3.913  1.00 18.17 ? 28  TRP A CD1 1 
ATOM   183  C CD2 . TRP A 1 28  ? -4.526  -8.059  -4.884  1.00 16.71 ? 28  TRP A CD2 1 
ATOM   184  N NE1 . TRP A 1 28  ? -4.275  -10.251 -5.261  1.00 17.82 ? 28  TRP A NE1 1 
ATOM   185  C CE2 . TRP A 1 28  ? -4.555  -9.065  -5.876  1.00 17.77 ? 28  TRP A CE2 1 
ATOM   186  C CE3 . TRP A 1 28  ? -4.756  -6.738  -5.264  1.00 17.18 ? 28  TRP A CE3 1 
ATOM   187  C CZ2 . TRP A 1 28  ? -4.811  -8.790  -7.216  1.00 18.93 ? 28  TRP A CZ2 1 
ATOM   188  C CZ3 . TRP A 1 28  ? -4.996  -6.472  -6.603  1.00 18.96 ? 28  TRP A CZ3 1 
ATOM   189  C CH2 . TRP A 1 28  ? -5.026  -7.490  -7.552  1.00 18.04 ? 28  TRP A CH2 1 
ATOM   190  N N   . ALA A 1 29  ? -4.916  -7.226  0.522   1.00 17.87 ? 29  ALA A N   1 
ATOM   191  C CA  . ALA A 1 29  ? -4.607  -6.521  1.759   1.00 18.74 ? 29  ALA A CA  1 
ATOM   192  C C   . ALA A 1 29  ? -4.762  -7.443  2.982   1.00 19.17 ? 29  ALA A C   1 
ATOM   193  O O   . ALA A 1 29  ? -3.877  -7.448  3.864   1.00 18.65 ? 29  ALA A O   1 
ATOM   194  C CB  . ALA A 1 29  ? -5.453  -5.272  1.898   1.00 18.40 ? 29  ALA A CB  1 
ATOM   195  N N   . GLU A 1 30  ? -5.851  -8.214  3.036   1.00 18.05 ? 30  GLU A N   1 
ATOM   196  C CA  . GLU A 1 30  ? -6.054  -9.151  4.148   1.00 19.26 ? 30  GLU A CA  1 
ATOM   197  C C   . GLU A 1 30  ? -4.977  -10.242 4.168   1.00 18.17 ? 30  GLU A C   1 
ATOM   198  O O   . GLU A 1 30  ? -4.456  -10.595 5.254   1.00 18.43 ? 30  GLU A O   1 
ATOM   199  C CB  . GLU A 1 30  ? -7.460  -9.779  4.112   1.00 20.87 ? 30  GLU A CB  1 
ATOM   200  C CG  . GLU A 1 30  ? -8.572  -8.753  4.359   1.00 26.10 ? 30  GLU A CG  1 
ATOM   201  C CD  . GLU A 1 30  ? -9.957  -9.366  4.288   1.00 34.30 ? 30  GLU A CD  1 
ATOM   202  O OE1 . GLU A 1 30  ? -10.109 -10.397 3.593   1.00 33.88 ? 30  GLU A OE1 1 
ATOM   203  O OE2 . GLU A 1 30  ? -10.887 -8.831  4.937   1.00 37.15 ? 30  GLU A OE2 1 
ATOM   204  N N   . LEU A 1 31  ? -4.607  -10.746 2.991   1.00 15.33 ? 31  LEU A N   1 
ATOM   205  C CA  . LEU A 1 31  ? -3.578  -11.760 2.935   1.00 15.09 ? 31  LEU A CA  1 
ATOM   206  C C   . LEU A 1 31  ? -2.225  -11.192 3.382   1.00 14.79 ? 31  LEU A C   1 
ATOM   207  O O   . LEU A 1 31  ? -1.453  -11.887 4.020   1.00 14.56 ? 31  LEU A O   1 
ATOM   208  C CB  . LEU A 1 31  ? -3.433  -12.353 1.544   1.00 14.96 ? 31  LEU A CB  1 
ATOM   209  C CG  . LEU A 1 31  ? -4.580  -13.263 1.110   1.00 16.28 ? 31  LEU A CG  1 
ATOM   210  C CD1 . LEU A 1 31  ? -4.419  -13.595 -0.379  1.00 16.92 ? 31  LEU A CD1 1 
ATOM   211  C CD2 . LEU A 1 31  ? -4.706  -14.535 1.994   1.00 18.96 ? 31  LEU A CD2 1 
ATOM   212  N N   . ALA A 1 32  ? -1.929  -9.964  2.988   1.00 14.92 ? 32  ALA A N   1 
ATOM   213  C CA  . ALA A 1 32  ? -0.662  -9.322  3.401   1.00 16.37 ? 32  ALA A CA  1 
ATOM   214  C C   . ALA A 1 32  ? -0.618  -9.143  4.931   1.00 17.21 ? 32  ALA A C   1 
ATOM   215  O O   . ALA A 1 32  ? 0.393   -9.456  5.570   1.00 17.29 ? 32  ALA A O   1 
ATOM   216  C CB  . ALA A 1 32  ? -0.512  -7.957  2.723   1.00 16.30 ? 32  ALA A CB  1 
ATOM   217  N N   . LEU A 1 33  ? -1.713  -8.646  5.508   1.00 16.84 ? 33  LEU A N   1 
ATOM   218  C CA  . LEU A 1 33  ? -1.773  -8.467  6.956   1.00 17.21 ? 33  LEU A CA  1 
ATOM   219  C C   . LEU A 1 33  ? -1.601  -9.790  7.669   1.00 17.40 ? 33  LEU A C   1 
ATOM   220  O O   . LEU A 1 33  ? -0.867  -9.870  8.671   1.00 17.11 ? 33  LEU A O   1 
ATOM   221  C CB  . LEU A 1 33  ? -3.057  -7.732  7.402   1.00 17.10 ? 33  LEU A CB  1 
ATOM   222  C CG  . LEU A 1 33  ? -3.171  -6.263  6.976   1.00 18.78 ? 33  LEU A CG  1 
ATOM   223  C CD1 . LEU A 1 33  ? -4.542  -5.660  7.389   1.00 21.60 ? 33  LEU A CD1 1 
ATOM   224  C CD2 . LEU A 1 33  ? -2.015  -5.324  7.471   1.00 19.34 ? 33  LEU A CD2 1 
ATOM   225  N N   . SER A 1 34  ? -2.232  -10.842 7.142   1.00 16.87 ? 34  SER A N   1 
ATOM   226  C CA  . SER A 1 34  ? -2.083  -12.173 7.708   1.00 17.32 ? 34  SER A CA  1 
ATOM   227  C C   . SER A 1 34  ? -0.663  -12.728 7.554   1.00 16.77 ? 34  SER A C   1 
ATOM   228  O O   . SER A 1 34  ? -0.151  -13.387 8.459   1.00 15.91 ? 34  SER A O   1 
ATOM   229  C CB  . SER A 1 34  ? -3.142  -13.146 7.132   1.00 17.78 ? 34  SER A CB  1 
ATOM   230  O OG  . SER A 1 34  ? -2.900  -14.478 7.566   1.00 23.12 ? 34  SER A OG  1 
ATOM   231  N N   . ALA A 1 35  ? -0.009  -12.469 6.430   1.00 15.93 ? 35  ALA A N   1 
ATOM   232  C CA  . ALA A 1 35  ? 1.351   -12.982 6.238   1.00 15.17 ? 35  ALA A CA  1 
ATOM   233  C C   . ALA A 1 35  ? 2.262   -12.253 7.211   1.00 15.31 ? 35  ALA A C   1 
ATOM   234  O O   . ALA A 1 35  ? 3.277   -12.786 7.664   1.00 14.84 ? 35  ALA A O   1 
ATOM   235  C CB  . ALA A 1 35  ? 1.812   -12.740 4.819   1.00 15.85 ? 35  ALA A CB  1 
ATOM   236  N N   . LEU A 1 36  ? 1.863   -11.040 7.572   1.00 15.23 ? 36  LEU A N   1 
ATOM   237  C CA  . LEU A 1 36  ? 2.646   -10.260 8.510   1.00 16.72 ? 36  LEU A CA  1 
ATOM   238  C C   . LEU A 1 36  ? 2.340   -10.601 9.995   1.00 17.35 ? 36  LEU A C   1 
ATOM   239  O O   . LEU A 1 36  ? 2.936   -10.027 10.900  1.00 16.79 ? 36  LEU A O   1 
ATOM   240  C CB  . LEU A 1 36  ? 2.470   -8.779  8.221   1.00 16.46 ? 36  LEU A CB  1 
ATOM   241  C CG  . LEU A 1 36  ? 3.151   -8.295  6.947   1.00 17.65 ? 36  LEU A CG  1 
ATOM   242  C CD1 . LEU A 1 36  ? 2.518   -6.988  6.426   1.00 20.67 ? 36  LEU A CD1 1 
ATOM   243  C CD2 . LEU A 1 36  ? 4.633   -8.079  7.167   1.00 21.00 ? 36  LEU A CD2 1 
ATOM   244  N N   . GLY A 1 37  ? 1.386   -11.503 10.225  1.00 17.10 ? 37  GLY A N   1 
ATOM   245  C CA  . GLY A 1 37  ? 1.046   -11.942 11.574  1.00 16.63 ? 37  GLY A CA  1 
ATOM   246  C C   . GLY A 1 37  ? 0.240   -10.929 12.378  1.00 16.34 ? 37  GLY A C   1 
ATOM   247  O O   . GLY A 1 37  ? 0.156   -11.045 13.590  1.00 15.80 ? 37  GLY A O   1 
ATOM   248  N N   . LEU A 1 38  ? -0.369  -9.958  11.710  1.00 16.27 ? 38  LEU A N   1 
ATOM   249  C CA  . LEU A 1 38  ? -1.093  -8.899  12.410  1.00 16.51 ? 38  LEU A CA  1 
ATOM   250  C C   . LEU A 1 38  ? -2.503  -9.337  12.692  1.00 17.47 ? 38  LEU A C   1 
ATOM   251  O O   . LEU A 1 38  ? -3.110  -9.996  11.857  1.00 16.29 ? 38  LEU A O   1 
ATOM   252  C CB  . LEU A 1 38  ? -1.148  -7.634  11.563  1.00 16.01 ? 38  LEU A CB  1 
ATOM   253  C CG  . LEU A 1 38  ? 0.232   -6.958  11.498  1.00 17.92 ? 38  LEU A CG  1 
ATOM   254  C CD1 . LEU A 1 38  ? 0.290   -5.929  10.371  1.00 19.23 ? 38  LEU A CD1 1 
ATOM   255  C CD2 . LEU A 1 38  ? 0.466   -6.268  12.853  1.00 17.95 ? 38  LEU A CD2 1 
ATOM   256  N N   . ASN A 1 39  ? -3.016  -8.955  13.859  1.00 17.58 ? 39  ASN A N   1 
ATOM   257  C CA  . ASN A 1 39  ? -4.369  -9.308  14.254  1.00 19.48 ? 39  ASN A CA  1 
ATOM   258  C C   . ASN A 1 39  ? -5.036  -8.077  14.866  1.00 18.51 ? 39  ASN A C   1 
ATOM   259  O O   . ASN A 1 39  ? -4.391  -7.280  15.556  1.00 18.70 ? 39  ASN A O   1 
ATOM   260  C CB  . ASN A 1 39  ? -4.330  -10.446 15.312  1.00 20.71 ? 39  ASN A CB  1 
ATOM   261  C CG  . ASN A 1 39  ? -3.671  -11.747 14.794  1.00 26.71 ? 39  ASN A CG  1 
ATOM   262  O OD1 . ASN A 1 39  ? -4.337  -12.601 14.176  1.00 33.52 ? 39  ASN A OD1 1 
ATOM   263  N ND2 . ASN A 1 39  ? -2.365  -11.931 15.100  1.00 31.27 ? 39  ASN A ND2 1 
ATOM   264  N N   . ASN A 1 40  ? -6.323  -7.916  14.634  1.00 18.99 ? 40  ASN A N   1 
ATOM   265  C CA  . ASN A 1 40  ? -7.029  -6.784  15.194  1.00 19.65 ? 40  ASN A CA  1 
ATOM   266  C C   . ASN A 1 40  ? -6.515  -5.392  14.848  1.00 18.46 ? 40  ASN A C   1 
ATOM   267  O O   . ASN A 1 40  ? -6.459  -4.530  15.734  1.00 18.16 ? 40  ASN A O   1 
ATOM   268  C CB  . ASN A 1 40  ? -6.963  -6.889  16.680  1.00 20.10 ? 40  ASN A CB  1 
ATOM   269  C CG  . ASN A 1 40  ? -8.279  -7.067  17.283  1.00 24.92 ? 40  ASN A CG  1 
ATOM   270  O OD1 . ASN A 1 40  ? -9.215  -7.574  16.647  1.00 29.60 ? 40  ASN A OD1 1 
ATOM   271  N ND2 . ASN A 1 40  ? -8.396  -6.623  18.522  1.00 28.53 ? 40  ASN A ND2 1 
ATOM   272  N N   . VAL A 1 41  ? -6.135  -5.172  13.596  1.00 17.09 ? 41  VAL A N   1 
ATOM   273  C CA  . VAL A 1 41  ? -5.734  -3.860  13.181  1.00 17.34 ? 41  VAL A CA  1 
ATOM   274  C C   . VAL A 1 41  ? -6.648  -3.395  12.075  1.00 16.95 ? 41  VAL A C   1 
ATOM   275  O O   . VAL A 1 41  ? -7.339  -4.203  11.441  1.00 17.16 ? 41  VAL A O   1 
ATOM   276  C CB  . VAL A 1 41  ? -4.258  -3.808  12.679  1.00 17.34 ? 41  VAL A CB  1 
ATOM   277  C CG1 . VAL A 1 41  ? -3.297  -4.314  13.786  1.00 17.44 ? 41  VAL A CG1 1 
ATOM   278  C CG2 . VAL A 1 41  ? -4.114  -4.627  11.408  1.00 18.21 ? 41  VAL A CG2 1 
ATOM   279  N N   . GLU A 1 42  ? -6.664  -2.091  11.853  1.00 16.54 ? 42  GLU A N   1 
ATOM   280  C CA  . GLU A 1 42  ? -7.462  -1.497  10.782  1.00 17.43 ? 42  GLU A CA  1 
ATOM   281  C C   . GLU A 1 42  ? -6.545  -0.917  9.722   1.00 17.92 ? 42  GLU A C   1 
ATOM   282  O O   . GLU A 1 42  ? -5.543  -0.275  10.046  1.00 19.02 ? 42  GLU A O   1 
ATOM   283  C CB  . GLU A 1 42  ? -8.395  -0.412  11.337  1.00 16.83 ? 42  GLU A CB  1 
ATOM   284  C CG  . GLU A 1 42  ? -9.246  0.295   10.262  1.00 16.76 ? 42  GLU A CG  1 
ATOM   285  C CD  . GLU A 1 42  ? -10.035 1.437   10.872  1.00 19.71 ? 42  GLU A CD  1 
ATOM   286  O OE1 . GLU A 1 42  ? -9.810  2.609   10.484  1.00 17.47 ? 42  GLU A OE1 1 
ATOM   287  O OE2 . GLU A 1 42  ? -10.852 1.161   11.784  1.00 17.89 ? 42  GLU A OE2 1 
ATOM   288  N N   . LEU A 1 43  ? -6.861  -1.160  8.458   1.00 18.03 ? 43  LEU A N   1 
ATOM   289  C CA  . LEU A 1 43  ? -6.045  -0.645  7.365   1.00 18.98 ? 43  LEU A CA  1 
ATOM   290  C C   . LEU A 1 43  ? -7.001  -0.086  6.339   1.00 19.22 ? 43  LEU A C   1 
ATOM   291  O O   . LEU A 1 43  ? -7.960  -0.776  5.982   1.00 20.04 ? 43  LEU A O   1 
ATOM   292  C CB  . LEU A 1 43  ? -5.309  -1.800  6.696   1.00 18.54 ? 43  LEU A CB  1 
ATOM   293  C CG  . LEU A 1 43  ? -4.614  -1.491  5.377   1.00 20.28 ? 43  LEU A CG  1 
ATOM   294  C CD1 . LEU A 1 43  ? -3.492  -0.462  5.616   1.00 21.36 ? 43  LEU A CD1 1 
ATOM   295  C CD2 . LEU A 1 43  ? -4.048  -2.781  4.763   1.00 21.34 ? 43  LEU A CD2 1 
ATOM   296  N N   . SER A 1 44  ? -6.754  1.135   5.866   1.00 18.52 ? 44  SER A N   1 
ATOM   297  C CA  . SER A 1 44  ? -7.565  1.686   4.792   1.00 18.72 ? 44  SER A CA  1 
ATOM   298  C C   . SER A 1 44  ? -6.746  1.709   3.501   1.00 18.73 ? 44  SER A C   1 
ATOM   299  O O   . SER A 1 44  ? -5.553  2.046   3.526   1.00 17.70 ? 44  SER A O   1 
ATOM   300  C CB  . SER A 1 44  ? -8.085  3.079   5.148   1.00 20.04 ? 44  SER A CB  1 
ATOM   301  O OG  . SER A 1 44  ? -9.003  2.980   6.243   1.00 19.73 ? 44  SER A OG  1 
ATOM   302  N N   . VAL A 1 45  ? -7.375  1.308   2.393   1.00 18.07 ? 45  VAL A N   1 
ATOM   303  C CA  . VAL A 1 45  ? -6.707  1.354   1.098   1.00 18.78 ? 45  VAL A CA  1 
ATOM   304  C C   . VAL A 1 45  ? -7.533  2.239   0.165   1.00 18.73 ? 45  VAL A C   1 
ATOM   305  O O   . VAL A 1 45  ? -8.755  2.012   0.007   1.00 18.81 ? 45  VAL A O   1 
ATOM   306  C CB  . VAL A 1 45  ? -6.529  -0.038  0.503   1.00 19.02 ? 45  VAL A CB  1 
ATOM   307  C CG1 . VAL A 1 45  ? -5.793  0.057   -0.851  1.00 19.95 ? 45  VAL A CG1 1 
ATOM   308  C CG2 . VAL A 1 45  ? -5.750  -0.950  1.496   1.00 21.35 ? 45  VAL A CG2 1 
ATOM   309  N N   . TYR A 1 46  ? -6.917  3.260   -0.434  1.00 17.26 ? 46  TYR A N   1 
ATOM   310  C CA  . TYR A 1 46  ? -7.671  4.152   -1.328  1.00 18.93 ? 46  TYR A CA  1 
ATOM   311  C C   . TYR A 1 46  ? -7.071  4.058   -2.720  1.00 18.78 ? 46  TYR A C   1 
ATOM   312  O O   . TYR A 1 46  ? -5.857  4.199   -2.867  1.00 17.73 ? 46  TYR A O   1 
ATOM   313  C CB  . TYR A 1 46  ? -7.576  5.591   -0.820  1.00 18.84 ? 46  TYR A CB  1 
ATOM   314  C CG  . TYR A 1 46  ? -8.418  6.646   -1.539  1.00 23.87 ? 46  TYR A CG  1 
ATOM   315  C CD1 . TYR A 1 46  ? -9.629  6.335   -2.147  1.00 24.97 ? 46  TYR A CD1 1 
ATOM   316  C CD2 . TYR A 1 46  ? -7.997  7.980   -1.569  1.00 25.68 ? 46  TYR A CD2 1 
ATOM   317  C CE1 . TYR A 1 46  ? -10.389 7.314   -2.773  1.00 25.45 ? 46  TYR A CE1 1 
ATOM   318  C CE2 . TYR A 1 46  ? -8.737  8.959   -2.184  1.00 26.47 ? 46  TYR A CE2 1 
ATOM   319  C CZ  . TYR A 1 46  ? -9.933  8.638   -2.783  1.00 27.19 ? 46  TYR A CZ  1 
ATOM   320  O OH  . TYR A 1 46  ? -10.652 9.652   -3.389  1.00 25.72 ? 46  TYR A OH  1 
ATOM   321  N N   . ILE A 1 47  ? -7.891  3.784   -3.731  1.00 17.01 ? 47  ILE A N   1 
ATOM   322  C CA  . ILE A 1 47  ? -7.381  3.803   -5.110  1.00 17.93 ? 47  ILE A CA  1 
ATOM   323  C C   . ILE A 1 47  ? -7.925  5.071   -5.768  1.00 17.11 ? 47  ILE A C   1 
ATOM   324  O O   . ILE A 1 47  ? -9.147  5.221   -5.956  1.00 17.45 ? 47  ILE A O   1 
ATOM   325  C CB  . ILE A 1 47  ? -7.828  2.590   -5.938  1.00 17.40 ? 47  ILE A CB  1 
ATOM   326  C CG1 . ILE A 1 47  ? -7.488  1.257   -5.257  1.00 19.91 ? 47  ILE A CG1 1 
ATOM   327  C CG2 . ILE A 1 47  ? -7.229  2.674   -7.352  1.00 18.49 ? 47  ILE A CG2 1 
ATOM   328  C CD1 . ILE A 1 47  ? -5.986  1.022   -4.945  1.00 17.66 ? 47  ILE A CD1 1 
ATOM   329  N N   . THR A 1 48  ? -7.034  5.993   -6.119  1.00 16.40 ? 48  THR A N   1 
ATOM   330  C CA  . THR A 1 48  ? -7.477  7.266   -6.651  1.00 16.58 ? 48  THR A CA  1 
ATOM   331  C C   . THR A 1 48  ? -6.740  7.619   -7.934  1.00 17.17 ? 48  THR A C   1 
ATOM   332  O O   . THR A 1 48  ? -6.250  6.714   -8.625  1.00 16.81 ? 48  THR A O   1 
ATOM   333  C CB  . THR A 1 48  ? -7.379  8.356   -5.539  1.00 16.88 ? 48  THR A CB  1 
ATOM   334  O OG1 . THR A 1 48  ? -7.910  9.592   -6.003  1.00 16.94 ? 48  THR A OG1 1 
ATOM   335  C CG2 . THR A 1 48  ? -5.916  8.656   -5.150  1.00 16.58 ? 48  THR A CG2 1 
ATOM   336  N N   . ASP A 1 49  ? -6.685  8.905   -8.266  1.00 17.52 ? 49  ASP A N   1 
ATOM   337  C CA  . ASP A 1 49  ? -6.068  9.355   -9.524  1.00 17.52 ? 49  ASP A CA  1 
ATOM   338  C C   . ASP A 1 49  ? -4.835  10.221  -9.297  1.00 17.38 ? 49  ASP A C   1 
ATOM   339  O O   . ASP A 1 49  ? -4.496  10.545  -8.165  1.00 16.12 ? 49  ASP A O   1 
ATOM   340  C CB  . ASP A 1 49  ? -7.066  10.128  -10.390 1.00 18.11 ? 49  ASP A CB  1 
ATOM   341  C CG  . ASP A 1 49  ? -7.564  11.417  -9.726  1.00 19.96 ? 49  ASP A CG  1 
ATOM   342  O OD1 . ASP A 1 49  ? -7.083  11.806  -8.642  1.00 19.41 ? 49  ASP A OD1 1 
ATOM   343  O OD2 . ASP A 1 49  ? -8.464  12.116  -10.234 1.00 23.72 ? 49  ASP A OD2 1 
ATOM   344  N N   . ASP A 1 50  ? -4.178  10.616  -10.382 1.00 17.37 ? 50  ASP A N   1 
ATOM   345  C CA  . ASP A 1 50  ? -2.956  11.411  -10.279 1.00 18.26 ? 50  ASP A CA  1 
ATOM   346  C C   . ASP A 1 50  ? -3.168  12.774  -9.633  1.00 18.88 ? 50  ASP A C   1 
ATOM   347  O O   . ASP A 1 50  ? -2.299  13.259  -8.889  1.00 17.99 ? 50  ASP A O   1 
ATOM   348  C CB  . ASP A 1 50  ? -2.294  11.584  -11.659 1.00 18.03 ? 50  ASP A CB  1 
ATOM   349  C CG  . ASP A 1 50  ? -1.277  10.499  -11.942 1.00 19.45 ? 50  ASP A CG  1 
ATOM   350  O OD1 . ASP A 1 50  ? -1.120  9.599   -11.077 1.00 16.44 ? 50  ASP A OD1 1 
ATOM   351  O OD2 . ASP A 1 50  ? -0.586  10.452  -12.986 1.00 17.77 ? 50  ASP A OD2 1 
ATOM   352  N N   . GLN A 1 51  ? -4.313  13.398  -9.912  1.00 19.11 ? 51  GLN A N   1 
ATOM   353  C CA  . GLN A 1 51  ? -4.574  14.710  -9.344  1.00 20.45 ? 51  GLN A CA  1 
ATOM   354  C C   . GLN A 1 51  ? -4.695  14.645  -7.814  1.00 20.18 ? 51  GLN A C   1 
ATOM   355  O O   . GLN A 1 51  ? -4.137  15.472  -7.097  1.00 19.74 ? 51  GLN A O   1 
ATOM   356  C CB  . GLN A 1 51  ? -5.763  15.409  -10.033 1.00 21.30 ? 51  GLN A CB  1 
ATOM   357  C CG  . GLN A 1 51  ? -5.333  16.056  -11.363 1.00 25.91 ? 51  GLN A CG  1 
ATOM   358  C CD  . GLN A 1 51  ? -6.472  16.618  -12.235 1.00 31.98 ? 51  GLN A CD  1 
ATOM   359  O OE1 . GLN A 1 51  ? -7.453  17.186  -11.728 1.00 34.99 ? 51  GLN A OE1 1 
ATOM   360  N NE2 . GLN A 1 51  ? -6.317  16.490  -13.550 1.00 32.06 ? 51  GLN A NE2 1 
ATOM   361  N N   . GLU A 1 52  ? -5.396  13.648  -7.306  1.00 19.91 ? 52  GLU A N   1 
ATOM   362  C CA  . GLU A 1 52  ? -5.543  13.578  -5.865  1.00 20.48 ? 52  GLU A CA  1 
ATOM   363  C C   . GLU A 1 52  ? -4.239  13.196  -5.185  1.00 19.56 ? 52  GLU A C   1 
ATOM   364  O O   . GLU A 1 52  ? -3.868  13.781  -4.161  1.00 19.64 ? 52  GLU A O   1 
ATOM   365  C CB  . GLU A 1 52  ? -6.652  12.627  -5.458  1.00 20.59 ? 52  GLU A CB  1 
ATOM   366  C CG  . GLU A 1 52  ? -6.714  12.484  -3.952  1.00 25.31 ? 52  GLU A CG  1 
ATOM   367  C CD  . GLU A 1 52  ? -8.067  12.023  -3.453  1.00 30.36 ? 52  GLU A CD  1 
ATOM   368  O OE1 . GLU A 1 52  ? -8.807  11.355  -4.226  1.00 28.25 ? 52  GLU A OE1 1 
ATOM   369  O OE2 . GLU A 1 52  ? -8.374  12.345  -2.275  1.00 32.73 ? 52  GLU A OE2 1 
ATOM   370  N N   . ILE A 1 53  ? -3.521  12.236  -5.751  1.00 18.40 ? 53  ILE A N   1 
ATOM   371  C CA  . ILE A 1 53  ? -2.280  11.841  -5.105  1.00 17.98 ? 53  ILE A CA  1 
ATOM   372  C C   . ILE A 1 53  ? -1.270  12.992  -5.147  1.00 17.53 ? 53  ILE A C   1 
ATOM   373  O O   . ILE A 1 53  ? -0.465  13.167  -4.238  1.00 16.71 ? 53  ILE A O   1 
ATOM   374  C CB  . ILE A 1 53  ? -1.733  10.512  -5.663  1.00 18.28 ? 53  ILE A CB  1 
ATOM   375  C CG1 . ILE A 1 53  ? -0.996  9.753   -4.543  1.00 18.84 ? 53  ILE A CG1 1 
ATOM   376  C CG2 . ILE A 1 53  ? -0.858  10.740  -6.910  1.00 16.96 ? 53  ILE A CG2 1 
ATOM   377  C CD1 . ILE A 1 53  ? -0.870  8.285   -4.782  1.00 19.09 ? 53  ILE A CD1 1 
ATOM   378  N N   . ARG A 1 54  ? -1.387  13.847  -6.150  1.00 17.66 ? 54  ARG A N   1 
ATOM   379  C CA  . ARG A 1 54  ? -0.480  14.975  -6.237  1.00 18.04 ? 54  ARG A CA  1 
ATOM   380  C C   . ARG A 1 54  ? -0.722  15.948  -5.084  1.00 18.18 ? 54  ARG A C   1 
ATOM   381  O O   . ARG A 1 54  ? 0.229   16.415  -4.444  1.00 18.68 ? 54  ARG A O   1 
ATOM   382  C CB  . ARG A 1 54  ? -0.611  15.660  -7.596  1.00 18.19 ? 54  ARG A CB  1 
ATOM   383  C CG  . ARG A 1 54  ? 0.288   16.853  -7.792  1.00 18.07 ? 54  ARG A CG  1 
ATOM   384  C CD  . ARG A 1 54  ? -0.021  17.620  -9.060  1.00 20.36 ? 54  ARG A CD  1 
ATOM   385  N NE  . ARG A 1 54  ? 0.678   18.901  -9.122  1.00 20.17 ? 54  ARG A NE  1 
ATOM   386  C CZ  . ARG A 1 54  ? 0.993   19.506  -10.257 1.00 22.50 ? 54  ARG A CZ  1 
ATOM   387  N NH1 . ARG A 1 54  ? 0.674   18.938  -11.414 1.00 21.81 ? 54  ARG A NH1 1 
ATOM   388  N NH2 . ARG A 1 54  ? 1.633   20.671  -10.242 1.00 21.89 ? 54  ARG A NH2 1 
ATOM   389  N N   . GLU A 1 55  ? -1.985  16.260  -4.807  1.00 18.02 ? 55  GLU A N   1 
ATOM   390  C CA  . GLU A 1 55  ? -2.285  17.159  -3.699  1.00 18.18 ? 55  GLU A CA  1 
ATOM   391  C C   . GLU A 1 55  ? -1.723  16.548  -2.422  1.00 17.22 ? 55  GLU A C   1 
ATOM   392  O O   . GLU A 1 55  ? -1.144  17.247  -1.600  1.00 17.16 ? 55  GLU A O   1 
ATOM   393  C CB  . GLU A 1 55  ? -3.791  17.387  -3.513  1.00 17.94 ? 55  GLU A CB  1 
ATOM   394  C CG  . GLU A 1 55  ? -4.535  18.059  -4.649  1.00 21.45 ? 55  GLU A CG  1 
ATOM   395  C CD  . GLU A 1 55  ? -6.043  18.023  -4.439  1.00 24.71 ? 55  GLU A CD  1 
ATOM   396  O OE1 . GLU A 1 55  ? -6.492  17.369  -3.481  1.00 25.46 ? 55  GLU A OE1 1 
ATOM   397  O OE2 . GLU A 1 55  ? -6.791  18.622  -5.234  1.00 27.41 ? 55  GLU A OE2 1 
ATOM   398  N N   . LEU A 1 56  ? -1.898  15.243  -2.264  1.00 17.10 ? 56  LEU A N   1 
ATOM   399  C CA  . LEU A 1 56  ? -1.409  14.553  -1.071  1.00 16.82 ? 56  LEU A CA  1 
ATOM   400  C C   . LEU A 1 56  ? 0.116   14.638  -0.951  1.00 17.25 ? 56  LEU A C   1 
ATOM   401  O O   . LEU A 1 56  ? 0.657   14.950  0.125   1.00 17.08 ? 56  LEU A O   1 
ATOM   402  C CB  . LEU A 1 56  ? -1.856  13.098  -1.068  1.00 17.07 ? 56  LEU A CB  1 
ATOM   403  C CG  . LEU A 1 56  ? -3.355  12.881  -0.867  1.00 18.43 ? 56  LEU A CG  1 
ATOM   404  C CD1 . LEU A 1 56  ? -3.719  11.392  -1.029  1.00 16.68 ? 56  LEU A CD1 1 
ATOM   405  C CD2 . LEU A 1 56  ? -3.824  13.459  0.490   1.00 18.80 ? 56  LEU A CD2 1 
ATOM   406  N N   . ASN A 1 57  ? 0.799   14.379  -2.065  1.00 16.74 ? 57  ASN A N   1 
ATOM   407  C CA  . ASN A 1 57  ? 2.254   14.425  -2.121  1.00 16.31 ? 57  ASN A CA  1 
ATOM   408  C C   . ASN A 1 57  ? 2.750   15.816  -1.774  1.00 16.44 ? 57  ASN A C   1 
ATOM   409  O O   . ASN A 1 57  ? 3.742   15.983  -1.064  1.00 16.47 ? 57  ASN A O   1 
ATOM   410  C CB  . ASN A 1 57  ? 2.712   14.049  -3.529  1.00 15.66 ? 57  ASN A CB  1 
ATOM   411  C CG  . ASN A 1 57  ? 4.078   13.354  -3.559  1.00 16.34 ? 57  ASN A CG  1 
ATOM   412  O OD1 . ASN A 1 57  ? 4.623   12.916  -2.525  1.00 14.05 ? 57  ASN A OD1 1 
ATOM   413  N ND2 . ASN A 1 57  ? 4.619   13.223  -4.766  1.00 16.40 ? 57  ASN A ND2 1 
ATOM   414  N N   . LYS A 1 58  ? 2.049   16.831  -2.277  1.00 16.61 ? 58  LYS A N   1 
ATOM   415  C CA  . LYS A 1 58  ? 2.417   18.208  -1.984  1.00 16.45 ? 58  LYS A CA  1 
ATOM   416  C C   . LYS A 1 58  ? 2.212   18.534  -0.515  1.00 16.71 ? 58  LYS A C   1 
ATOM   417  O O   . LYS A 1 58  ? 3.088   19.092  0.148   1.00 16.39 ? 58  LYS A O   1 
ATOM   418  C CB  . LYS A 1 58  ? 1.572   19.171  -2.817  1.00 16.66 ? 58  LYS A CB  1 
ATOM   419  C CG  . LYS A 1 58  ? 1.938   20.651  -2.636  1.00 17.37 ? 58  LYS A CG  1 
ATOM   420  C CD  . LYS A 1 58  ? 1.201   21.568  -3.609  1.00 18.27 ? 58  LYS A CD  1 
ATOM   421  C CE  . LYS A 1 58  ? 1.859   22.966  -3.608  1.00 21.29 ? 58  LYS A CE  1 
ATOM   422  N NZ  . LYS A 1 58  ? 1.103   24.008  -4.362  1.00 20.97 ? 58  LYS A NZ  1 
ATOM   423  N N   . THR A 1 59  ? 1.036   18.198  -0.009  1.00 16.62 ? 59  THR A N   1 
ATOM   424  C CA  . THR A 1 59  ? 0.683   18.540  1.361   1.00 17.23 ? 59  THR A CA  1 
ATOM   425  C C   . THR A 1 59  ? 1.537   17.801  2.395   1.00 17.79 ? 59  THR A C   1 
ATOM   426  O O   . THR A 1 59  ? 2.061   18.407  3.348   1.00 17.22 ? 59  THR A O   1 
ATOM   427  C CB  . THR A 1 59  ? -0.816  18.235  1.583   1.00 17.25 ? 59  THR A CB  1 
ATOM   428  O OG1 . THR A 1 59  ? -1.604  19.242  0.930   1.00 18.43 ? 59  THR A OG1 1 
ATOM   429  C CG2 . THR A 1 59  ? -1.191  18.372  3.052   1.00 18.09 ? 59  THR A CG2 1 
ATOM   430  N N   . TYR A 1 60  ? 1.710   16.506  2.176   1.00 17.81 ? 60  TYR A N   1 
ATOM   431  C CA  . TYR A 1 60  ? 2.384   15.649  3.144   1.00 20.01 ? 60  TYR A CA  1 
ATOM   432  C C   . TYR A 1 60  ? 3.870   15.339  2.920   1.00 20.73 ? 60  TYR A C   1 
ATOM   433  O O   . TYR A 1 60  ? 4.534   14.803  3.812   1.00 21.67 ? 60  TYR A O   1 
ATOM   434  C CB  . TYR A 1 60  ? 1.603   14.339  3.273   1.00 19.44 ? 60  TYR A CB  1 
ATOM   435  C CG  . TYR A 1 60  ? 0.243   14.566  3.887   1.00 21.94 ? 60  TYR A CG  1 
ATOM   436  C CD1 . TYR A 1 60  ? -0.919  14.408  3.143   1.00 23.61 ? 60  TYR A CD1 1 
ATOM   437  C CD2 . TYR A 1 60  ? 0.123   15.003  5.200   1.00 26.25 ? 60  TYR A CD2 1 
ATOM   438  C CE1 . TYR A 1 60  ? -2.169  14.640  3.705   1.00 24.95 ? 60  TYR A CE1 1 
ATOM   439  C CE2 . TYR A 1 60  ? -1.122  15.247  5.769   1.00 27.87 ? 60  TYR A CE2 1 
ATOM   440  C CZ  . TYR A 1 60  ? -2.262  15.053  5.015   1.00 26.74 ? 60  TYR A CZ  1 
ATOM   441  O OH  . TYR A 1 60  ? -3.495  15.285  5.579   1.00 28.84 ? 60  TYR A OH  1 
ATOM   442  N N   . ARG A 1 61  ? 4.389   15.621  1.737   1.00 21.13 ? 61  ARG A N   1 
ATOM   443  C CA  . ARG A 1 61  ? 5.779   15.288  1.476   1.00 22.09 ? 61  ARG A CA  1 
ATOM   444  C C   . ARG A 1 61  ? 6.495   16.446  0.825   1.00 21.63 ? 61  ARG A C   1 
ATOM   445  O O   . ARG A 1 61  ? 7.669   16.357  0.511   1.00 21.34 ? 61  ARG A O   1 
ATOM   446  C CB  . ARG A 1 61  ? 5.886   14.032  0.604   1.00 22.62 ? 61  ARG A CB  1 
ATOM   447  C CG  . ARG A 1 61  ? 5.360   12.763  1.289   1.00 27.71 ? 61  ARG A CG  1 
ATOM   448  C CD  . ARG A 1 61  ? 6.068   11.483  0.881   1.00 35.53 ? 61  ARG A CD  1 
ATOM   449  N NE  . ARG A 1 61  ? 5.483   10.269  1.458   1.00 41.15 ? 61  ARG A NE  1 
ATOM   450  C CZ  . ARG A 1 61  ? 5.680   9.050   0.940   1.00 44.85 ? 61  ARG A CZ  1 
ATOM   451  N NH1 . ARG A 1 61  ? 6.446   8.916   -0.137  1.00 45.81 ? 61  ARG A NH1 1 
ATOM   452  N NH2 . ARG A 1 61  ? 5.106   7.969   1.478   1.00 45.50 ? 61  ARG A NH2 1 
ATOM   453  N N   . LYS A 1 62  ? 5.767   17.530  0.626   1.00 21.68 ? 62  LYS A N   1 
ATOM   454  C CA  . LYS A 1 62  ? 6.309   18.707  -0.017  1.00 22.18 ? 62  LYS A CA  1 
ATOM   455  C C   . LYS A 1 62  ? 6.910   18.363  -1.375  1.00 22.45 ? 62  LYS A C   1 
ATOM   456  O O   . LYS A 1 62  ? 7.960   18.873  -1.744  1.00 22.15 ? 62  LYS A O   1 
ATOM   457  C CB  . LYS A 1 62  ? 7.335   19.390  0.892   1.00 22.25 ? 62  LYS A CB  1 
ATOM   458  C CG  . LYS A 1 62  ? 6.779   19.709  2.278   1.00 22.83 ? 62  LYS A CG  1 
ATOM   459  C CD  . LYS A 1 62  ? 7.710   20.625  3.050   1.00 27.65 ? 62  LYS A CD  1 
ATOM   460  C CE  . LYS A 1 62  ? 7.096   21.061  4.377   1.00 28.30 ? 62  LYS A CE  1 
ATOM   461  N NZ  . LYS A 1 62  ? 7.919   22.138  4.983   1.00 28.74 ? 62  LYS A NZ  1 
ATOM   462  N N   . LYS A 1 63  ? 6.227   17.497  -2.115  1.00 22.42 ? 63  LYS A N   1 
ATOM   463  C CA  . LYS A 1 63  ? 6.642   17.141  -3.470  1.00 22.74 ? 63  LYS A CA  1 
ATOM   464  C C   . LYS A 1 63  ? 5.449   17.322  -4.399  1.00 22.14 ? 63  LYS A C   1 
ATOM   465  O O   . LYS A 1 63  ? 4.519   16.504  -4.422  1.00 20.92 ? 63  LYS A O   1 
ATOM   466  C CB  . LYS A 1 63  ? 7.180   15.705  -3.523  1.00 23.30 ? 63  LYS A CB  1 
ATOM   467  C CG  . LYS A 1 63  ? 8.604   15.585  -2.956  1.00 27.91 ? 63  LYS A CG  1 
ATOM   468  C CD  . LYS A 1 63  ? 9.011   14.121  -2.707  1.00 33.02 ? 63  LYS A CD  1 
ATOM   469  C CE  . LYS A 1 63  ? 10.513  14.006  -2.348  1.00 35.54 ? 63  LYS A CE  1 
ATOM   470  N NZ  . LYS A 1 63  ? 10.868  12.589  -1.996  1.00 37.32 ? 63  LYS A NZ  1 
ATOM   471  N N   . ASP A 1 64  ? 5.477   18.412  -5.153  1.00 21.26 ? 64  ASP A N   1 
ATOM   472  C CA  . ASP A 1 64  ? 4.375   18.763  -6.043  1.00 21.19 ? 64  ASP A CA  1 
ATOM   473  C C   . ASP A 1 64  ? 4.403   17.971  -7.341  1.00 20.92 ? 64  ASP A C   1 
ATOM   474  O O   . ASP A 1 64  ? 4.751   18.490  -8.395  1.00 20.42 ? 64  ASP A O   1 
ATOM   475  C CB  . ASP A 1 64  ? 4.387   20.270  -6.323  1.00 21.62 ? 64  ASP A CB  1 
ATOM   476  C CG  . ASP A 1 64  ? 3.120   20.749  -7.007  1.00 21.49 ? 64  ASP A CG  1 
ATOM   477  O OD1 . ASP A 1 64  ? 2.188   19.941  -7.196  1.00 21.00 ? 64  ASP A OD1 1 
ATOM   478  O OD2 . ASP A 1 64  ? 2.975   21.922  -7.388  1.00 21.70 ? 64  ASP A OD2 1 
ATOM   479  N N   . LYS A 1 65  ? 4.026   16.703  -7.247  1.00 20.92 ? 65  LYS A N   1 
ATOM   480  C CA  . LYS A 1 65  ? 3.957   15.835  -8.403  1.00 21.04 ? 65  LYS A CA  1 
ATOM   481  C C   . LYS A 1 65  ? 3.206   14.566  -8.019  1.00 20.33 ? 65  LYS A C   1 
ATOM   482  O O   . LYS A 1 65  ? 3.076   14.244  -6.836  1.00 20.25 ? 65  LYS A O   1 
ATOM   483  C CB  . LYS A 1 65  ? 5.358   15.485  -8.891  1.00 21.83 ? 65  LYS A CB  1 
ATOM   484  C CG  . LYS A 1 65  ? 6.211   14.729  -7.865  1.00 24.89 ? 65  LYS A CG  1 
ATOM   485  C CD  . LYS A 1 65  ? 7.630   14.519  -8.425  1.00 29.91 ? 65  LYS A CD  1 
ATOM   486  C CE  . LYS A 1 65  ? 8.700   14.611  -7.321  1.00 32.27 ? 65  LYS A CE  1 
ATOM   487  N NZ  . LYS A 1 65  ? 10.098  14.753  -7.860  1.00 32.58 ? 65  LYS A NZ  1 
ATOM   488  N N   . PRO A 1 66  ? 2.699   13.856  -9.013  1.00 19.55 ? 66  PRO A N   1 
ATOM   489  C CA  . PRO A 1 66  ? 1.999   12.594  -8.757  1.00 19.19 ? 66  PRO A CA  1 
ATOM   490  C C   . PRO A 1 66  ? 3.019   11.538  -8.379  1.00 18.38 ? 66  PRO A C   1 
ATOM   491  O O   . PRO A 1 66  ? 4.218   11.769  -8.567  1.00 17.56 ? 66  PRO A O   1 
ATOM   492  C CB  . PRO A 1 66  ? 1.387   12.237  -10.113 1.00 19.29 ? 66  PRO A CB  1 
ATOM   493  C CG  . PRO A 1 66  ? 1.584   13.459  -10.984 1.00 20.39 ? 66  PRO A CG  1 
ATOM   494  C CD  . PRO A 1 66  ? 2.747   14.209  -10.445 1.00 19.66 ? 66  PRO A CD  1 
ATOM   495  N N   . THR A 1 67  ? 2.553   10.427  -7.827  1.00 17.20 ? 67  THR A N   1 
ATOM   496  C CA  . THR A 1 67  ? 3.415   9.300   -7.506  1.00 17.27 ? 67  THR A CA  1 
ATOM   497  C C   . THR A 1 67  ? 2.570   8.029   -7.515  1.00 16.89 ? 67  THR A C   1 
ATOM   498  O O   . THR A 1 67  ? 1.354   8.098   -7.750  1.00 17.56 ? 67  THR A O   1 
ATOM   499  C CB  . THR A 1 67  ? 4.137   9.520   -6.155  1.00 17.02 ? 67  THR A CB  1 
ATOM   500  O OG1 . THR A 1 67  ? 5.096   8.476   -5.969  1.00 16.70 ? 67  THR A OG1 1 
ATOM   501  C CG2 . THR A 1 67  ? 3.151   9.345   -4.974  1.00 15.83 ? 67  THR A CG2 1 
ATOM   502  N N   . ASP A 1 68  ? 3.175   6.867   -7.306  1.00 16.54 ? 68  ASP A N   1 
ATOM   503  C CA  . ASP A 1 68  ? 2.393   5.622   -7.334  1.00 16.73 ? 68  ASP A CA  1 
ATOM   504  C C   . ASP A 1 68  ? 1.670   5.274   -6.024  1.00 17.09 ? 68  ASP A C   1 
ATOM   505  O O   . ASP A 1 68  ? 0.480   4.862   -6.022  1.00 15.83 ? 68  ASP A O   1 
ATOM   506  C CB  . ASP A 1 68  ? 3.253   4.440   -7.775  1.00 16.75 ? 68  ASP A CB  1 
ATOM   507  C CG  . ASP A 1 68  ? 4.584   4.338   -7.023  1.00 19.22 ? 68  ASP A CG  1 
ATOM   508  O OD1 . ASP A 1 68  ? 4.878   5.148   -6.088  1.00 15.18 ? 68  ASP A OD1 1 
ATOM   509  O OD2 . ASP A 1 68  ? 5.434   3.467   -7.366  1.00 20.84 ? 68  ASP A OD2 1 
ATOM   510  N N   . VAL A 1 69  ? 2.361   5.433   -4.904  1.00 16.27 ? 69  VAL A N   1 
ATOM   511  C CA  . VAL A 1 69  ? 1.731   5.068   -3.641  1.00 16.26 ? 69  VAL A CA  1 
ATOM   512  C C   . VAL A 1 69  ? 2.255   5.954   -2.502  1.00 16.71 ? 69  VAL A C   1 
ATOM   513  O O   . VAL A 1 69  ? 3.436   6.302   -2.469  1.00 16.66 ? 69  VAL A O   1 
ATOM   514  C CB  . VAL A 1 69  ? 2.027   3.566   -3.325  1.00 17.05 ? 69  VAL A CB  1 
ATOM   515  C CG1 . VAL A 1 69  ? 3.568   3.283   -3.261  1.00 17.72 ? 69  VAL A CG1 1 
ATOM   516  C CG2 . VAL A 1 69  ? 1.273   3.036   -2.054  1.00 17.69 ? 69  VAL A CG2 1 
ATOM   517  N N   . LEU A 1 70  ? 1.376   6.300   -1.569  1.00 15.03 ? 70  LEU A N   1 
ATOM   518  C CA  . LEU A 1 70  ? 1.780   7.004   -0.372  1.00 16.27 ? 70  LEU A CA  1 
ATOM   519  C C   . LEU A 1 70  ? 1.184   6.277   0.827   1.00 16.68 ? 70  LEU A C   1 
ATOM   520  O O   . LEU A 1 70  ? 0.068   5.747   0.743   1.00 17.18 ? 70  LEU A O   1 
ATOM   521  C CB  . LEU A 1 70  ? 1.319   8.450   -0.409  1.00 15.54 ? 70  LEU A CB  1 
ATOM   522  C CG  . LEU A 1 70  ? 2.036   9.354   -1.434  1.00 16.73 ? 70  LEU A CG  1 
ATOM   523  C CD1 . LEU A 1 70  ? 1.364   10.712  -1.451  1.00 17.55 ? 70  LEU A CD1 1 
ATOM   524  C CD2 . LEU A 1 70  ? 3.506   9.551   -1.115  1.00 17.83 ? 70  LEU A CD2 1 
ATOM   525  N N   . SER A 1 71  ? 1.910   6.231   1.934   1.00 17.05 ? 71  SER A N   1 
ATOM   526  C CA  . SER A 1 71  ? 1.353   5.605   3.132   1.00 19.22 ? 71  SER A CA  1 
ATOM   527  C C   . SER A 1 71  ? 1.287   6.612   4.286   1.00 19.28 ? 71  SER A C   1 
ATOM   528  O O   . SER A 1 71  ? 2.231   7.395   4.491   1.00 19.44 ? 71  SER A O   1 
ATOM   529  C CB  . SER A 1 71  ? 2.253   4.429   3.528   1.00 20.15 ? 71  SER A CB  1 
ATOM   530  O OG  . SER A 1 71  ? 3.451   5.015   4.039   1.00 27.44 ? 71  SER A OG  1 
ATOM   531  N N   . PHE A 1 72  ? 0.194   6.596   5.052   1.00 18.34 ? 72  PHE A N   1 
ATOM   532  C CA  . PHE A 1 72  ? -0.013  7.573   6.123   1.00 19.18 ? 72  PHE A CA  1 
ATOM   533  C C   . PHE A 1 72  ? -0.307  6.880   7.451   1.00 20.42 ? 72  PHE A C   1 
ATOM   534  O O   . PHE A 1 72  ? -1.416  6.401   7.646   1.00 19.79 ? 72  PHE A O   1 
ATOM   535  C CB  . PHE A 1 72  ? -1.211  8.476   5.786   1.00 19.40 ? 72  PHE A CB  1 
ATOM   536  C CG  . PHE A 1 72  ? -1.085  9.180   4.461   1.00 19.84 ? 72  PHE A CG  1 
ATOM   537  C CD1 . PHE A 1 72  ? -1.619  8.631   3.318   1.00 20.77 ? 72  PHE A CD1 1 
ATOM   538  C CD2 . PHE A 1 72  ? -0.383  10.350  4.356   1.00 21.57 ? 72  PHE A CD2 1 
ATOM   539  C CE1 . PHE A 1 72  ? -1.464  9.258   2.085   1.00 21.84 ? 72  PHE A CE1 1 
ATOM   540  C CE2 . PHE A 1 72  ? -0.242  10.991  3.120   1.00 21.87 ? 72  PHE A CE2 1 
ATOM   541  C CZ  . PHE A 1 72  ? -0.798  10.450  2.000   1.00 20.54 ? 72  PHE A CZ  1 
ATOM   542  N N   . PRO A 1 73  ? 0.664   6.812   8.359   1.00 21.27 ? 73  PRO A N   1 
ATOM   543  C CA  . PRO A 1 73  ? 0.432   6.175   9.664   1.00 21.71 ? 73  PRO A CA  1 
ATOM   544  C C   . PRO A 1 73  ? -0.501  6.966   10.545  1.00 21.89 ? 73  PRO A C   1 
ATOM   545  O O   . PRO A 1 73  ? -0.465  8.198   10.560  1.00 21.35 ? 73  PRO A O   1 
ATOM   546  C CB  . PRO A 1 73  ? 1.828   6.159   10.298  1.00 21.82 ? 73  PRO A CB  1 
ATOM   547  C CG  . PRO A 1 73  ? 2.509   7.355   9.687   1.00 22.88 ? 73  PRO A CG  1 
ATOM   548  C CD  . PRO A 1 73  ? 2.059   7.277   8.217   1.00 21.91 ? 73  PRO A CD  1 
ATOM   549  N N   . MET A 1 74  ? -1.346  6.248   11.281  1.00 21.97 ? 74  MET A N   1 
ATOM   550  C CA  . MET A 1 74  ? -2.248  6.852   12.233  1.00 22.38 ? 74  MET A CA  1 
ATOM   551  C C   . MET A 1 74  ? -1.741  6.328   13.577  1.00 23.12 ? 74  MET A C   1 
ATOM   552  O O   . MET A 1 74  ? -0.891  6.963   14.246  1.00 23.07 ? 74  MET A O   1 
ATOM   553  C CB  . MET A 1 74  ? -3.685  6.398   11.968  1.00 22.04 ? 74  MET A CB  1 
ATOM   554  C CG  . MET A 1 74  ? -4.292  6.980   10.701  1.00 24.65 ? 74  MET A CG  1 
ATOM   555  S SD  . MET A 1 74  ? -4.501  8.807   10.734  1.00 27.21 ? 74  MET A SD  1 
ATOM   556  C CE  . MET A 1 74  ? -4.068  9.228   9.078   1.00 27.93 ? 74  MET A CE  1 
ATOM   557  N N   . GLY A 1 75  ? -2.245  5.164   13.976  1.00 21.96 ? 75  GLY A N   1 
ATOM   558  C CA  . GLY A 1 75  ? -1.696  4.494   15.147  1.00 21.65 ? 75  GLY A CA  1 
ATOM   559  C C   . GLY A 1 75  ? -2.552  4.494   16.391  1.00 19.96 ? 75  GLY A C   1 
ATOM   560  O O   . GLY A 1 75  ? -2.221  3.809   17.349  1.00 20.49 ? 75  GLY A O   1 
ATOM   561  N N   . GLU A 1 76  ? -3.637  5.257   16.394  1.00 19.25 ? 76  GLU A N   1 
ATOM   562  C CA  . GLU A 1 76  ? -4.477  5.335   17.588  1.00 18.57 ? 76  GLU A CA  1 
ATOM   563  C C   . GLU A 1 76  ? -4.952  3.938   17.967  1.00 16.75 ? 76  GLU A C   1 
ATOM   564  O O   . GLU A 1 76  ? -5.194  3.113   17.097  1.00 15.76 ? 76  GLU A O   1 
ATOM   565  C CB  . GLU A 1 76  ? -5.687  6.252   17.337  1.00 19.68 ? 76  GLU A CB  1 
ATOM   566  C CG  . GLU A 1 76  ? -6.451  6.553   18.615  1.00 22.38 ? 76  GLU A CG  1 
ATOM   567  C CD  . GLU A 1 76  ? -7.370  7.766   18.508  1.00 27.73 ? 76  GLU A CD  1 
ATOM   568  O OE1 . GLU A 1 76  ? -7.715  8.161   17.378  1.00 31.51 ? 76  GLU A OE1 1 
ATOM   569  O OE2 . GLU A 1 76  ? -7.752  8.313   19.566  1.00 28.87 ? 76  GLU A OE2 1 
ATOM   570  N N   . GLU A 1 77  ? -5.076  3.670   19.257  1.00 15.10 ? 77  GLU A N   1 
ATOM   571  C CA  . GLU A 1 77  ? -5.531  2.360   19.738  1.00 15.61 ? 77  GLU A CA  1 
ATOM   572  C C   . GLU A 1 77  ? -6.819  2.519   20.517  1.00 15.28 ? 77  GLU A C   1 
ATOM   573  O O   . GLU A 1 77  ? -6.970  3.509   21.217  1.00 15.32 ? 77  GLU A O   1 
ATOM   574  C CB  . GLU A 1 77  ? -4.497  1.746   20.711  1.00 15.84 ? 77  GLU A CB  1 
ATOM   575  C CG  . GLU A 1 77  ? -3.169  1.405   20.048  1.00 18.78 ? 77  GLU A CG  1 
ATOM   576  C CD  . GLU A 1 77  ? -2.113  0.964   21.073  1.00 22.41 ? 77  GLU A CD  1 
ATOM   577  O OE1 . GLU A 1 77  ? -2.489  0.356   22.107  1.00 20.69 ? 77  GLU A OE1 1 
ATOM   578  O OE2 . GLU A 1 77  ? -0.904  1.238   20.846  1.00 22.19 ? 77  GLU A OE2 1 
ATOM   579  N N   . PHE A 1 78  ? -7.715  1.532   20.428  1.00 14.55 ? 78  PHE A N   1 
ATOM   580  C CA  . PHE A 1 78  ? -8.918  1.498   21.263  1.00 15.78 ? 78  PHE A CA  1 
ATOM   581  C C   . PHE A 1 78  ? -8.968  0.113   21.883  1.00 15.59 ? 78  PHE A C   1 
ATOM   582  O O   . PHE A 1 78  ? -9.274  -0.855  21.204  1.00 15.65 ? 78  PHE A O   1 
ATOM   583  C CB  . PHE A 1 78  ? -10.158 1.748   20.371  1.00 15.61 ? 78  PHE A CB  1 
ATOM   584  C CG  . PHE A 1 78  ? -10.219 3.133   19.845  1.00 15.90 ? 78  PHE A CG  1 
ATOM   585  C CD1 . PHE A 1 78  ? -9.605  3.467   18.672  1.00 17.51 ? 78  PHE A CD1 1 
ATOM   586  C CD2 . PHE A 1 78  ? -10.822 4.126   20.584  1.00 16.92 ? 78  PHE A CD2 1 
ATOM   587  C CE1 . PHE A 1 78  ? -9.654  4.777   18.193  1.00 19.41 ? 78  PHE A CE1 1 
ATOM   588  C CE2 . PHE A 1 78  ? -10.872 5.428   20.105  1.00 18.54 ? 78  PHE A CE2 1 
ATOM   589  C CZ  . PHE A 1 78  ? -10.275 5.747   18.923  1.00 14.55 ? 78  PHE A CZ  1 
ATOM   590  N N   . GLY A 1 79  ? -8.597  0.008   23.149  1.00 17.19 ? 79  GLY A N   1 
ATOM   591  C CA  . GLY A 1 79  ? -8.532  -1.276  23.835  1.00 18.87 ? 79  GLY A CA  1 
ATOM   592  C C   . GLY A 1 79  ? -7.991  -2.442  23.003  1.00 19.69 ? 79  GLY A C   1 
ATOM   593  O O   . GLY A 1 79  ? -8.667  -3.452  22.807  1.00 22.99 ? 79  GLY A O   1 
ATOM   594  N N   . GLY A 1 80  ? -6.795  -2.365  22.490  1.00 18.84 ? 80  GLY A N   1 
ATOM   595  C CA  . GLY A 1 80  ? -6.370  -3.540  21.743  1.00 19.41 ? 80  GLY A CA  1 
ATOM   596  C C   . GLY A 1 80  ? -6.593  -3.538  20.242  1.00 18.17 ? 80  GLY A C   1 
ATOM   597  O O   . GLY A 1 80  ? -5.906  -4.255  19.507  1.00 19.49 ? 80  GLY A O   1 
ATOM   598  N N   . TYR A 1 81  ? -7.552  -2.758  19.764  1.00 16.06 ? 81  TYR A N   1 
ATOM   599  C CA  . TYR A 1 81  ? -7.760  -2.598  18.317  1.00 15.55 ? 81  TYR A CA  1 
ATOM   600  C C   . TYR A 1 81  ? -6.859  -1.454  17.935  1.00 15.23 ? 81  TYR A C   1 
ATOM   601  O O   . TYR A 1 81  ? -6.896  -0.441  18.603  1.00 16.30 ? 81  TYR A O   1 
ATOM   602  C CB  . TYR A 1 81  ? -9.210  -2.159  18.089  1.00 15.13 ? 81  TYR A CB  1 
ATOM   603  C CG  . TYR A 1 81  ? -9.646  -1.895  16.678  1.00 14.63 ? 81  TYR A CG  1 
ATOM   604  C CD1 . TYR A 1 81  ? -9.970  -2.940  15.831  1.00 15.86 ? 81  TYR A CD1 1 
ATOM   605  C CD2 . TYR A 1 81  ? -9.811  -0.594  16.202  1.00 15.75 ? 81  TYR A CD2 1 
ATOM   606  C CE1 . TYR A 1 81  ? -10.403 -2.703  14.527  1.00 14.84 ? 81  TYR A CE1 1 
ATOM   607  C CE2 . TYR A 1 81  ? -10.265 -0.348  14.903  1.00 16.12 ? 81  TYR A CE2 1 
ATOM   608  C CZ  . TYR A 1 81  ? -10.571 -1.423  14.078  1.00 14.21 ? 81  TYR A CZ  1 
ATOM   609  O OH  . TYR A 1 81  ? -11.024 -1.235  12.797  1.00 14.41 ? 81  TYR A OH  1 
ATOM   610  N N   . LYS A 1 82  ? -6.044  -1.589  16.900  1.00 15.48 ? 82  LYS A N   1 
ATOM   611  C CA  . LYS A 1 82  ? -5.123  -0.506  16.536  1.00 16.85 ? 82  LYS A CA  1 
ATOM   612  C C   . LYS A 1 82  ? -5.295  -0.101  15.061  1.00 16.88 ? 82  LYS A C   1 
ATOM   613  O O   . LYS A 1 82  ? -5.379  -0.964  14.192  1.00 17.06 ? 82  LYS A O   1 
ATOM   614  C CB  . LYS A 1 82  ? -3.677  -0.924  16.779  1.00 17.73 ? 82  LYS A CB  1 
ATOM   615  C CG  . LYS A 1 82  ? -2.615  0.219   16.578  1.00 20.42 ? 82  LYS A CG  1 
ATOM   616  C CD  . LYS A 1 82  ? -1.255  -0.235  17.170  1.00 21.78 ? 82  LYS A CD  1 
ATOM   617  C CE  . LYS A 1 82  ? -0.157  0.811   17.065  1.00 19.53 ? 82  LYS A CE  1 
ATOM   618  N NZ  . LYS A 1 82  ? -0.382  1.928   17.976  1.00 22.62 ? 82  LYS A NZ  1 
ATOM   619  N N   . ILE A 1 83  ? -5.400  1.199   14.810  1.00 16.42 ? 83  ILE A N   1 
ATOM   620  C CA  . ILE A 1 83  ? -5.545  1.732   13.450  1.00 16.93 ? 83  ILE A CA  1 
ATOM   621  C C   . ILE A 1 83  ? -4.163  1.951   12.861  1.00 18.16 ? 83  ILE A C   1 
ATOM   622  O O   . ILE A 1 83  ? -3.387  2.791   13.365  1.00 18.46 ? 83  ILE A O   1 
ATOM   623  C CB  . ILE A 1 83  ? -6.346  3.025   13.499  1.00 17.70 ? 83  ILE A CB  1 
ATOM   624  C CG1 . ILE A 1 83  ? -7.731  2.732   14.137  1.00 17.53 ? 83  ILE A CG1 1 
ATOM   625  C CG2 . ILE A 1 83  ? -6.510  3.619   12.054  1.00 17.12 ? 83  ILE A CG2 1 
ATOM   626  C CD1 . ILE A 1 83  ? -8.224  3.844   15.058  1.00 19.12 ? 83  ILE A CD1 1 
ATOM   627  N N   . LEU A 1 84  ? -3.824  1.173   11.847  1.00 17.52 ? 84  LEU A N   1 
ATOM   628  C CA  . LEU A 1 84  ? -2.482  1.241   11.273  1.00 19.24 ? 84  LEU A CA  1 
ATOM   629  C C   . LEU A 1 84  ? -2.345  2.477   10.425  1.00 19.77 ? 84  LEU A C   1 
ATOM   630  O O   . LEU A 1 84  ? -1.336  3.206   10.516  1.00 19.02 ? 84  LEU A O   1 
ATOM   631  C CB  . LEU A 1 84  ? -2.183  0.042   10.407  1.00 19.50 ? 84  LEU A CB  1 
ATOM   632  C CG  . LEU A 1 84  ? -2.086  -1.367  10.973  1.00 22.12 ? 84  LEU A CG  1 
ATOM   633  C CD1 . LEU A 1 84  ? -1.445  -2.247  9.866   1.00 26.96 ? 84  LEU A CD1 1 
ATOM   634  C CD2 . LEU A 1 84  ? -1.286  -1.388  12.305  1.00 24.72 ? 84  LEU A CD2 1 
ATOM   635  N N   . GLY A 1 85  ? -3.368  2.730   9.609   1.00 18.69 ? 85  GLY A N   1 
ATOM   636  C CA  . GLY A 1 85  ? -3.383  3.936   8.815   1.00 19.53 ? 85  GLY A CA  1 
ATOM   637  C C   . GLY A 1 85  ? -3.812  3.680   7.389   1.00 19.88 ? 85  GLY A C   1 
ATOM   638  O O   . GLY A 1 85  ? -4.503  2.685   7.103   1.00 19.89 ? 85  GLY A O   1 
ATOM   639  N N   . ASP A 1 86  ? -3.399  4.573   6.497   1.00 19.28 ? 86  ASP A N   1 
ATOM   640  C CA  . ASP A 1 86  ? -3.870  4.521   5.117   1.00 19.27 ? 86  ASP A CA  1 
ATOM   641  C C   . ASP A 1 86  ? -2.795  4.253   4.089   1.00 18.06 ? 86  ASP A C   1 
ATOM   642  O O   . ASP A 1 86  ? -1.679  4.739   4.217   1.00 16.34 ? 86  ASP A O   1 
ATOM   643  C CB  . ASP A 1 86  ? -4.462  5.875   4.714   1.00 19.69 ? 86  ASP A CB  1 
ATOM   644  C CG  . ASP A 1 86  ? -5.548  6.340   5.651   1.00 23.69 ? 86  ASP A CG  1 
ATOM   645  O OD1 . ASP A 1 86  ? -6.277  5.482   6.162   1.00 25.23 ? 86  ASP A OD1 1 
ATOM   646  O OD2 . ASP A 1 86  ? -5.711  7.539   5.942   1.00 28.07 ? 86  ASP A OD2 1 
ATOM   647  N N   . VAL A 1 87  ? -3.189  3.558   3.031   1.00 17.44 ? 87  VAL A N   1 
ATOM   648  C CA  . VAL A 1 87  ? -2.334  3.383   1.844   1.00 17.54 ? 87  VAL A CA  1 
ATOM   649  C C   . VAL A 1 87  ? -3.134  3.969   0.690   1.00 17.40 ? 87  VAL A C   1 
ATOM   650  O O   . VAL A 1 87  ? -4.291  3.592   0.494   1.00 18.14 ? 87  VAL A O   1 
ATOM   651  C CB  . VAL A 1 87  ? -2.058  1.928   1.531   1.00 16.90 ? 87  VAL A CB  1 
ATOM   652  C CG1 . VAL A 1 87  ? -1.352  1.811   0.192   1.00 18.96 ? 87  VAL A CG1 1 
ATOM   653  C CG2 . VAL A 1 87  ? -1.154  1.318   2.639   1.00 18.18 ? 87  VAL A CG2 1 
ATOM   654  N N   . VAL A 1 88  ? -2.538  4.899   -0.055  1.00 17.03 ? 88  VAL A N   1 
ATOM   655  C CA  . VAL A 1 88  ? -3.239  5.556   -1.156  1.00 15.58 ? 88  VAL A CA  1 
ATOM   656  C C   . VAL A 1 88  ? -2.434  5.294   -2.435  1.00 16.75 ? 88  VAL A C   1 
ATOM   657  O O   . VAL A 1 88  ? -1.237  5.621   -2.477  1.00 15.88 ? 88  VAL A O   1 
ATOM   658  C CB  . VAL A 1 88  ? -3.289  7.080   -0.912  1.00 16.15 ? 88  VAL A CB  1 
ATOM   659  C CG1 . VAL A 1 88  ? -4.020  7.805   -2.068  1.00 14.79 ? 88  VAL A CG1 1 
ATOM   660  C CG2 . VAL A 1 88  ? -3.961  7.380   0.424   1.00 16.96 ? 88  VAL A CG2 1 
ATOM   661  N N   . ILE A 1 89  ? -3.104  4.768   -3.479  1.00 15.96 ? 89  ILE A N   1 
ATOM   662  C CA  . ILE A 1 89  ? -2.454  4.393   -4.723  1.00 16.15 ? 89  ILE A CA  1 
ATOM   663  C C   . ILE A 1 89  ? -3.114  5.113   -5.885  1.00 16.07 ? 89  ILE A C   1 
ATOM   664  O O   . ILE A 1 89  ? -4.338  5.235   -5.914  1.00 16.91 ? 89  ILE A O   1 
ATOM   665  C CB  . ILE A 1 89  ? -2.658  2.878   -4.914  1.00 16.54 ? 89  ILE A CB  1 
ATOM   666  C CG1 . ILE A 1 89  ? -1.787  2.144   -3.888  1.00 16.70 ? 89  ILE A CG1 1 
ATOM   667  C CG2 . ILE A 1 89  ? -2.344  2.462   -6.375  1.00 17.71 ? 89  ILE A CG2 1 
ATOM   668  C CD1 . ILE A 1 89  ? -2.074  0.645   -3.754  1.00 18.94 ? 89  ILE A CD1 1 
ATOM   669  N N   . SER A 1 90  ? -2.327  5.589   -6.831  1.00 15.99 ? 90  SER A N   1 
ATOM   670  C CA  . SER A 1 90  ? -2.916  6.206   -8.004  1.00 16.52 ? 90  SER A CA  1 
ATOM   671  C C   . SER A 1 90  ? -3.014  5.159   -9.097  1.00 17.12 ? 90  SER A C   1 
ATOM   672  O O   . SER A 1 90  ? -1.999  4.607   -9.555  1.00 16.43 ? 90  SER A O   1 
ATOM   673  C CB  . SER A 1 90  ? -2.069  7.359   -8.543  1.00 16.48 ? 90  SER A CB  1 
ATOM   674  O OG  . SER A 1 90  ? -2.602  7.757   -9.823  1.00 16.16 ? 90  SER A OG  1 
ATOM   675  N N   . GLN A 1 91  ? -4.236  4.901   -9.530  1.00 17.66 ? 91  GLN A N   1 
ATOM   676  C CA  . GLN A 1 91  ? -4.430  4.021   -10.663 1.00 18.31 ? 91  GLN A CA  1 
ATOM   677  C C   . GLN A 1 91  ? -3.732  4.545   -11.912 1.00 18.22 ? 91  GLN A C   1 
ATOM   678  O O   . GLN A 1 91  ? -3.217  3.770   -12.700 1.00 18.84 ? 91  GLN A O   1 
ATOM   679  C CB  . GLN A 1 91  ? -5.933  3.829   -10.950 1.00 17.94 ? 91  GLN A CB  1 
ATOM   680  C CG  . GLN A 1 91  ? -6.178  2.889   -12.106 1.00 17.88 ? 91  GLN A CG  1 
ATOM   681  C CD  . GLN A 1 91  ? -7.666  2.758   -12.411 1.00 18.47 ? 91  GLN A CD  1 
ATOM   682  O OE1 . GLN A 1 91  ? -8.188  3.360   -13.364 1.00 19.22 ? 91  GLN A OE1 1 
ATOM   683  N NE2 . GLN A 1 91  ? -8.335  1.981   -11.610 1.00 13.93 ? 91  GLN A NE2 1 
ATOM   684  N N   . ASP A 1 92  ? -3.756  5.861   -12.114 1.00 18.60 ? 92  ASP A N   1 
ATOM   685  C CA  . ASP A 1 92  ? -3.143  6.468   -13.290 1.00 18.57 ? 92  ASP A CA  1 
ATOM   686  C C   . ASP A 1 92  ? -1.663  6.126   -13.375 1.00 17.99 ? 92  ASP A C   1 
ATOM   687  O O   . ASP A 1 92  ? -1.149  5.753   -14.434 1.00 16.72 ? 92  ASP A O   1 
ATOM   688  C CB  . ASP A 1 92  ? -3.233  7.984   -13.232 1.00 19.00 ? 92  ASP A CB  1 
ATOM   689  C CG  . ASP A 1 92  ? -4.643  8.507   -13.375 1.00 23.07 ? 92  ASP A CG  1 
ATOM   690  O OD1 . ASP A 1 92  ? -5.540  7.772   -13.889 1.00 24.40 ? 92  ASP A OD1 1 
ATOM   691  O OD2 . ASP A 1 92  ? -4.930  9.664   -12.997 1.00 22.86 ? 92  ASP A OD2 1 
ATOM   692  N N   . THR A 1 93  ? -0.963  6.305   -12.265 1.00 17.21 ? 93  THR A N   1 
ATOM   693  C CA  . THR A 1 93  ? 0.459   6.034   -12.263 1.00 17.37 ? 93  THR A CA  1 
ATOM   694  C C   . THR A 1 93  ? 0.708   4.552   -12.311 1.00 17.00 ? 93  THR A C   1 
ATOM   695  O O   . THR A 1 93  ? 1.603   4.122   -13.015 1.00 17.25 ? 93  THR A O   1 
ATOM   696  C CB  . THR A 1 93  ? 1.141   6.682   -11.043 1.00 17.53 ? 93  THR A CB  1 
ATOM   697  O OG1 . THR A 1 93  ? 1.179   8.095   -11.258 1.00 17.98 ? 93  THR A OG1 1 
ATOM   698  C CG2 . THR A 1 93  ? 2.634   6.283   -10.971 1.00 17.55 ? 93  THR A CG2 1 
ATOM   699  N N   . ALA A 1 94  ? -0.094  3.777   -11.578 1.00 16.78 ? 94  ALA A N   1 
ATOM   700  C CA  . ALA A 1 94  ? 0.028   2.321   -11.584 1.00 16.83 ? 94  ALA A CA  1 
ATOM   701  C C   . ALA A 1 94  ? -0.082  1.777   -13.022 1.00 17.23 ? 94  ALA A C   1 
ATOM   702  O O   . ALA A 1 94  ? 0.667   0.876   -13.418 1.00 16.71 ? 94  ALA A O   1 
ATOM   703  C CB  . ALA A 1 94  ? -1.070  1.697   -10.683 1.00 17.56 ? 94  ALA A CB  1 
ATOM   704  N N   . GLU A 1 95  ? -1.011  2.326   -13.806 1.00 17.40 ? 95  GLU A N   1 
ATOM   705  C CA  . GLU A 1 95  ? -1.174  1.849   -15.192 1.00 18.28 ? 95  GLU A CA  1 
ATOM   706  C C   . GLU A 1 95  ? 0.085   2.087   -16.023 1.00 17.68 ? 95  GLU A C   1 
ATOM   707  O O   . GLU A 1 95  ? 0.493   1.218   -16.795 1.00 16.57 ? 95  GLU A O   1 
ATOM   708  C CB  . GLU A 1 95  ? -2.388  2.480   -15.886 1.00 19.15 ? 95  GLU A CB  1 
ATOM   709  C CG  . GLU A 1 95  ? -3.741  1.935   -15.432 1.00 22.29 ? 95  GLU A CG  1 
ATOM   710  C CD  . GLU A 1 95  ? -4.887  2.616   -16.174 1.00 28.45 ? 95  GLU A CD  1 
ATOM   711  O OE1 . GLU A 1 95  ? -4.962  3.868   -16.097 1.00 29.10 ? 95  GLU A OE1 1 
ATOM   712  O OE2 . GLU A 1 95  ? -5.679  1.912   -16.856 1.00 27.77 ? 95  GLU A OE2 1 
ATOM   713  N N   . ARG A 1 96  ? 0.694   3.259   -15.856 1.00 17.42 ? 96  ARG A N   1 
ATOM   714  C CA  . ARG A 1 96  ? 1.893   3.599   -16.619 1.00 18.53 ? 96  ARG A CA  1 
ATOM   715  C C   . ARG A 1 96  ? 3.051   2.717   -16.229 1.00 17.90 ? 96  ARG A C   1 
ATOM   716  O O   . ARG A 1 96  ? 3.840   2.309   -17.082 1.00 17.93 ? 96  ARG A O   1 
ATOM   717  C CB  . ARG A 1 96  ? 2.306   5.067   -16.439 1.00 19.16 ? 96  ARG A CB  1 
ATOM   718  C CG  . ARG A 1 96  ? 1.407   6.080   -17.128 1.00 23.68 ? 96  ARG A CG  1 
ATOM   719  C CD  . ARG A 1 96  ? 1.868   7.534   -16.961 1.00 29.98 ? 96  ARG A CD  1 
ATOM   720  N NE  . ARG A 1 96  ? 0.715   8.405   -16.738 1.00 34.04 ? 96  ARG A NE  1 
ATOM   721  C CZ  . ARG A 1 96  ? 0.439   8.997   -15.574 1.00 35.62 ? 96  ARG A CZ  1 
ATOM   722  N NH1 . ARG A 1 96  ? 1.247   8.852   -14.534 1.00 33.86 ? 96  ARG A NH1 1 
ATOM   723  N NH2 . ARG A 1 96  ? -0.642  9.759   -15.464 1.00 38.30 ? 96  ARG A NH2 1 
ATOM   724  N N   . GLN A 1 97  ? 3.175   2.450   -14.933 1.00 17.08 ? 97  GLN A N   1 
ATOM   725  C CA  . GLN A 1 97  ? 4.269   1.617   -14.454 1.00 17.19 ? 97  GLN A CA  1 
ATOM   726  C C   . GLN A 1 97  ? 4.084   0.195   -14.933 1.00 16.74 ? 97  GLN A C   1 
ATOM   727  O O   . GLN A 1 97  ? 5.032   -0.463  -15.384 1.00 16.84 ? 97  GLN A O   1 
ATOM   728  C CB  . GLN A 1 97  ? 4.406   1.690   -12.906 1.00 16.94 ? 97  GLN A CB  1 
ATOM   729  C CG  . GLN A 1 97  ? 5.044   2.998   -12.465 1.00 16.94 ? 97  GLN A CG  1 
ATOM   730  C CD  . GLN A 1 97  ? 5.111   3.225   -10.947 1.00 18.16 ? 97  GLN A CD  1 
ATOM   731  O OE1 . GLN A 1 97  ? 4.771   2.348   -10.129 1.00 18.40 ? 97  GLN A OE1 1 
ATOM   732  N NE2 . GLN A 1 97  ? 5.568   4.405   -10.580 1.00 11.69 ? 97  GLN A NE2 1 
ATOM   733  N N   . ALA A 1 98  ? 2.853   -0.278  -14.844 1.00 16.67 ? 98  ALA A N   1 
ATOM   734  C CA  . ALA A 1 98  ? 2.548   -1.620  -15.313 1.00 16.92 ? 98  ALA A CA  1 
ATOM   735  C C   . ALA A 1 98  ? 2.949   -1.712  -16.782 1.00 16.26 ? 98  ALA A C   1 
ATOM   736  O O   . ALA A 1 98  ? 3.540   -2.695  -17.192 1.00 16.25 ? 98  ALA A O   1 
ATOM   737  C CB  . ALA A 1 98  ? 1.039   -1.941  -15.139 1.00 16.58 ? 98  ALA A CB  1 
ATOM   738  N N   . ARG A 1 99  ? 2.654   -0.667  -17.551 1.00 16.85 ? 99  ARG A N   1 
ATOM   739  C CA  . ARG A 1 99  ? 3.009   -0.637  -18.989 1.00 18.34 ? 99  ARG A CA  1 
ATOM   740  C C   . ARG A 1 99  ? 4.533   -0.683  -19.134 1.00 18.80 ? 99  ARG A C   1 
ATOM   741  O O   . ARG A 1 99  ? 5.070   -1.458  -19.923 1.00 18.15 ? 99  ARG A O   1 
ATOM   742  C CB  . ARG A 1 99  ? 2.436   0.623   -19.661 1.00 18.18 ? 99  ARG A CB  1 
ATOM   743  C CG  . ARG A 1 99  ? 2.877   0.849   -21.108 1.00 22.84 ? 99  ARG A CG  1 
ATOM   744  C CD  . ARG A 1 99  ? 2.133   1.983   -21.851 1.00 27.76 ? 99  ARG A CD  1 
ATOM   745  N NE  . ARG A 1 99  ? 2.622   3.314   -21.474 1.00 31.98 ? 99  ARG A NE  1 
ATOM   746  C CZ  . ARG A 1 99  ? 1.876   4.257   -20.894 1.00 32.33 ? 99  ARG A CZ  1 
ATOM   747  N NH1 . ARG A 1 99  ? 0.591   4.028   -20.639 1.00 32.36 ? 99  ARG A NH1 1 
ATOM   748  N NH2 . ARG A 1 99  ? 2.414   5.438   -20.591 1.00 31.61 ? 99  ARG A NH2 1 
ATOM   749  N N   . GLU A 1 100 ? 5.226   0.133   -18.347 1.00 19.96 ? 100 GLU A N   1 
ATOM   750  C CA  . GLU A 1 100 ? 6.687   0.197   -18.424 1.00 22.32 ? 100 GLU A CA  1 
ATOM   751  C C   . GLU A 1 100 ? 7.339   -1.098  -17.958 1.00 21.99 ? 100 GLU A C   1 
ATOM   752  O O   . GLU A 1 100 ? 8.355   -1.514  -18.501 1.00 22.41 ? 100 GLU A O   1 
ATOM   753  C CB  . GLU A 1 100 ? 7.216   1.394   -17.614 1.00 22.82 ? 100 GLU A CB  1 
ATOM   754  C CG  . GLU A 1 100 ? 6.616   2.711   -18.097 1.00 28.24 ? 100 GLU A CG  1 
ATOM   755  C CD  . GLU A 1 100 ? 6.885   3.924   -17.201 1.00 33.43 ? 100 GLU A CD  1 
ATOM   756  O OE1 . GLU A 1 100 ? 7.015   3.784   -15.953 1.00 33.76 ? 100 GLU A OE1 1 
ATOM   757  O OE2 . GLU A 1 100 ? 6.942   5.043   -17.776 1.00 35.47 ? 100 GLU A OE2 1 
ATOM   758  N N   . LEU A 1 101 ? 6.742   -1.758  -16.984 1.00 22.13 ? 101 LEU A N   1 
ATOM   759  C CA  . LEU A 1 101 ? 7.353   -2.958  -16.423 1.00 22.60 ? 101 LEU A CA  1 
ATOM   760  C C   . LEU A 1 101 ? 6.960   -4.256  -17.101 1.00 23.02 ? 101 LEU A C   1 
ATOM   761  O O   . LEU A 1 101 ? 7.568   -5.303  -16.860 1.00 23.19 ? 101 LEU A O   1 
ATOM   762  C CB  . LEU A 1 101 ? 7.065   -3.055  -14.941 1.00 22.70 ? 101 LEU A CB  1 
ATOM   763  C CG  . LEU A 1 101 ? 7.746   -1.972  -14.117 1.00 23.00 ? 101 LEU A CG  1 
ATOM   764  C CD1 . LEU A 1 101 ? 7.169   -1.968  -12.707 1.00 22.81 ? 101 LEU A CD1 1 
ATOM   765  C CD2 . LEU A 1 101 ? 9.277   -2.177  -14.130 1.00 23.70 ? 101 LEU A CD2 1 
ATOM   766  N N   . GLY A 1 102 ? 5.935   -4.194  -17.936 1.00 22.70 ? 102 GLY A N   1 
ATOM   767  C CA  . GLY A 1 102 ? 5.512   -5.373  -18.654 1.00 22.54 ? 102 GLY A CA  1 
ATOM   768  C C   . GLY A 1 102 ? 4.648   -6.327  -17.851 1.00 21.69 ? 102 GLY A C   1 
ATOM   769  O O   . GLY A 1 102 ? 4.720   -7.540  -18.056 1.00 21.74 ? 102 GLY A O   1 
ATOM   770  N N   . HIS A 1 103 ? 3.851   -5.809  -16.924 1.00 20.82 ? 103 HIS A N   1 
ATOM   771  C CA  . HIS A 1 103 ? 2.889   -6.675  -16.238 1.00 20.35 ? 103 HIS A CA  1 
ATOM   772  C C   . HIS A 1 103 ? 1.492   -6.063  -16.155 1.00 19.56 ? 103 HIS A C   1 
ATOM   773  O O   . HIS A 1 103 ? 1.284   -4.953  -16.593 1.00 19.35 ? 103 HIS A O   1 
ATOM   774  C CB  . HIS A 1 103 ? 3.369   -7.177  -14.858 1.00 20.43 ? 103 HIS A CB  1 
ATOM   775  C CG  . HIS A 1 103 ? 3.782   -6.105  -13.894 1.00 21.21 ? 103 HIS A CG  1 
ATOM   776  N ND1 . HIS A 1 103 ? 5.055   -6.042  -13.369 1.00 21.91 ? 103 HIS A ND1 1 
ATOM   777  C CD2 . HIS A 1 103 ? 3.085   -5.100  -13.306 1.00 21.75 ? 103 HIS A CD2 1 
ATOM   778  C CE1 . HIS A 1 103 ? 5.134   -5.040  -12.510 1.00 20.88 ? 103 HIS A CE1 1 
ATOM   779  N NE2 . HIS A 1 103 ? 3.956   -4.442  -12.462 1.00 20.39 ? 103 HIS A NE2 1 
ATOM   780  N N   . SER A 1 104 ? 0.545   -6.793  -15.581 1.00 19.03 ? 104 SER A N   1 
ATOM   781  C CA  . SER A 1 104 ? -0.830  -6.298  -15.515 1.00 18.20 ? 104 SER A CA  1 
ATOM   782  C C   . SER A 1 104 ? -1.031  -5.172  -14.502 1.00 17.35 ? 104 SER A C   1 
ATOM   783  O O   . SER A 1 104 ? -0.226  -4.977  -13.596 1.00 15.75 ? 104 SER A O   1 
ATOM   784  C CB  . SER A 1 104 ? -1.798  -7.445  -15.229 1.00 18.68 ? 104 SER A CB  1 
ATOM   785  O OG  . SER A 1 104 ? -1.683  -7.875  -13.882 1.00 16.16 ? 104 SER A OG  1 
ATOM   786  N N   . LEU A 1 105 ? -2.107  -4.418  -14.681 1.00 17.21 ? 105 LEU A N   1 
ATOM   787  C CA  . LEU A 1 105 ? -2.481  -3.402  -13.701 1.00 17.11 ? 105 LEU A CA  1 
ATOM   788  C C   . LEU A 1 105 ? -2.732  -4.056  -12.338 1.00 17.39 ? 105 LEU A C   1 
ATOM   789  O O   . LEU A 1 105 ? -2.327  -3.525  -11.272 1.00 15.95 ? 105 LEU A O   1 
ATOM   790  C CB  . LEU A 1 105 ? -3.722  -2.638  -14.157 1.00 16.91 ? 105 LEU A CB  1 
ATOM   791  C CG  . LEU A 1 105 ? -4.312  -1.673  -13.116 1.00 16.22 ? 105 LEU A CG  1 
ATOM   792  C CD1 . LEU A 1 105 ? -3.308  -0.612  -12.794 1.00 15.78 ? 105 LEU A CD1 1 
ATOM   793  C CD2 . LEU A 1 105 ? -5.579  -1.020  -13.679 1.00 17.48 ? 105 LEU A CD2 1 
ATOM   794  N N   . GLU A 1 106 ? -3.386  -5.213  -12.363 1.00 17.63 ? 106 GLU A N   1 
ATOM   795  C CA  . GLU A 1 106 ? -3.679  -5.913  -11.109 1.00 17.77 ? 106 GLU A CA  1 
ATOM   796  C C   . GLU A 1 106 ? -2.385  -6.264  -10.429 1.00 18.03 ? 106 GLU A C   1 
ATOM   797  O O   . GLU A 1 106 ? -2.264  -6.100  -9.225  1.00 17.74 ? 106 GLU A O   1 
ATOM   798  C CB  . GLU A 1 106 ? -4.489  -7.194  -11.317 1.00 18.25 ? 106 GLU A CB  1 
ATOM   799  C CG  . GLU A 1 106 ? -5.890  -6.917  -11.812 1.00 20.15 ? 106 GLU A CG  1 
ATOM   800  C CD  . GLU A 1 106 ? -6.826  -8.115  -11.726 1.00 23.93 ? 106 GLU A CD  1 
ATOM   801  O OE1 . GLU A 1 106 ? -6.458  -9.160  -11.138 1.00 23.48 ? 106 GLU A OE1 1 
ATOM   802  O OE2 . GLU A 1 106 ? -7.944  -8.002  -12.266 1.00 21.71 ? 106 GLU A OE2 1 
ATOM   803  N N   . GLU A 1 107 ? -1.412  -6.743  -11.201 1.00 18.24 ? 107 GLU A N   1 
ATOM   804  C CA  . GLU A 1 107 ? -0.142  -7.091  -10.592 1.00 19.30 ? 107 GLU A CA  1 
ATOM   805  C C   . GLU A 1 107 ? 0.520   -5.847  -9.984  1.00 18.22 ? 107 GLU A C   1 
ATOM   806  O O   . GLU A 1 107 ? 1.068   -5.915  -8.876  1.00 18.37 ? 107 GLU A O   1 
ATOM   807  C CB  . GLU A 1 107 ? 0.791   -7.779  -11.586 1.00 19.69 ? 107 GLU A CB  1 
ATOM   808  C CG  . GLU A 1 107 ? 2.169   -8.089  -11.003 1.00 23.72 ? 107 GLU A CG  1 
ATOM   809  C CD  . GLU A 1 107 ? 2.168   -9.182  -9.925  1.00 29.13 ? 107 GLU A CD  1 
ATOM   810  O OE1 . GLU A 1 107 ? 1.313   -10.098 -9.964  1.00 30.51 ? 107 GLU A OE1 1 
ATOM   811  O OE2 . GLU A 1 107 ? 3.046   -9.132  -9.028  1.00 31.60 ? 107 GLU A OE2 1 
ATOM   812  N N   . GLU A 1 108 ? 0.438   -4.712  -10.671 1.00 17.72 ? 108 GLU A N   1 
ATOM   813  C CA  . GLU A 1 108 ? 1.068   -3.487  -10.168 1.00 17.36 ? 108 GLU A CA  1 
ATOM   814  C C   . GLU A 1 108 ? 0.351   -2.980  -8.913  1.00 17.79 ? 108 GLU A C   1 
ATOM   815  O O   . GLU A 1 108 ? 0.982   -2.549  -7.925  1.00 15.95 ? 108 GLU A O   1 
ATOM   816  C CB  . GLU A 1 108 ? 1.130   -2.403  -11.261 1.00 17.69 ? 108 GLU A CB  1 
ATOM   817  C CG  . GLU A 1 108 ? 1.814   -1.092  -10.832 1.00 17.15 ? 108 GLU A CG  1 
ATOM   818  C CD  . GLU A 1 108 ? 3.304   -1.254  -10.516 1.00 21.76 ? 108 GLU A CD  1 
ATOM   819  O OE1 . GLU A 1 108 ? 3.892   -2.333  -10.810 1.00 18.12 ? 108 GLU A OE1 1 
ATOM   820  O OE2 . GLU A 1 108 ? 3.899   -0.286  -9.973  1.00 22.14 ? 108 GLU A OE2 1 
ATOM   821  N N   . VAL A 1 109 ? -0.975  -3.037  -8.929  1.00 16.47 ? 109 VAL A N   1 
ATOM   822  C CA  . VAL A 1 109 ? -1.704  -2.596  -7.756  1.00 16.72 ? 109 VAL A CA  1 
ATOM   823  C C   . VAL A 1 109 ? -1.422  -3.479  -6.537  1.00 16.85 ? 109 VAL A C   1 
ATOM   824  O O   . VAL A 1 109 ? -1.277  -2.989  -5.418  1.00 17.39 ? 109 VAL A O   1 
ATOM   825  C CB  . VAL A 1 109 ? -3.204  -2.491  -8.063  1.00 17.25 ? 109 VAL A CB  1 
ATOM   826  C CG1 . VAL A 1 109 ? -3.996  -2.259  -6.764  1.00 17.35 ? 109 VAL A CG1 1 
ATOM   827  C CG2 . VAL A 1 109 ? -3.396  -1.339  -9.074  1.00 17.23 ? 109 VAL A CG2 1 
ATOM   828  N N   . LYS A 1 110 ? -1.369  -4.779  -6.759  1.00 16.82 ? 110 LYS A N   1 
ATOM   829  C CA  . LYS A 1 110 ? -1.056  -5.738  -5.702  1.00 18.03 ? 110 LYS A CA  1 
ATOM   830  C C   . LYS A 1 110 ? 0.317   -5.422  -5.084  1.00 18.04 ? 110 LYS A C   1 
ATOM   831  O O   . LYS A 1 110 ? 0.485   -5.369  -3.843  1.00 18.87 ? 110 LYS A O   1 
ATOM   832  C CB  . LYS A 1 110 ? -1.051  -7.169  -6.256  1.00 17.48 ? 110 LYS A CB  1 
ATOM   833  C CG  . LYS A 1 110 ? -0.694  -8.256  -5.207  1.00 20.97 ? 110 LYS A CG  1 
ATOM   834  C CD  . LYS A 1 110 ? -0.752  -9.670  -5.809  1.00 26.49 ? 110 LYS A CD  1 
ATOM   835  C CE  . LYS A 1 110 ? 0.413   -9.926  -6.728  1.00 30.13 ? 110 LYS A CE  1 
ATOM   836  N NZ  . LYS A 1 110 ? 0.351   -11.270 -7.405  1.00 32.95 ? 110 LYS A NZ  1 
ATOM   837  N N   . ARG A 1 111 ? 1.284   -5.172  -5.948  1.00 17.66 ? 111 ARG A N   1 
ATOM   838  C CA  . ARG A 1 111 ? 2.641   -4.872  -5.506  1.00 18.45 ? 111 ARG A CA  1 
ATOM   839  C C   . ARG A 1 111 ? 2.714   -3.554  -4.730  1.00 18.19 ? 111 ARG A C   1 
ATOM   840  O O   . ARG A 1 111 ? 3.482   -3.427  -3.758  1.00 18.72 ? 111 ARG A O   1 
ATOM   841  C CB  . ARG A 1 111 ? 3.586   -4.846  -6.697  1.00 17.26 ? 111 ARG A CB  1 
ATOM   842  C CG  . ARG A 1 111 ? 3.953   -6.265  -7.226  1.00 21.49 ? 111 ARG A CG  1 
ATOM   843  C CD  . ARG A 1 111 ? 4.888   -6.241  -8.440  1.00 22.42 ? 111 ARG A CD  1 
ATOM   844  N NE  . ARG A 1 111 ? 4.939   -7.491  -9.200  1.00 26.36 ? 111 ARG A NE  1 
ATOM   845  C CZ  . ARG A 1 111 ? 5.881   -7.773  -10.132 1.00 30.92 ? 111 ARG A CZ  1 
ATOM   846  N NH1 . ARG A 1 111 ? 6.862   -6.904  -10.381 1.00 31.17 ? 111 ARG A NH1 1 
ATOM   847  N NH2 . ARG A 1 111 ? 5.854   -8.927  -10.813 1.00 29.77 ? 111 ARG A NH2 1 
ATOM   848  N N   . LEU A 1 112 ? 1.919   -2.586  -5.153  1.00 17.37 ? 112 LEU A N   1 
ATOM   849  C CA  . LEU A 1 112 ? 1.892   -1.297  -4.508  1.00 16.79 ? 112 LEU A CA  1 
ATOM   850  C C   . LEU A 1 112 ? 1.206   -1.392  -3.148  1.00 17.67 ? 112 LEU A C   1 
ATOM   851  O O   . LEU A 1 112 ? 1.570   -0.670  -2.223  1.00 16.54 ? 112 LEU A O   1 
ATOM   852  C CB  . LEU A 1 112 ? 1.182   -0.254  -5.389  1.00 17.28 ? 112 LEU A CB  1 
ATOM   853  C CG  . LEU A 1 112 ? 2.021   0.192   -6.601  1.00 17.34 ? 112 LEU A CG  1 
ATOM   854  C CD1 . LEU A 1 112 ? 1.192   1.009   -7.567  1.00 18.52 ? 112 LEU A CD1 1 
ATOM   855  C CD2 . LEU A 1 112 ? 3.293   1.004   -6.194  1.00 17.54 ? 112 LEU A CD2 1 
ATOM   856  N N   . ILE A 1 113 ? 0.198   -2.256  -3.028  1.00 16.54 ? 113 ILE A N   1 
ATOM   857  C CA  . ILE A 1 113 ? -0.439  -2.457  -1.716  1.00 17.13 ? 113 ILE A CA  1 
ATOM   858  C C   . ILE A 1 113 ? 0.568   -2.992  -0.722  1.00 17.51 ? 113 ILE A C   1 
ATOM   859  O O   . ILE A 1 113 ? 0.666   -2.513  0.405   1.00 17.92 ? 113 ILE A O   1 
ATOM   860  C CB  . ILE A 1 113 ? -1.587  -3.455  -1.847  1.00 16.57 ? 113 ILE A CB  1 
ATOM   861  C CG1 . ILE A 1 113 ? -2.764  -2.764  -2.522  1.00 16.54 ? 113 ILE A CG1 1 
ATOM   862  C CG2 . ILE A 1 113 ? -2.033  -3.988  -0.460  1.00 18.49 ? 113 ILE A CG2 1 
ATOM   863  C CD1 . ILE A 1 113 ? -3.827  -3.743  -3.043  1.00 17.55 ? 113 ILE A CD1 1 
ATOM   864  N N   . VAL A 1 114 ? 1.333   -3.991  -1.141  1.00 17.38 ? 114 VAL A N   1 
ATOM   865  C CA  . VAL A 1 114 ? 2.366   -4.569  -0.260  1.00 16.66 ? 114 VAL A CA  1 
ATOM   866  C C   . VAL A 1 114 ? 3.399   -3.515  0.067   1.00 17.16 ? 114 VAL A C   1 
ATOM   867  O O   . VAL A 1 114 ? 3.781   -3.343  1.239   1.00 17.11 ? 114 VAL A O   1 
ATOM   868  C CB  . VAL A 1 114 ? 3.006   -5.807  -0.927  1.00 16.10 ? 114 VAL A CB  1 
ATOM   869  C CG1 . VAL A 1 114 ? 4.169   -6.396  -0.086  1.00 15.06 ? 114 VAL A CG1 1 
ATOM   870  C CG2 . VAL A 1 114 ? 1.900   -6.868  -1.133  1.00 16.91 ? 114 VAL A CG2 1 
ATOM   871  N N   . HIS A 1 115 ? 3.837   -2.784  -0.950  1.00 16.25 ? 115 HIS A N   1 
ATOM   872  C CA  . HIS A 1 115 ? 4.852   -1.758  -0.718  1.00 17.34 ? 115 HIS A CA  1 
ATOM   873  C C   . HIS A 1 115 ? 4.321   -0.753  0.321   1.00 16.59 ? 115 HIS A C   1 
ATOM   874  O O   . HIS A 1 115 ? 5.030   -0.378  1.264   1.00 16.45 ? 115 HIS A O   1 
ATOM   875  C CB  . HIS A 1 115 ? 5.181   -1.063  -2.034  1.00 17.58 ? 115 HIS A CB  1 
ATOM   876  C CG  . HIS A 1 115 ? 6.367   -0.154  -1.964  1.00 19.66 ? 115 HIS A CG  1 
ATOM   877  N ND1 . HIS A 1 115 ? 7.658   -0.599  -2.166  1.00 18.10 ? 115 HIS A ND1 1 
ATOM   878  C CD2 . HIS A 1 115 ? 6.454   1.177   -1.730  1.00 19.94 ? 115 HIS A CD2 1 
ATOM   879  C CE1 . HIS A 1 115 ? 8.490   0.426   -2.073  1.00 21.83 ? 115 HIS A CE1 1 
ATOM   880  N NE2 . HIS A 1 115 ? 7.787   1.511   -1.795  1.00 21.88 ? 115 HIS A NE2 1 
ATOM   881  N N   . GLY A 1 116 ? 3.071   -0.329  0.157   1.00 15.83 ? 116 GLY A N   1 
ATOM   882  C CA  . GLY A 1 116 ? 2.478   0.643   1.075   1.00 15.92 ? 116 GLY A CA  1 
ATOM   883  C C   . GLY A 1 116 ? 2.356   0.130   2.511   1.00 16.86 ? 116 GLY A C   1 
ATOM   884  O O   . GLY A 1 116 ? 2.610   0.858   3.481   1.00 15.10 ? 116 GLY A O   1 
ATOM   885  N N   . ILE A 1 117 ? 1.973   -1.140  2.648   1.00 16.98 ? 117 ILE A N   1 
ATOM   886  C CA  . ILE A 1 117 ? 1.792   -1.723  3.972   1.00 17.83 ? 117 ILE A CA  1 
ATOM   887  C C   . ILE A 1 117 ? 3.123   -1.783  4.683   1.00 17.23 ? 117 ILE A C   1 
ATOM   888  O O   . ILE A 1 117 ? 3.204   -1.470  5.874   1.00 18.95 ? 117 ILE A O   1 
ATOM   889  C CB  . ILE A 1 117 ? 1.155   -3.108  3.889   1.00 18.07 ? 117 ILE A CB  1 
ATOM   890  C CG1 . ILE A 1 117 ? -0.298  -2.945  3.453   1.00 18.06 ? 117 ILE A CG1 1 
ATOM   891  C CG2 . ILE A 1 117 ? 1.202   -3.840  5.273   1.00 18.68 ? 117 ILE A CG2 1 
ATOM   892  C CD1 . ILE A 1 117 ? -1.002  -4.241  3.176   1.00 16.98 ? 117 ILE A CD1 1 
ATOM   893  N N   . VAL A 1 118 ? 4.163   -2.215  3.983   1.00 15.70 ? 118 VAL A N   1 
ATOM   894  C CA  . VAL A 1 118 ? 5.477   -2.305  4.616   1.00 15.95 ? 118 VAL A CA  1 
ATOM   895  C C   . VAL A 1 118 ? 5.956   -0.926  5.104   1.00 16.69 ? 118 VAL A C   1 
ATOM   896  O O   . VAL A 1 118 ? 6.533   -0.801  6.198   1.00 16.41 ? 118 VAL A O   1 
ATOM   897  C CB  . VAL A 1 118 ? 6.527   -2.954  3.661   1.00 16.26 ? 118 VAL A CB  1 
ATOM   898  C CG1 . VAL A 1 118 ? 7.949   -2.964  4.320   1.00 15.32 ? 118 VAL A CG1 1 
ATOM   899  C CG2 . VAL A 1 118 ? 6.057   -4.388  3.273   1.00 14.81 ? 118 VAL A CG2 1 
ATOM   900  N N   . HIS A 1 119 ? 5.699   0.111   4.313   1.00 16.55 ? 119 HIS A N   1 
ATOM   901  C CA  . HIS A 1 119 ? 6.029   1.473   4.725   1.00 18.26 ? 119 HIS A CA  1 
ATOM   902  C C   . HIS A 1 119 ? 5.260   1.813   5.983   1.00 18.09 ? 119 HIS A C   1 
ATOM   903  O O   . HIS A 1 119 ? 5.774   2.489   6.880   1.00 16.34 ? 119 HIS A O   1 
ATOM   904  C CB  . HIS A 1 119 ? 5.614   2.496   3.671   1.00 19.99 ? 119 HIS A CB  1 
ATOM   905  C CG  . HIS A 1 119 ? 6.690   2.821   2.696   1.00 23.06 ? 119 HIS A CG  1 
ATOM   906  N ND1 . HIS A 1 119 ? 7.740   3.655   2.995   1.00 25.66 ? 119 HIS A ND1 1 
ATOM   907  C CD2 . HIS A 1 119 ? 6.877   2.413   1.416   1.00 26.06 ? 119 HIS A CD2 1 
ATOM   908  C CE1 . HIS A 1 119 ? 8.536   3.748   1.943   1.00 28.45 ? 119 HIS A CE1 1 
ATOM   909  N NE2 . HIS A 1 119 ? 8.029   3.009   0.968   1.00 27.67 ? 119 HIS A NE2 1 
ATOM   910  N N   . LEU A 1 120 ? 4.008   1.376   6.027   1.00 18.45 ? 120 LEU A N   1 
ATOM   911  C CA  . LEU A 1 120 ? 3.139   1.703   7.164   1.00 19.62 ? 120 LEU A CA  1 
ATOM   912  C C   . LEU A 1 120 ? 3.609   1.070   8.461   1.00 19.98 ? 120 LEU A C   1 
ATOM   913  O O   . LEU A 1 120 ? 3.302   1.572   9.548   1.00 19.85 ? 120 LEU A O   1 
ATOM   914  C CB  . LEU A 1 120 ? 1.713   1.204   6.919   1.00 20.68 ? 120 LEU A CB  1 
ATOM   915  C CG  . LEU A 1 120 ? 0.594   2.127   6.499   1.00 23.51 ? 120 LEU A CG  1 
ATOM   916  C CD1 . LEU A 1 120 ? -0.747  1.384   6.699   1.00 25.94 ? 120 LEU A CD1 1 
ATOM   917  C CD2 . LEU A 1 120 ? 0.599   3.399   7.303   1.00 23.94 ? 120 LEU A CD2 1 
ATOM   918  N N   . LEU A 1 121 ? 4.324   -0.045  8.347   1.00 19.19 ? 121 LEU A N   1 
ATOM   919  C CA  . LEU A 1 121 ? 4.853   -0.723  9.505   1.00 19.19 ? 121 LEU A CA  1 
ATOM   920  C C   . LEU A 1 121 ? 6.153   -0.070  9.959   1.00 19.11 ? 121 LEU A C   1 
ATOM   921  O O   . LEU A 1 121 ? 6.802   -0.544  10.895  1.00 18.59 ? 121 LEU A O   1 
ATOM   922  C CB  . LEU A 1 121 ? 5.077   -2.204  9.226   1.00 19.53 ? 121 LEU A CB  1 
ATOM   923  C CG  . LEU A 1 121 ? 3.746   -2.905  8.940   1.00 22.31 ? 121 LEU A CG  1 
ATOM   924  C CD1 . LEU A 1 121 ? 4.014   -4.357  8.629   1.00 23.39 ? 121 LEU A CD1 1 
ATOM   925  C CD2 . LEU A 1 121 ? 2.753   -2.735  10.130  1.00 23.25 ? 121 LEU A CD2 1 
ATOM   926  N N   . GLY A 1 122 ? 6.555   1.002   9.288   1.00 18.08 ? 122 GLY A N   1 
ATOM   927  C CA  . GLY A 1 122 ? 7.717   1.748   9.750   1.00 17.90 ? 122 GLY A CA  1 
ATOM   928  C C   . GLY A 1 122 ? 9.055   1.419   9.112   1.00 18.38 ? 122 GLY A C   1 
ATOM   929  O O   . GLY A 1 122 ? 10.102  1.720   9.673   1.00 16.79 ? 122 GLY A O   1 
ATOM   930  N N   . TYR A 1 123 ? 9.040   0.818   7.933   1.00 18.78 ? 123 TYR A N   1 
ATOM   931  C CA  . TYR A 1 123 ? 10.297  0.550   7.225   1.00 20.46 ? 123 TYR A CA  1 
ATOM   932  C C   . TYR A 1 123 ? 10.394  1.572   6.107   1.00 21.50 ? 123 TYR A C   1 
ATOM   933  O O   . TYR A 1 123 ? 9.376   2.026   5.596   1.00 21.53 ? 123 TYR A O   1 
ATOM   934  C CB  . TYR A 1 123 ? 10.278  -0.857  6.618   1.00 20.45 ? 123 TYR A CB  1 
ATOM   935  C CG  . TYR A 1 123 ? 10.187  -1.981  7.637   1.00 21.34 ? 123 TYR A CG  1 
ATOM   936  C CD1 . TYR A 1 123 ? 8.989   -2.267  8.278   1.00 22.88 ? 123 TYR A CD1 1 
ATOM   937  C CD2 . TYR A 1 123 ? 11.299  -2.747  7.959   1.00 23.43 ? 123 TYR A CD2 1 
ATOM   938  C CE1 . TYR A 1 123 ? 8.906   -3.278  9.214   1.00 22.57 ? 123 TYR A CE1 1 
ATOM   939  C CE2 . TYR A 1 123 ? 11.224  -3.773  8.901   1.00 23.21 ? 123 TYR A CE2 1 
ATOM   940  C CZ  . TYR A 1 123 ? 10.021  -4.030  9.508   1.00 23.56 ? 123 TYR A CZ  1 
ATOM   941  O OH  . TYR A 1 123 ? 9.925   -5.039  10.430  1.00 22.48 ? 123 TYR A OH  1 
ATOM   942  N N   . ASP A 1 124 ? 11.600  1.923   5.696   1.00 22.71 ? 124 ASP A N   1 
ATOM   943  C CA  . ASP A 1 124 ? 11.728  2.886   4.608   1.00 25.30 ? 124 ASP A CA  1 
ATOM   944  C C   . ASP A 1 124 ? 12.925  2.414   3.794   1.00 25.37 ? 124 ASP A C   1 
ATOM   945  O O   . ASP A 1 124 ? 13.948  2.092   4.355   1.00 25.93 ? 124 ASP A O   1 
ATOM   946  C CB  . ASP A 1 124 ? 11.983  4.299   5.175   1.00 25.88 ? 124 ASP A CB  1 
ATOM   947  C CG  . ASP A 1 124 ? 11.810  5.412   4.125   1.00 28.41 ? 124 ASP A CG  1 
ATOM   948  O OD1 . ASP A 1 124 ? 11.705  5.125   2.911   1.00 30.32 ? 124 ASP A OD1 1 
ATOM   949  O OD2 . ASP A 1 124 ? 11.786  6.621   4.434   1.00 29.83 ? 124 ASP A OD2 1 
ATOM   950  N N   . HIS A 1 125 ? 12.811  2.330   2.483   1.00 26.37 ? 125 HIS A N   1 
ATOM   951  C CA  . HIS A 1 125 ? 13.967  1.876   1.715   1.00 27.65 ? 125 HIS A CA  1 
ATOM   952  C C   . HIS A 1 125 ? 14.827  3.026   1.226   1.00 28.31 ? 125 HIS A C   1 
ATOM   953  O O   . HIS A 1 125 ? 15.961  2.821   0.810   1.00 27.43 ? 125 HIS A O   1 
ATOM   954  C CB  . HIS A 1 125 ? 13.496  1.095   0.511   1.00 28.37 ? 125 HIS A CB  1 
ATOM   955  C CG  . HIS A 1 125 ? 12.614  1.893   -0.384  1.00 28.44 ? 125 HIS A CG  1 
ATOM   956  N ND1 . HIS A 1 125 ? 11.260  2.026   -0.170  1.00 30.23 ? 125 HIS A ND1 1 
ATOM   957  C CD2 . HIS A 1 125 ? 12.899  2.633   -1.479  1.00 29.37 ? 125 HIS A CD2 1 
ATOM   958  C CE1 . HIS A 1 125 ? 10.746  2.807   -1.104  1.00 28.57 ? 125 HIS A CE1 1 
ATOM   959  N NE2 . HIS A 1 125 ? 11.718  3.183   -1.914  1.00 27.58 ? 125 HIS A NE2 1 
ATOM   960  N N   . GLU A 1 126 ? 14.289  4.238   1.273   1.00 29.68 ? 126 GLU A N   1 
ATOM   961  C CA  . GLU A 1 126 ? 15.003  5.391   0.707   1.00 31.82 ? 126 GLU A CA  1 
ATOM   962  C C   . GLU A 1 126 ? 16.319  5.718   1.386   1.00 31.85 ? 126 GLU A C   1 
ATOM   963  O O   . GLU A 1 126 ? 17.205  6.349   0.795   1.00 31.98 ? 126 GLU A O   1 
ATOM   964  C CB  . GLU A 1 126 ? 14.099  6.621   0.651   1.00 32.67 ? 126 GLU A CB  1 
ATOM   965  C CG  . GLU A 1 126 ? 12.943  6.428   -0.313  1.00 36.29 ? 126 GLU A CG  1 
ATOM   966  C CD  . GLU A 1 126 ? 12.086  7.672   -0.493  1.00 42.44 ? 126 GLU A CD  1 
ATOM   967  O OE1 . GLU A 1 126 ? 11.659  8.272   0.531   1.00 45.05 ? 126 GLU A OE1 1 
ATOM   968  O OE2 . GLU A 1 126 ? 11.835  8.038   -1.666  1.00 43.85 ? 126 GLU A OE2 1 
ATOM   969  N N   . LYS A 1 127 ? 16.442  5.300   2.635   1.00 32.15 ? 127 LYS A N   1 
ATOM   970  C CA  . LYS A 1 127 ? 17.674  5.509   3.362   1.00 31.95 ? 127 LYS A CA  1 
ATOM   971  C C   . LYS A 1 127 ? 18.773  4.765   2.638   1.00 31.24 ? 127 LYS A C   1 
ATOM   972  O O   . LYS A 1 127 ? 19.894  5.257   2.493   1.00 31.39 ? 127 LYS A O   1 
ATOM   973  C CB  . LYS A 1 127 ? 17.536  4.936   4.766   1.00 32.61 ? 127 LYS A CB  1 
ATOM   974  C CG  . LYS A 1 127 ? 18.799  5.046   5.619   1.00 34.69 ? 127 LYS A CG  1 
ATOM   975  C CD  . LYS A 1 127 ? 18.925  6.420   6.297   1.00 37.42 ? 127 LYS A CD  1 
ATOM   976  C CE  . LYS A 1 127 ? 19.710  6.329   7.605   1.00 39.19 ? 127 LYS A CE  1 
ATOM   977  N NZ  . LYS A 1 127 ? 18.902  5.690   8.705   1.00 40.30 ? 127 LYS A NZ  1 
ATOM   978  N N   . GLY A 1 128 ? 18.442  3.576   2.154   1.00 30.17 ? 128 GLY A N   1 
ATOM   979  C CA  . GLY A 1 128 ? 19.443  2.713   1.563   1.00 29.13 ? 128 GLY A CA  1 
ATOM   980  C C   . GLY A 1 128 ? 19.979  1.834   2.682   1.00 28.17 ? 128 GLY A C   1 
ATOM   981  O O   . GLY A 1 128 ? 19.287  1.614   3.681   1.00 28.05 ? 128 GLY A O   1 
ATOM   982  N N   . GLY A 1 129 ? 21.196  1.329   2.508   1.00 27.20 ? 129 GLY A N   1 
ATOM   983  C CA  . GLY A 1 129 ? 21.851  0.502   3.501   1.00 26.34 ? 129 GLY A CA  1 
ATOM   984  C C   . GLY A 1 129 ? 21.009  -0.585  4.131   1.00 25.59 ? 129 GLY A C   1 
ATOM   985  O O   . GLY A 1 129 ? 20.235  -1.260  3.455   1.00 25.06 ? 129 GLY A O   1 
ATOM   986  N N   . GLU A 1 130 ? 21.180  -0.763  5.439   1.00 25.22 ? 130 GLU A N   1 
ATOM   987  C CA  . GLU A 1 130 ? 20.429  -1.757  6.211   1.00 25.30 ? 130 GLU A CA  1 
ATOM   988  C C   . GLU A 1 130 ? 18.919  -1.626  6.117   1.00 24.75 ? 130 GLU A C   1 
ATOM   989  O O   . GLU A 1 130 ? 18.168  -2.619  6.061   1.00 24.78 ? 130 GLU A O   1 
ATOM   990  C CB  . GLU A 1 130 ? 20.790  -1.643  7.684   1.00 26.13 ? 130 GLU A CB  1 
ATOM   991  C CG  . GLU A 1 130 ? 20.091  -2.681  8.545   1.00 28.40 ? 130 GLU A CG  1 
ATOM   992  C CD  . GLU A 1 130 ? 20.782  -4.032  8.470   1.00 32.69 ? 130 GLU A CD  1 
ATOM   993  O OE1 . GLU A 1 130 ? 21.906  -4.108  7.899   1.00 32.71 ? 130 GLU A OE1 1 
ATOM   994  O OE2 . GLU A 1 130 ? 20.202  -5.010  8.992   1.00 34.48 ? 130 GLU A OE2 1 
ATOM   995  N N   . GLU A 1 131 ? 18.432  -0.402  6.137   1.00 23.60 ? 131 GLU A N   1 
ATOM   996  C CA  . GLU A 1 131 ? 16.986  -0.252  6.107   1.00 22.70 ? 131 GLU A CA  1 
ATOM   997  C C   . GLU A 1 131 ? 16.368  -0.767  4.800   1.00 21.14 ? 131 GLU A C   1 
ATOM   998  O O   . GLU A 1 131 ? 15.339  -1.445  4.814   1.00 19.35 ? 131 GLU A O   1 
ATOM   999  C CB  . GLU A 1 131 ? 16.631  1.188   6.386   1.00 23.42 ? 131 GLU A CB  1 
ATOM   1000 C CG  . GLU A 1 131 ? 17.140  1.614   7.755   1.00 28.25 ? 131 GLU A CG  1 
ATOM   1001 C CD  . GLU A 1 131 ? 16.879  3.072   8.038   1.00 33.04 ? 131 GLU A CD  1 
ATOM   1002 O OE1 . GLU A 1 131 ? 15.726  3.528   7.813   1.00 34.45 ? 131 GLU A OE1 1 
ATOM   1003 O OE2 . GLU A 1 131 ? 17.836  3.743   8.484   1.00 33.89 ? 131 GLU A OE2 1 
ATOM   1004 N N   . GLU A 1 132 ? 17.010  -0.472  3.681   1.00 20.10 ? 132 GLU A N   1 
ATOM   1005 C CA  . GLU A 1 132 ? 16.500  -0.929  2.382   1.00 19.94 ? 132 GLU A CA  1 
ATOM   1006 C C   . GLU A 1 132 ? 16.510  -2.444  2.424   1.00 19.04 ? 132 GLU A C   1 
ATOM   1007 O O   . GLU A 1 132 ? 15.550  -3.087  2.029   1.00 18.44 ? 132 GLU A O   1 
ATOM   1008 C CB  . GLU A 1 132 ? 17.395  -0.412  1.248   1.00 20.81 ? 132 GLU A CB  1 
ATOM   1009 C CG  . GLU A 1 132 ? 17.061  -0.911  -0.155  1.00 22.00 ? 132 GLU A CG  1 
ATOM   1010 C CD  . GLU A 1 132 ? 18.118  -0.467  -1.158  1.00 25.96 ? 132 GLU A CD  1 
ATOM   1011 O OE1 . GLU A 1 132 ? 19.323  -0.501  -0.830  1.00 28.10 ? 132 GLU A OE1 1 
ATOM   1012 O OE2 . GLU A 1 132 ? 17.757  -0.059  -2.268  1.00 28.57 ? 132 GLU A OE2 1 
ATOM   1013 N N   . LYS A 1 133 ? 17.601  -3.006  2.943   1.00 19.11 ? 133 LYS A N   1 
ATOM   1014 C CA  . LYS A 1 133 ? 17.728  -4.451  3.054   1.00 18.75 ? 133 LYS A CA  1 
ATOM   1015 C C   . LYS A 1 133 ? 16.538  -5.029  3.792   1.00 18.27 ? 133 LYS A C   1 
ATOM   1016 O O   . LYS A 1 133 ? 15.873  -5.913  3.290   1.00 16.99 ? 133 LYS A O   1 
ATOM   1017 C CB  . LYS A 1 133 ? 18.997  -4.839  3.793   1.00 19.34 ? 133 LYS A CB  1 
ATOM   1018 C CG  . LYS A 1 133 ? 19.039  -6.300  4.227   1.00 19.61 ? 133 LYS A CG  1 
ATOM   1019 C CD  . LYS A 1 133 ? 20.481  -6.721  4.559   1.00 22.77 ? 133 LYS A CD  1 
ATOM   1020 C CE  . LYS A 1 133 ? 20.517  -7.928  5.497   1.00 22.72 ? 133 LYS A CE  1 
ATOM   1021 N NZ  . LYS A 1 133 ? 21.881  -8.154  6.006   1.00 22.88 ? 133 LYS A NZ  1 
ATOM   1022 N N   . LYS A 1 134 ? 16.262  -4.516  4.981   1.00 18.31 ? 134 LYS A N   1 
ATOM   1023 C CA  . LYS A 1 134 ? 15.133  -5.051  5.740   1.00 18.91 ? 134 LYS A CA  1 
ATOM   1024 C C   . LYS A 1 134 ? 13.805  -4.771  5.075   1.00 18.73 ? 134 LYS A C   1 
ATOM   1025 O O   . LYS A 1 134 ? 12.884  -5.577  5.192   1.00 18.93 ? 134 LYS A O   1 
ATOM   1026 C CB  . LYS A 1 134 ? 15.111  -4.529  7.177   1.00 19.69 ? 134 LYS A CB  1 
ATOM   1027 C CG  . LYS A 1 134 ? 16.396  -4.805  7.963   1.00 23.10 ? 134 LYS A CG  1 
ATOM   1028 C CD  . LYS A 1 134 ? 16.681  -6.301  8.120   1.00 28.85 ? 134 LYS A CD  1 
ATOM   1029 C CE  . LYS A 1 134 ? 15.584  -7.017  8.918   1.00 32.76 ? 134 LYS A CE  1 
ATOM   1030 N NZ  . LYS A 1 134 ? 16.170  -8.228  9.597   1.00 37.16 ? 134 LYS A NZ  1 
ATOM   1031 N N   . PHE A 1 135 ? 13.683  -3.635  4.390   1.00 17.45 ? 135 PHE A N   1 
ATOM   1032 C CA  . PHE A 1 135 ? 12.430  -3.311  3.722   1.00 17.07 ? 135 PHE A CA  1 
ATOM   1033 C C   . PHE A 1 135 ? 12.152  -4.343  2.633   1.00 16.99 ? 135 PHE A C   1 
ATOM   1034 O O   . PHE A 1 135 ? 11.060  -4.909  2.538   1.00 15.68 ? 135 PHE A O   1 
ATOM   1035 C CB  . PHE A 1 135 ? 12.497  -1.918  3.085   1.00 17.15 ? 135 PHE A CB  1 
ATOM   1036 C CG  . PHE A 1 135 ? 11.196  -1.476  2.459   1.00 18.18 ? 135 PHE A CG  1 
ATOM   1037 C CD1 . PHE A 1 135 ? 10.384  -0.519  3.084   1.00 16.03 ? 135 PHE A CD1 1 
ATOM   1038 C CD2 . PHE A 1 135 ? 10.780  -2.007  1.257   1.00 18.50 ? 135 PHE A CD2 1 
ATOM   1039 C CE1 . PHE A 1 135 ? 9.192   -0.102  2.508   1.00 18.34 ? 135 PHE A CE1 1 
ATOM   1040 C CE2 . PHE A 1 135 ? 9.554   -1.611  0.689   1.00 18.12 ? 135 PHE A CE2 1 
ATOM   1041 C CZ  . PHE A 1 135 ? 8.770   -0.666  1.310   1.00 16.96 ? 135 PHE A CZ  1 
ATOM   1042 N N   . ARG A 1 136 ? 13.152  -4.553  1.789   1.00 16.72 ? 136 ARG A N   1 
ATOM   1043 C CA  . ARG A 1 136 ? 13.014  -5.467  0.667   1.00 18.03 ? 136 ARG A CA  1 
ATOM   1044 C C   . ARG A 1 136 ? 12.829  -6.909  1.102   1.00 17.75 ? 136 ARG A C   1 
ATOM   1045 O O   . ARG A 1 136 ? 11.995  -7.577  0.553   1.00 17.94 ? 136 ARG A O   1 
ATOM   1046 C CB  . ARG A 1 136 ? 14.216  -5.360  -0.281  1.00 18.74 ? 136 ARG A CB  1 
ATOM   1047 C CG  . ARG A 1 136 ? 14.269  -4.038  -1.057  1.00 21.59 ? 136 ARG A CG  1 
ATOM   1048 C CD  . ARG A 1 136 ? 12.989  -3.621  -1.809  1.00 24.50 ? 136 ARG A CD  1 
ATOM   1049 N NE  . ARG A 1 136 ? 13.265  -2.441  -2.639  1.00 27.45 ? 136 ARG A NE  1 
ATOM   1050 C CZ  . ARG A 1 136 ? 12.349  -1.620  -3.164  1.00 27.98 ? 136 ARG A CZ  1 
ATOM   1051 N NH1 . ARG A 1 136 ? 11.058  -1.829  -2.967  1.00 25.35 ? 136 ARG A NH1 1 
ATOM   1052 N NH2 . ARG A 1 136 ? 12.751  -0.580  -3.908  1.00 28.25 ? 136 ARG A NH2 1 
ATOM   1053 N N   . GLU A 1 137 ? 13.601  -7.392  2.069   1.00 18.27 ? 137 GLU A N   1 
ATOM   1054 C CA  . GLU A 1 137 ? 13.338  -8.745  2.576   1.00 19.52 ? 137 GLU A CA  1 
ATOM   1055 C C   . GLU A 1 137 ? 11.849  -8.908  3.017   1.00 19.38 ? 137 GLU A C   1 
ATOM   1056 O O   . GLU A 1 137 ? 11.184  -9.867  2.628   1.00 18.49 ? 137 GLU A O   1 
ATOM   1057 C CB  . GLU A 1 137 ? 14.334  -9.118  3.686   1.00 20.65 ? 137 GLU A CB  1 
ATOM   1058 C CG  . GLU A 1 137 ? 15.785  -9.188  3.189   1.00 24.58 ? 137 GLU A CG  1 
ATOM   1059 C CD  . GLU A 1 137 ? 16.778  -9.633  4.249   1.00 30.30 ? 137 GLU A CD  1 
ATOM   1060 O OE1 . GLU A 1 137 ? 16.445  -9.476  5.456   1.00 33.40 ? 137 GLU A OE1 1 
ATOM   1061 O OE2 . GLU A 1 137 ? 17.882  -10.139 3.875   1.00 31.43 ? 137 GLU A OE2 1 
ATOM   1062 N N   . LEU A 1 138 ? 11.293  -7.936  3.745   1.00 19.02 ? 138 LEU A N   1 
ATOM   1063 C CA  . LEU A 1 138 ? 9.899   -8.058  4.198   1.00 19.28 ? 138 LEU A CA  1 
ATOM   1064 C C   . LEU A 1 138 ? 8.899   -8.002  3.044   1.00 19.28 ? 138 LEU A C   1 
ATOM   1065 O O   . LEU A 1 138 ? 7.930   -8.760  2.970   1.00 18.93 ? 138 LEU A O   1 
ATOM   1066 C CB  . LEU A 1 138 ? 9.561   -6.972  5.225   1.00 19.87 ? 138 LEU A CB  1 
ATOM   1067 C CG  . LEU A 1 138 ? 8.281   -7.262  5.998   1.00 21.72 ? 138 LEU A CG  1 
ATOM   1068 C CD1 . LEU A 1 138 ? 8.466   -8.617  6.692   1.00 23.48 ? 138 LEU A CD1 1 
ATOM   1069 C CD2 . LEU A 1 138 ? 8.029   -6.172  7.026   1.00 21.27 ? 138 LEU A CD2 1 
ATOM   1070 N N   . GLU A 1 139 ? 9.141   -7.096  2.112   1.00 18.48 ? 139 GLU A N   1 
ATOM   1071 C CA  . GLU A 1 139 ? 8.283   -6.964  0.966   1.00 18.29 ? 139 GLU A CA  1 
ATOM   1072 C C   . GLU A 1 139 ? 8.303   -8.251  0.112   1.00 18.50 ? 139 GLU A C   1 
ATOM   1073 O O   . GLU A 1 139 ? 7.254   -8.752  -0.325  1.00 17.43 ? 139 GLU A O   1 
ATOM   1074 C CB  . GLU A 1 139 ? 8.788   -5.768  0.176   1.00 18.86 ? 139 GLU A CB  1 
ATOM   1075 C CG  . GLU A 1 139 ? 8.026   -5.463  -1.087  1.00 18.72 ? 139 GLU A CG  1 
ATOM   1076 C CD  . GLU A 1 139 ? 8.557   -4.217  -1.763  1.00 19.67 ? 139 GLU A CD  1 
ATOM   1077 O OE1 . GLU A 1 139 ? 9.796   -4.095  -1.879  1.00 17.41 ? 139 GLU A OE1 1 
ATOM   1078 O OE2 . GLU A 1 139 ? 7.744   -3.366  -2.177  1.00 18.82 ? 139 GLU A OE2 1 
ATOM   1079 N N   . ASN A 1 140 ? 9.512   -8.762  -0.135  1.00 18.05 ? 140 ASN A N   1 
ATOM   1080 C CA  . ASN A 1 140 ? 9.673   -10.013 -0.866  1.00 18.79 ? 140 ASN A CA  1 
ATOM   1081 C C   . ASN A 1 140 ? 8.965   -11.180 -0.162  1.00 19.10 ? 140 ASN A C   1 
ATOM   1082 O O   . ASN A 1 140 ? 8.224   -11.928 -0.790  1.00 18.45 ? 140 ASN A O   1 
ATOM   1083 C CB  . ASN A 1 140 ? 11.151  -10.291 -1.104  1.00 17.45 ? 140 ASN A CB  1 
ATOM   1084 C CG  . ASN A 1 140 ? 11.690  -9.474  -2.253  1.00 18.64 ? 140 ASN A CG  1 
ATOM   1085 O OD1 . ASN A 1 140 ? 10.928  -8.830  -2.949  1.00 21.14 ? 140 ASN A OD1 1 
ATOM   1086 N ND2 . ASN A 1 140 ? 12.988  -9.500  -2.463  1.00 17.14 ? 140 ASN A ND2 1 
ATOM   1087 N N   . TYR A 1 141 ? 9.151   -11.294 1.150   1.00 19.27 ? 141 TYR A N   1 
ATOM   1088 C CA  . TYR A 1 141 ? 8.434   -12.326 1.909   1.00 19.94 ? 141 TYR A CA  1 
ATOM   1089 C C   . TYR A 1 141 ? 6.915   -12.237 1.714   1.00 19.69 ? 141 TYR A C   1 
ATOM   1090 O O   . TYR A 1 141 ? 6.262   -13.244 1.461   1.00 19.66 ? 141 TYR A O   1 
ATOM   1091 C CB  . TYR A 1 141 ? 8.777   -12.236 3.395   1.00 20.38 ? 141 TYR A CB  1 
ATOM   1092 C CG  . TYR A 1 141 ? 8.017   -13.205 4.298   1.00 21.82 ? 141 TYR A CG  1 
ATOM   1093 C CD1 . TYR A 1 141 ? 8.448   -14.518 4.449   1.00 22.19 ? 141 TYR A CD1 1 
ATOM   1094 C CD2 . TYR A 1 141 ? 6.875   -12.804 4.990   1.00 22.61 ? 141 TYR A CD2 1 
ATOM   1095 C CE1 . TYR A 1 141 ? 7.775   -15.406 5.268   1.00 24.61 ? 141 TYR A CE1 1 
ATOM   1096 C CE2 . TYR A 1 141 ? 6.192   -13.696 5.832   1.00 24.54 ? 141 TYR A CE2 1 
ATOM   1097 C CZ  . TYR A 1 141 ? 6.649   -14.991 5.958   1.00 25.19 ? 141 TYR A CZ  1 
ATOM   1098 O OH  . TYR A 1 141 ? 5.996   -15.903 6.773   1.00 28.57 ? 141 TYR A OH  1 
ATOM   1099 N N   . VAL A 1 142 ? 6.346   -11.044 1.841   1.00 19.44 ? 142 VAL A N   1 
ATOM   1100 C CA  . VAL A 1 142 ? 4.895   -10.899 1.732   1.00 20.63 ? 142 VAL A CA  1 
ATOM   1101 C C   . VAL A 1 142 ? 4.444   -11.249 0.309   1.00 21.54 ? 142 VAL A C   1 
ATOM   1102 O O   . VAL A 1 142 ? 3.470   -11.992 0.113   1.00 21.52 ? 142 VAL A O   1 
ATOM   1103 C CB  . VAL A 1 142 ? 4.449   -9.491  2.123   1.00 19.99 ? 142 VAL A CB  1 
ATOM   1104 C CG1 . VAL A 1 142 ? 2.975   -9.296  1.809   1.00 19.52 ? 142 VAL A CG1 1 
ATOM   1105 C CG2 . VAL A 1 142 ? 4.735   -9.262  3.624   1.00 19.95 ? 142 VAL A CG2 1 
ATOM   1106 N N   . LEU A 1 143 ? 5.181   -10.746 -0.676  1.00 21.99 ? 143 LEU A N   1 
ATOM   1107 C CA  . LEU A 1 143 ? 4.873   -11.063 -2.068  1.00 23.83 ? 143 LEU A CA  1 
ATOM   1108 C C   . LEU A 1 143 ? 4.885   -12.578 -2.284  1.00 24.34 ? 143 LEU A C   1 
ATOM   1109 O O   . LEU A 1 143 ? 4.004   -13.117 -2.950  1.00 24.48 ? 143 LEU A O   1 
ATOM   1110 C CB  . LEU A 1 143 ? 5.860   -10.386 -3.021  1.00 23.72 ? 143 LEU A CB  1 
ATOM   1111 C CG  . LEU A 1 143 ? 5.698   -8.862  -3.143  1.00 26.07 ? 143 LEU A CG  1 
ATOM   1112 C CD1 . LEU A 1 143 ? 6.939   -8.233  -3.833  1.00 26.93 ? 143 LEU A CD1 1 
ATOM   1113 C CD2 . LEU A 1 143 ? 4.426   -8.520  -3.886  1.00 26.42 ? 143 LEU A CD2 1 
ATOM   1114 N N   . SER A 1 144 ? 5.873   -13.265 -1.713  1.00 24.56 ? 144 SER A N   1 
ATOM   1115 C CA  . SER A 1 144 ? 5.945   -14.705 -1.876  1.00 25.64 ? 144 SER A CA  1 
ATOM   1116 C C   . SER A 1 144 ? 4.705   -15.390 -1.277  1.00 26.03 ? 144 SER A C   1 
ATOM   1117 O O   . SER A 1 144 ? 4.246   -16.424 -1.775  1.00 24.91 ? 144 SER A O   1 
ATOM   1118 C CB  . SER A 1 144 ? 7.234   -15.264 -1.267  1.00 25.65 ? 144 SER A CB  1 
ATOM   1119 O OG  . SER A 1 144 ? 7.151   -15.308 0.145   1.00 28.01 ? 144 SER A OG  1 
ATOM   1120 N N   . LYS A 1 145 ? 4.159   -14.802 -0.220  1.00 26.09 ? 145 LYS A N   1 
ATOM   1121 C CA  . LYS A 1 145 ? 2.986   -15.371 0.431   1.00 26.99 ? 145 LYS A CA  1 
ATOM   1122 C C   . LYS A 1 145 ? 1.708   -15.121 -0.365  1.00 27.59 ? 145 LYS A C   1 
ATOM   1123 O O   . LYS A 1 145 ? 0.727   -15.868 -0.225  1.00 27.97 ? 145 LYS A O   1 
ATOM   1124 C CB  . LYS A 1 145 ? 2.833   -14.807 1.848   1.00 26.65 ? 145 LYS A CB  1 
ATOM   1125 C CG  . LYS A 1 145 ? 3.893   -15.277 2.816   1.00 27.32 ? 145 LYS A CG  1 
ATOM   1126 C CD  . LYS A 1 145 ? 3.599   -16.683 3.336   1.00 29.82 ? 145 LYS A CD  1 
ATOM   1127 C CE  . LYS A 1 145 ? 4.881   -17.395 3.686   1.00 32.09 ? 145 LYS A CE  1 
ATOM   1128 N NZ  . LYS A 1 145 ? 4.658   -18.780 4.232   1.00 34.13 ? 145 LYS A NZ  1 
ATOM   1129 N N   . LEU A 1 146 ? 1.707   -14.063 -1.171  1.00 27.90 ? 146 LEU A N   1 
ATOM   1130 C CA  . LEU A 1 146 ? 0.564   -13.738 -2.016  1.00 28.73 ? 146 LEU A CA  1 
ATOM   1131 C C   . LEU A 1 146 ? 0.676   -14.439 -3.382  1.00 30.76 ? 146 LEU A C   1 
ATOM   1132 O O   . LEU A 1 146 ? -0.298  -14.527 -4.129  1.00 30.64 ? 146 LEU A O   1 
ATOM   1133 C CB  . LEU A 1 146 ? 0.424   -12.220 -2.187  1.00 28.38 ? 146 LEU A CB  1 
ATOM   1134 C CG  . LEU A 1 146 ? -0.405  -11.447 -1.138  1.00 26.98 ? 146 LEU A CG  1 
ATOM   1135 C CD1 . LEU A 1 146 ? 0.126   -11.636 0.252   1.00 25.36 ? 146 LEU A CD1 1 
ATOM   1136 C CD2 . LEU A 1 146 ? -0.463  -9.977  -1.495  1.00 25.81 ? 146 LEU A CD2 1 
ATOM   1137 N N   . SER A 1 147 ? 1.864   -14.940 -3.703  1.00 32.62 ? 147 SER A N   1 
ATOM   1138 C CA  . SER A 1 147 ? 2.057   -15.693 -4.941  1.00 35.04 ? 147 SER A CA  1 
ATOM   1139 C C   . SER A 1 147 ? 1.537   -17.091 -4.668  1.00 36.51 ? 147 SER A C   1 
ATOM   1140 O O   . SER A 1 147 ? 0.626   -17.581 -5.341  1.00 36.79 ? 147 SER A O   1 
ATOM   1141 C CB  . SER A 1 147 ? 3.537   -15.789 -5.282  1.00 35.04 ? 147 SER A CB  1 
ATOM   1142 O OG  . SER A 1 147 ? 4.135   -16.893 -4.604  1.00 35.89 ? 147 SER A OG  1 
ATOM   1143 N N   . LYS A 1 148 ? 2.153   -17.719 -3.664  1.00 37.91 ? 148 LYS A N   1 
ATOM   1144 C CA  . LYS A 1 148 ? 1.737   -19.013 -3.153  1.00 39.42 ? 148 LYS A CA  1 
ATOM   1145 C C   . LYS A 1 148 ? 0.336   -18.806 -2.602  1.00 39.65 ? 148 LYS A C   1 
ATOM   1146 O O   . LYS A 1 148 ? -0.075  -17.662 -2.371  1.00 40.23 ? 148 LYS A O   1 
ATOM   1147 C CB  . LYS A 1 148 ? 2.671   -19.477 -2.017  1.00 39.79 ? 148 LYS A CB  1 
ATOM   1148 C CG  . LYS A 1 148 ? 4.174   -19.480 -2.350  1.00 41.36 ? 148 LYS A CG  1 
ATOM   1149 C CD  . LYS A 1 148 ? 5.045   -19.558 -1.082  1.00 42.94 ? 148 LYS A CD  1 
ATOM   1150 C CE  . LYS A 1 148 ? 6.505   -19.888 -1.415  1.00 43.90 ? 148 LYS A CE  1 
ATOM   1151 N NZ  . LYS A 1 148 ? 7.367   -20.029 -0.199  1.00 43.64 ? 148 LYS A NZ  1 
HETATM 1152 O O   . HOH B 2 .   ? -5.982  -10.202 7.696   1.00 28.10 ? 151 HOH A O   1 
HETATM 1153 O O   . HOH B 2 .   ? -15.643 2.546   -2.956  1.00 32.92 ? 152 HOH A O   1 
HETATM 1154 O O   . HOH B 2 .   ? -9.546  -0.200  -8.673  1.00 30.33 ? 153 HOH A O   1 
HETATM 1155 O O   . HOH B 2 .   ? -13.445 -2.969  2.473   1.00 31.36 ? 154 HOH A O   1 
HETATM 1156 O O   . HOH B 2 .   ? -8.826  -10.257 8.074   1.00 41.33 ? 155 HOH A O   1 
HETATM 1157 O O   . HOH B 2 .   ? -1.295  -14.693 4.074   1.00 39.07 ? 156 HOH A O   1 
HETATM 1158 O O   . HOH B 2 .   ? -0.565  -8.308  16.026  1.00 30.87 ? 157 HOH A O   1 
HETATM 1159 O O   . HOH B 2 .   ? -7.845  2.960   8.721   1.00 33.18 ? 158 HOH A O   1 
HETATM 1160 O O   . HOH B 2 .   ? 4.598   6.766   1.864   1.00 30.22 ? 159 HOH A O   1 
HETATM 1161 O O   . HOH B 2 .   ? 5.725   7.512   -3.533  1.00 31.41 ? 160 HOH A O   1 
HETATM 1162 O O   . HOH B 2 .   ? 1.732   5.072   14.105  1.00 39.78 ? 161 HOH A O   1 
HETATM 1163 O O   . HOH B 2 .   ? -3.638  5.046   21.258  1.00 46.79 ? 162 HOH A O   1 
HETATM 1164 O O   . HOH B 2 .   ? -4.460  -0.162  23.763  1.00 42.28 ? 163 HOH A O   1 
HETATM 1165 O O   . HOH B 2 .   ? -3.737  -0.861  -17.417 1.00 49.03 ? 164 HOH A O   1 
HETATM 1166 O O   . HOH B 2 .   ? -6.421  5.265   -14.701 1.00 38.27 ? 165 HOH A O   1 
HETATM 1167 O O   . HOH B 2 .   ? 2.769   -11.987 -5.304  1.00 47.14 ? 166 HOH A O   1 
HETATM 1168 O O   . HOH B 2 .   ? -2.319  -10.315 -13.691 1.00 42.68 ? 167 HOH A O   1 
HETATM 1169 O O   . HOH B 2 .   ? -9.956  -7.043  -11.178 1.00 29.88 ? 168 HOH A O   1 
HETATM 1170 O O   . HOH B 2 .   ? 5.914   -4.651  -3.714  1.00 31.84 ? 169 HOH A O   1 
HETATM 1171 O O   . HOH B 2 .   ? 6.301   -0.799  -8.421  1.00 46.59 ? 170 HOH A O   1 
HETATM 1172 O O   . HOH B 2 .   ? -17.334 7.476   -10.047 1.00 38.38 ? 171 HOH A O   1 
HETATM 1173 O O   . HOH B 2 .   ? -0.959  -15.934 6.447   1.00 50.31 ? 172 HOH A O   1 
HETATM 1174 O O   . HOH B 2 .   ? -0.966  -11.051 17.920  1.00 52.72 ? 173 HOH A O   1 
HETATM 1175 O O   . HOH B 2 .   ? 3.016   -9.559  13.674  1.00 49.24 ? 174 HOH A O   1 
HETATM 1176 O O   . HOH B 2 .   ? 7.212   2.689   -5.597  1.00 42.81 ? 175 HOH A O   1 
HETATM 1177 O O   . HOH B 2 .   ? 7.986   3.631   -8.764  1.00 50.38 ? 176 HOH A O   1 
HETATM 1178 O O   . HOH B 2 .   ? 7.514   11.577  -5.117  1.00 44.90 ? 177 HOH A O   1 
HETATM 1179 O O   . HOH B 2 .   ? 7.386   -5.147  -5.767  1.00 37.55 ? 178 HOH A O   1 
HETATM 1180 O O   . HOH B 2 .   ? 12.914  -7.181  7.269   1.00 39.54 ? 179 HOH A O   1 
HETATM 1181 O O   . HOH B 2 .   ? 1.271   1.768   11.414  1.00 42.70 ? 180 HOH A O   1 
HETATM 1182 O O   . HOH B 2 .   ? -7.597  5.918   22.508  1.00 43.85 ? 181 HOH A O   1 
HETATM 1183 O O   . HOH B 2 .   ? -7.332  -11.049 -4.595  1.00 45.64 ? 182 HOH A O   1 
HETATM 1184 O O   . HOH B 2 .   ? 9.639   8.587   -2.328  1.00 47.28 ? 183 HOH A O   1 
HETATM 1185 O O   . HOH B 2 .   ? 7.722   5.223   -5.026  1.00 48.78 ? 184 HOH A O   1 
HETATM 1186 O O   . HOH B 2 .   ? 19.833  2.048   6.905   1.00 41.67 ? 185 HOH A O   1 
HETATM 1187 O O   . HOH B 2 .   ? 3.337   9.745   -11.134 1.00 44.60 ? 186 HOH A O   1 
HETATM 1188 O O   . HOH B 2 .   ? -12.400 -10.249 -0.576  1.00 40.61 ? 187 HOH A O   1 
HETATM 1189 O O   . HOH B 2 .   ? 6.277   -2.825  -9.560  1.00 45.91 ? 188 HOH A O   1 
HETATM 1190 O O   . HOH B 2 .   ? -11.197 3.777   3.229   1.00 65.18 ? 189 HOH A O   1 
HETATM 1191 O O   . HOH B 2 .   ? -19.029 7.762   -5.323  1.00 67.22 ? 190 HOH A O   1 
HETATM 1192 O O   . HOH B 2 .   ? 22.269  -10.368 7.392   1.00 54.16 ? 191 HOH A O   1 
HETATM 1193 O O   . HOH B 2 .   ? 6.907   11.363  -2.398  1.00 40.87 ? 192 HOH A O   1 
HETATM 1194 O O   . HOH B 2 .   ? -15.753 -9.169  -8.467  1.00 53.33 ? 193 HOH A O   1 
HETATM 1195 O O   . HOH B 2 .   ? -2.887  -7.496  18.384  1.00 40.41 ? 194 HOH A O   1 
HETATM 1196 O O   . HOH B 2 .   ? 1.456   -12.914 14.996  1.00 44.64 ? 195 HOH A O   1 
HETATM 1197 O O   . HOH B 2 .   ? -3.428  -1.709  21.587  1.00 61.32 ? 196 HOH A O   1 
HETATM 1198 O O   . HOH B 2 .   ? 22.510  -6.814  10.481  1.00 54.51 ? 197 HOH A O   1 
HETATM 1199 O O   . HOH B 2 .   ? 6.215   -10.441 10.393  1.00 53.89 ? 198 HOH A O   1 
HETATM 1200 O O   . HOH B 2 .   ? -0.888  -9.736  16.184  1.00 53.51 ? 199 HOH A O   1 
HETATM 1201 O O   . HOH B 2 .   ? -15.945 -2.872  8.506   1.00 41.56 ? 200 HOH A O   1 
# 
